data_8KA0
#
_entry.id   8KA0
#
_cell.length_a   136.222
_cell.length_b   48.931
_cell.length_c   178.603
_cell.angle_alpha   90.00
_cell.angle_beta   95.70
_cell.angle_gamma   90.00
#
_symmetry.space_group_name_H-M   'P 1 21 1'
#
loop_
_entity.id
_entity.type
_entity.pdbx_description
1 polymer 'RDTND-RID CBD'
2 polymer Calmodulin-2
3 non-polymer NICOTINAMIDE-ADENINE-DINUCLEOTIDE
4 non-polymer 'CALCIUM ION'
5 non-polymer GLYCEROL
6 water water
#
loop_
_entity_poly.entity_id
_entity_poly.type
_entity_poly.pdbx_seq_one_letter_code
_entity_poly.pdbx_strand_id
1 'polypeptide(L)'
;GEASHDSAESLVAARAEKVANLYRWLDTDNDVATDKYVPVPGFERVDVDVSDEVKQRMIQSMSGYIEHTDNQVPKDQAEA
LATLFVESTLDYDWDKRVEFLTKLESYGYSFEAPHAEKSIVSFWSGKNFKQYRDILDNAQTDGKKVVYDIDVKGNAFAID
LNKHLMRWGGLFLDPDNAEQNQLKSSIDAATFSNTGFWSSVYATGAQNDVYVIAEGGVRLGNYFWNVQLPALRQLQREGL
VGEIRLLDKPVSEYKDLPADQIGRRLTDAGVAVKVRFDALSHERQAELLADNPDGYKADTLVELDVKLSAIDSMLRESLP
FYSLRTERNLLVQEGEEGFEVRSWPGIDGKSKTILLDNPEDAAQQKSIERFILANFDNFEQMPDELFLVDNKVLSHHDGR
TRIIAQKEDGAWTYNT
;
A,C,E,G
2 'polypeptide(L)'
;GAMADQLTEEQIAEFKEAFSLFDKDGDGTITTKELGTVMRSLGQNPTEAELQDMINEVDADGNGTIDFPEFLTMMARKMK
DTDSEEEIREAFRVFDKDGNGYISAAELRHVMTNLGEKLTDEEVDQMIREADIDGDGQVNYEEFVQMMTAK
;
B,D,F,H
#
loop_
_chem_comp.id
_chem_comp.type
_chem_comp.name
_chem_comp.formula
CA non-polymer 'CALCIUM ION' 'Ca 2'
GOL non-polymer GLYCEROL 'C3 H8 O3'
NAD non-polymer NICOTINAMIDE-ADENINE-DINUCLEOTIDE 'C21 H27 N7 O14 P2'
#
# COMPACT_ATOMS: atom_id res chain seq x y z
N GLU A 9 9.96 -52.90 26.31
CA GLU A 9 10.90 -51.80 25.98
C GLU A 9 11.08 -50.88 27.19
N SER A 10 12.34 -50.54 27.52
CA SER A 10 12.69 -49.77 28.70
C SER A 10 12.35 -48.28 28.51
N LEU A 11 11.69 -47.68 29.49
CA LEU A 11 11.26 -46.28 29.44
C LEU A 11 12.46 -45.32 29.38
N VAL A 12 13.43 -45.49 30.30
CA VAL A 12 14.60 -44.61 30.40
C VAL A 12 15.50 -44.80 29.18
N ALA A 13 15.48 -46.02 28.60
CA ALA A 13 16.28 -46.33 27.42
C ALA A 13 15.80 -45.50 26.22
N ALA A 14 14.49 -45.34 26.10
CA ALA A 14 13.89 -44.57 25.00
C ALA A 14 14.13 -43.06 25.18
N ARG A 15 14.04 -42.57 26.43
CA ARG A 15 14.48 -41.23 26.81
C ARG A 15 15.94 -41.00 26.41
N ALA A 16 16.85 -41.89 26.83
CA ALA A 16 18.28 -41.77 26.56
C ALA A 16 18.53 -41.71 25.05
N GLU A 17 17.78 -42.52 24.27
CA GLU A 17 17.91 -42.57 22.82
C GLU A 17 17.57 -41.21 22.21
N LYS A 18 16.49 -40.59 22.70
CA LYS A 18 16.07 -39.27 22.27
C LYS A 18 17.15 -38.21 22.61
N VAL A 19 17.74 -38.33 23.83
CA VAL A 19 18.81 -37.43 24.29
C VAL A 19 20.04 -37.58 23.40
N ALA A 20 20.45 -38.83 23.16
CA ALA A 20 21.54 -39.16 22.22
C ALA A 20 21.39 -38.43 20.89
N ASN A 21 20.18 -38.43 20.33
CA ASN A 21 19.92 -37.83 19.02
C ASN A 21 20.07 -36.31 19.11
N LEU A 22 19.62 -35.73 20.23
CA LEU A 22 19.68 -34.30 20.48
C LEU A 22 21.13 -33.85 20.64
N TYR A 23 21.91 -34.64 21.40
CA TYR A 23 23.33 -34.39 21.65
C TYR A 23 24.11 -34.46 20.33
N ARG A 24 23.80 -35.48 19.48
CA ARG A 24 24.46 -35.67 18.17
C ARG A 24 24.09 -34.54 17.23
N TRP A 25 22.87 -34.01 17.40
CA TRP A 25 22.40 -32.87 16.61
C TRP A 25 23.09 -31.58 17.04
N LEU A 26 23.31 -31.40 18.35
CA LEU A 26 24.09 -30.26 18.87
C LEU A 26 25.56 -30.38 18.48
N ASP A 27 26.05 -31.62 18.27
CA ASP A 27 27.45 -31.89 17.94
C ASP A 27 27.67 -31.92 16.42
N THR A 28 26.65 -31.54 15.61
CA THR A 28 26.63 -31.75 14.15
C THR A 28 27.78 -30.99 13.46
N ASP A 29 28.25 -29.91 14.11
CA ASP A 29 29.27 -29.03 13.57
C ASP A 29 30.66 -29.49 14.05
N ASN A 30 30.76 -29.91 15.33
CA ASN A 30 32.03 -30.32 15.93
C ASN A 30 32.41 -31.73 15.43
N ASP A 31 31.37 -32.57 15.24
CA ASP A 31 31.49 -33.90 14.67
C ASP A 31 32.44 -34.76 15.52
N VAL A 32 32.38 -34.56 16.84
CA VAL A 32 33.30 -35.18 17.78
C VAL A 32 32.74 -36.51 18.30
N ALA A 33 31.45 -36.78 18.02
CA ALA A 33 30.76 -38.00 18.44
C ALA A 33 31.29 -39.20 17.67
N THR A 34 31.39 -40.34 18.38
CA THR A 34 31.72 -41.63 17.78
C THR A 34 30.55 -42.58 18.01
N ASP A 35 30.80 -43.88 17.84
CA ASP A 35 29.84 -44.93 18.14
C ASP A 35 29.66 -45.08 19.67
N LYS A 36 30.71 -44.76 20.43
CA LYS A 36 30.81 -45.11 21.84
C LYS A 36 30.65 -43.81 22.69
N TYR A 37 31.16 -42.69 22.17
CA TYR A 37 31.20 -41.41 22.87
C TYR A 37 30.18 -40.44 22.25
N VAL A 38 29.18 -40.02 23.05
CA VAL A 38 28.29 -38.92 22.66
C VAL A 38 28.52 -37.74 23.60
N PRO A 39 28.96 -36.57 23.07
CA PRO A 39 29.34 -35.45 23.92
C PRO A 39 28.13 -34.82 24.60
N VAL A 40 28.27 -34.46 25.89
CA VAL A 40 27.25 -33.74 26.62
C VAL A 40 27.45 -32.23 26.40
N PRO A 41 26.47 -31.51 25.83
CA PRO A 41 26.70 -30.11 25.42
C PRO A 41 27.13 -29.24 26.60
N GLY A 42 28.27 -28.55 26.46
CA GLY A 42 28.83 -27.69 27.49
C GLY A 42 29.64 -28.46 28.53
N PHE A 43 29.85 -29.75 28.30
CA PHE A 43 30.55 -30.61 29.24
C PHE A 43 31.59 -31.48 28.49
N GLU A 44 32.62 -30.81 27.93
CA GLU A 44 33.79 -31.44 27.31
C GLU A 44 34.26 -32.68 28.11
N ARG A 45 34.62 -33.75 27.39
CA ARG A 45 35.33 -34.89 27.95
C ARG A 45 36.74 -34.46 28.33
N VAL A 46 37.13 -34.80 29.58
CA VAL A 46 38.51 -34.79 30.04
C VAL A 46 38.88 -36.22 30.33
N ASP A 47 39.80 -36.77 29.51
CA ASP A 47 40.21 -38.18 29.55
C ASP A 47 40.70 -38.51 30.95
N VAL A 48 40.39 -39.74 31.40
CA VAL A 48 40.82 -40.28 32.69
C VAL A 48 42.08 -41.13 32.47
N ASP A 49 43.15 -40.84 33.23
CA ASP A 49 44.36 -41.67 33.30
C ASP A 49 44.40 -42.37 34.68
N VAL A 50 43.87 -43.61 34.76
CA VAL A 50 43.84 -44.38 36.01
C VAL A 50 44.38 -45.78 35.75
N SER A 51 45.22 -46.27 36.70
CA SER A 51 45.64 -47.67 36.79
C SER A 51 44.46 -48.51 37.27
N ASP A 52 44.50 -49.82 36.95
CA ASP A 52 43.43 -50.76 37.31
C ASP A 52 43.39 -50.93 38.83
N GLU A 53 44.54 -50.71 39.50
CA GLU A 53 44.63 -50.70 40.97
C GLU A 53 43.67 -49.64 41.54
N VAL A 54 43.82 -48.41 41.03
CA VAL A 54 43.09 -47.22 41.50
C VAL A 54 41.61 -47.40 41.19
N LYS A 55 41.30 -47.93 40.00
CA LYS A 55 39.93 -48.13 39.54
C LYS A 55 39.20 -49.09 40.47
N GLN A 56 39.85 -50.21 40.83
CA GLN A 56 39.23 -51.28 41.62
C GLN A 56 38.99 -50.83 43.07
N ARG A 57 39.72 -49.79 43.50
CA ARG A 57 39.51 -49.17 44.80
C ARG A 57 38.24 -48.32 44.75
N MET A 58 38.20 -47.37 43.78
CA MET A 58 36.99 -46.58 43.47
C MET A 58 35.77 -47.49 43.45
N ILE A 59 35.86 -48.62 42.72
CA ILE A 59 34.77 -49.58 42.56
C ILE A 59 34.32 -50.12 43.92
N GLN A 60 35.29 -50.47 44.78
CA GLN A 60 35.02 -51.16 46.05
C GLN A 60 34.45 -50.17 47.07
N SER A 61 35.02 -48.97 47.12
CA SER A 61 34.47 -47.85 47.89
C SER A 61 33.02 -47.57 47.50
N MET A 62 32.68 -47.79 46.21
CA MET A 62 31.34 -47.54 45.68
C MET A 62 30.44 -48.73 45.98
N SER A 63 31.00 -49.93 45.79
CA SER A 63 30.38 -51.17 46.25
C SER A 63 29.95 -51.01 47.70
N GLY A 64 30.87 -50.46 48.52
CA GLY A 64 30.61 -50.21 49.93
C GLY A 64 29.45 -49.25 50.17
N TYR A 65 29.46 -48.12 49.46
CA TYR A 65 28.46 -47.07 49.65
C TYR A 65 27.06 -47.66 49.45
N ILE A 66 26.89 -48.44 48.39
CA ILE A 66 25.63 -49.11 48.09
C ILE A 66 25.31 -50.09 49.21
N GLU A 67 26.26 -51.02 49.47
CA GLU A 67 26.00 -52.22 50.27
C GLU A 67 25.20 -51.84 51.52
N HIS A 68 25.74 -50.88 52.29
CA HIS A 68 25.20 -50.49 53.59
C HIS A 68 24.67 -49.05 53.51
N THR A 69 23.52 -48.90 52.81
CA THR A 69 22.77 -47.64 52.69
C THR A 69 21.34 -47.98 52.24
N ASP A 70 20.37 -47.07 52.49
CA ASP A 70 18.95 -47.28 52.19
C ASP A 70 18.65 -47.11 50.69
N ASN A 71 18.46 -48.24 49.98
CA ASN A 71 18.25 -48.25 48.52
C ASN A 71 17.70 -49.62 48.09
N GLN A 72 17.46 -49.79 46.76
CA GLN A 72 16.70 -50.94 46.25
C GLN A 72 17.58 -51.85 45.37
N VAL A 73 18.89 -51.71 45.46
CA VAL A 73 19.84 -52.51 44.69
C VAL A 73 19.95 -53.90 45.34
N PRO A 74 19.71 -55.00 44.58
CA PRO A 74 20.04 -56.34 45.09
C PRO A 74 21.53 -56.46 45.41
N LYS A 75 21.84 -56.90 46.64
CA LYS A 75 23.20 -56.85 47.18
C LYS A 75 24.13 -57.81 46.44
N ASP A 76 23.55 -58.79 45.74
CA ASP A 76 24.27 -59.60 44.74
C ASP A 76 25.05 -58.68 43.79
N GLN A 77 24.38 -57.64 43.26
CA GLN A 77 24.87 -56.83 42.14
C GLN A 77 25.54 -55.53 42.63
N ALA A 78 25.53 -55.29 43.93
CA ALA A 78 26.17 -54.10 44.52
C ALA A 78 27.50 -53.79 43.86
N GLU A 79 28.29 -54.84 43.55
CA GLU A 79 29.65 -54.69 43.02
C GLU A 79 29.60 -54.53 41.49
N ALA A 80 28.68 -55.25 40.82
CA ALA A 80 28.50 -55.18 39.36
C ALA A 80 28.00 -53.79 38.92
N LEU A 81 27.08 -53.20 39.70
CA LEU A 81 26.55 -51.86 39.45
C LEU A 81 27.65 -50.80 39.66
N ALA A 82 28.41 -50.92 40.76
CA ALA A 82 29.57 -50.07 41.01
C ALA A 82 30.51 -50.04 39.80
N THR A 83 30.87 -51.24 39.29
CA THR A 83 31.84 -51.38 38.21
C THR A 83 31.30 -50.73 36.94
N LEU A 84 30.03 -51.00 36.64
CA LEU A 84 29.31 -50.39 35.52
C LEU A 84 29.33 -48.86 35.63
N PHE A 85 28.98 -48.36 36.82
CA PHE A 85 28.83 -46.93 37.09
C PHE A 85 30.13 -46.17 36.84
N VAL A 86 31.27 -46.68 37.37
CA VAL A 86 32.53 -45.96 37.30
C VAL A 86 33.08 -46.08 35.86
N GLU A 87 32.83 -47.22 35.21
CA GLU A 87 33.34 -47.47 33.88
C GLU A 87 32.61 -46.57 32.90
N SER A 88 31.27 -46.58 32.97
CA SER A 88 30.40 -45.66 32.23
C SER A 88 30.86 -44.22 32.43
N THR A 89 31.15 -43.85 33.69
CA THR A 89 31.53 -42.50 34.04
C THR A 89 32.91 -42.18 33.46
N LEU A 90 33.93 -43.00 33.77
CA LEU A 90 35.32 -42.59 33.61
C LEU A 90 35.75 -42.77 32.16
N ASP A 91 35.10 -43.70 31.43
CA ASP A 91 35.37 -43.93 30.01
C ASP A 91 34.39 -43.14 29.11
N TYR A 92 33.47 -42.38 29.72
CA TYR A 92 32.48 -41.61 28.97
C TYR A 92 31.74 -42.54 27.99
N ASP A 93 31.40 -43.74 28.47
CA ASP A 93 30.87 -44.80 27.63
C ASP A 93 29.35 -44.67 27.59
N TRP A 94 28.83 -44.21 26.44
CA TRP A 94 27.42 -43.88 26.30
C TRP A 94 26.51 -45.09 26.53
N ASP A 95 26.81 -46.20 25.86
CA ASP A 95 26.06 -47.45 25.98
C ASP A 95 25.93 -47.83 27.46
N LYS A 96 27.07 -47.76 28.21
CA LYS A 96 27.13 -48.28 29.59
C LYS A 96 26.35 -47.33 30.52
N ARG A 97 26.44 -46.02 30.23
CA ARG A 97 25.67 -44.99 30.92
C ARG A 97 24.19 -45.34 30.89
N VAL A 98 23.68 -45.76 29.71
CA VAL A 98 22.28 -46.12 29.51
C VAL A 98 21.98 -47.42 30.27
N GLU A 99 22.93 -48.36 30.21
CA GLU A 99 22.81 -49.67 30.87
C GLU A 99 22.62 -49.43 32.36
N PHE A 100 23.45 -48.54 32.94
CA PHE A 100 23.33 -48.19 34.34
C PHE A 100 21.89 -47.83 34.64
N LEU A 101 21.34 -46.89 33.87
CA LEU A 101 20.00 -46.36 34.12
C LEU A 101 18.95 -47.46 33.98
N THR A 102 19.08 -48.27 32.93
CA THR A 102 18.22 -49.44 32.70
C THR A 102 18.20 -50.37 33.94
N LYS A 103 19.37 -50.60 34.56
CA LYS A 103 19.50 -51.50 35.71
C LYS A 103 18.78 -50.93 36.94
N LEU A 104 18.89 -49.61 37.14
CA LEU A 104 18.19 -48.94 38.24
C LEU A 104 16.69 -49.10 38.03
N GLU A 105 16.26 -49.03 36.78
CA GLU A 105 14.85 -49.20 36.40
C GLU A 105 14.38 -50.61 36.78
N SER A 106 15.28 -51.61 36.64
CA SER A 106 14.96 -53.02 36.85
C SER A 106 14.85 -53.38 38.34
N TYR A 107 15.27 -52.45 39.22
CA TYR A 107 15.17 -52.60 40.67
C TYR A 107 13.95 -51.85 41.23
N GLY A 108 13.22 -51.16 40.35
CA GLY A 108 11.96 -50.51 40.70
C GLY A 108 12.09 -48.98 40.88
N TYR A 109 13.27 -48.43 40.53
CA TYR A 109 13.48 -46.98 40.46
C TYR A 109 12.82 -46.40 39.19
N SER A 110 11.90 -45.46 39.35
CA SER A 110 11.25 -44.77 38.24
C SER A 110 12.04 -43.50 37.82
N PHE A 111 12.14 -43.29 36.49
CA PHE A 111 12.70 -42.08 35.90
C PHE A 111 11.58 -41.22 35.31
N GLU A 112 10.34 -41.54 35.70
CA GLU A 112 9.15 -40.81 35.30
C GLU A 112 8.69 -39.89 36.43
N ALA A 113 7.97 -38.83 36.07
CA ALA A 113 7.38 -37.90 37.02
C ALA A 113 6.32 -38.60 37.88
N PRO A 114 6.30 -38.37 39.20
CA PRO A 114 5.52 -39.20 40.12
C PRO A 114 3.99 -39.09 39.98
N HIS A 115 3.51 -37.96 39.45
CA HIS A 115 2.06 -37.71 39.34
C HIS A 115 1.53 -38.01 37.93
N ALA A 116 2.37 -38.67 37.11
CA ALA A 116 2.01 -39.08 35.74
C ALA A 116 1.62 -37.88 34.85
N GLU A 117 0.41 -37.95 34.25
CA GLU A 117 -0.11 -36.97 33.29
C GLU A 117 -0.53 -35.66 33.97
N LYS A 118 -0.54 -35.63 35.30
CA LYS A 118 -0.88 -34.45 36.08
C LYS A 118 0.38 -33.80 36.66
N SER A 119 1.55 -34.36 36.33
CA SER A 119 2.83 -33.74 36.63
C SER A 119 3.08 -32.57 35.68
N ILE A 120 3.42 -31.41 36.24
CA ILE A 120 4.03 -30.30 35.51
C ILE A 120 5.54 -30.36 35.71
N VAL A 121 6.23 -31.10 34.82
CA VAL A 121 7.68 -31.26 34.81
C VAL A 121 8.29 -29.87 34.71
N SER A 122 9.03 -29.48 35.75
CA SER A 122 9.50 -28.12 35.99
C SER A 122 10.99 -28.16 36.31
N PHE A 123 11.60 -26.97 36.32
CA PHE A 123 13.05 -26.83 36.34
C PHE A 123 13.42 -25.68 37.28
N TRP A 124 14.64 -25.70 37.77
CA TRP A 124 15.12 -24.71 38.73
C TRP A 124 16.57 -24.31 38.40
N SER A 125 16.92 -23.08 38.78
CA SER A 125 18.32 -22.68 39.02
C SER A 125 18.32 -21.82 40.29
N GLY A 126 19.39 -21.97 41.14
CA GLY A 126 19.47 -21.28 42.43
C GLY A 126 18.83 -22.06 43.57
N LYS A 127 18.89 -21.51 44.80
CA LYS A 127 18.70 -22.27 46.05
C LYS A 127 17.28 -22.12 46.63
N ASN A 128 16.47 -21.19 46.11
CA ASN A 128 15.20 -20.81 46.74
C ASN A 128 13.99 -21.46 46.06
N PHE A 129 14.23 -22.40 45.13
CA PHE A 129 13.22 -22.82 44.14
C PHE A 129 12.07 -23.63 44.79
N LYS A 130 12.32 -24.26 45.95
CA LYS A 130 11.31 -25.05 46.65
C LYS A 130 10.11 -24.17 47.09
N GLN A 131 10.34 -22.87 47.34
CA GLN A 131 9.29 -22.01 47.91
C GLN A 131 8.37 -21.46 46.82
N TYR A 132 8.54 -21.95 45.58
CA TYR A 132 7.70 -21.60 44.44
C TYR A 132 6.64 -22.68 44.22
N ARG A 133 6.88 -23.89 44.76
CA ARG A 133 6.08 -25.08 44.51
C ARG A 133 4.61 -24.82 44.88
N ASP A 134 4.38 -24.19 46.06
CA ASP A 134 3.05 -24.14 46.65
C ASP A 134 2.20 -23.11 45.88
N ILE A 135 2.75 -21.92 45.63
CA ILE A 135 2.06 -20.89 44.84
C ILE A 135 1.66 -21.46 43.45
N LEU A 136 2.50 -22.31 42.86
CA LEU A 136 2.30 -22.86 41.51
C LEU A 136 1.19 -23.94 41.54
N ASP A 137 1.26 -24.86 42.50
CA ASP A 137 0.28 -25.94 42.63
C ASP A 137 -1.13 -25.39 42.86
N ASN A 138 -1.24 -24.28 43.62
CA ASN A 138 -2.52 -23.68 43.98
C ASN A 138 -3.09 -22.84 42.83
N ALA A 139 -2.25 -22.49 41.83
CA ALA A 139 -2.69 -21.76 40.66
C ALA A 139 -3.36 -22.71 39.65
N GLN A 140 -3.15 -24.02 39.83
CA GLN A 140 -3.66 -25.04 38.90
C GLN A 140 -5.11 -25.37 39.25
N THR A 141 -5.90 -25.75 38.23
CA THR A 141 -7.35 -25.94 38.37
C THR A 141 -7.72 -27.42 38.46
N ASP A 142 -6.85 -28.27 37.90
CA ASP A 142 -7.18 -29.65 37.56
C ASP A 142 -6.41 -30.63 38.44
N GLY A 143 -5.79 -30.13 39.53
CA GLY A 143 -4.99 -30.95 40.44
C GLY A 143 -3.61 -31.31 39.87
N LYS A 144 -3.16 -30.56 38.87
CA LYS A 144 -1.81 -30.70 38.34
C LYS A 144 -0.83 -30.25 39.42
N LYS A 145 0.28 -30.98 39.57
CA LYS A 145 1.30 -30.72 40.58
C LYS A 145 2.66 -30.57 39.91
N VAL A 146 3.44 -29.58 40.38
CA VAL A 146 4.81 -29.31 39.95
C VAL A 146 5.69 -30.45 40.45
N VAL A 147 6.55 -31.00 39.57
CA VAL A 147 7.62 -31.89 39.98
C VAL A 147 8.96 -31.23 39.61
N TYR A 148 10.00 -31.50 40.43
CA TYR A 148 11.39 -31.25 40.10
C TYR A 148 12.09 -32.60 40.03
N ASP A 149 13.29 -32.64 39.42
CA ASP A 149 13.99 -33.89 39.22
C ASP A 149 14.37 -34.50 40.58
N ILE A 150 14.50 -33.63 41.60
CA ILE A 150 14.81 -34.03 42.98
C ILE A 150 13.69 -34.91 43.56
N ASP A 151 12.51 -34.85 42.94
CA ASP A 151 11.32 -35.58 43.35
C ASP A 151 11.30 -36.97 42.72
N VAL A 152 12.13 -37.24 41.71
CA VAL A 152 12.10 -38.51 40.99
C VAL A 152 13.35 -39.31 41.37
N LYS A 153 13.11 -40.58 41.80
CA LYS A 153 13.98 -41.35 42.69
C LYS A 153 15.14 -41.97 41.93
N GLY A 154 14.87 -42.41 40.70
CA GLY A 154 15.92 -42.82 39.77
C GLY A 154 17.02 -41.75 39.61
N ASN A 155 16.63 -40.51 39.30
CA ASN A 155 17.57 -39.42 39.14
C ASN A 155 18.29 -39.22 40.46
N ALA A 156 17.52 -39.30 41.56
CA ALA A 156 18.02 -38.97 42.90
C ALA A 156 19.08 -39.97 43.35
N PHE A 157 18.86 -41.26 43.05
CA PHE A 157 19.80 -42.31 43.41
C PHE A 157 21.10 -42.14 42.62
N ALA A 158 20.97 -41.94 41.31
CA ALA A 158 22.11 -41.76 40.41
C ALA A 158 22.95 -40.56 40.84
N ILE A 159 22.29 -39.42 41.13
CA ILE A 159 22.97 -38.22 41.56
C ILE A 159 23.68 -38.49 42.90
N ASP A 160 23.18 -39.45 43.66
CA ASP A 160 23.78 -39.85 44.94
C ASP A 160 25.12 -40.55 44.68
N LEU A 161 25.11 -41.63 43.88
CA LEU A 161 26.35 -42.35 43.51
C LEU A 161 27.36 -41.38 42.90
N ASN A 162 26.87 -40.38 42.17
CA ASN A 162 27.68 -39.44 41.40
C ASN A 162 28.45 -38.48 42.34
N LYS A 163 27.85 -38.12 43.48
CA LYS A 163 28.48 -37.28 44.50
C LYS A 163 29.57 -38.06 45.23
N HIS A 164 29.35 -39.38 45.38
CA HIS A 164 30.26 -40.29 46.08
C HIS A 164 31.61 -40.31 45.37
N LEU A 165 31.58 -40.61 44.07
CA LEU A 165 32.79 -40.73 43.27
C LEU A 165 33.51 -39.40 43.20
N MET A 166 32.73 -38.32 43.19
CA MET A 166 33.26 -36.96 43.15
C MET A 166 34.06 -36.68 44.42
N ARG A 167 33.54 -37.16 45.57
CA ARG A 167 34.09 -36.90 46.89
C ARG A 167 35.30 -37.80 47.14
N TRP A 168 35.22 -39.04 46.62
CA TRP A 168 36.25 -40.07 46.78
C TRP A 168 37.58 -39.57 46.23
N GLY A 169 37.52 -38.80 45.14
CA GLY A 169 38.68 -38.14 44.56
C GLY A 169 39.26 -37.05 45.47
N GLY A 170 38.41 -36.48 46.33
CA GLY A 170 38.83 -35.50 47.34
C GLY A 170 39.57 -36.11 48.53
N LEU A 171 39.31 -37.41 48.81
CA LEU A 171 39.77 -38.09 50.01
C LEU A 171 41.02 -38.94 49.74
N PHE A 172 40.97 -39.77 48.68
CA PHE A 172 41.94 -40.83 48.44
C PHE A 172 43.06 -40.35 47.54
N LEU A 173 42.93 -39.14 46.98
CA LEU A 173 43.98 -38.55 46.15
C LEU A 173 44.68 -37.42 46.91
N ASP A 174 45.99 -37.58 47.12
CA ASP A 174 46.89 -36.50 47.51
C ASP A 174 46.98 -35.52 46.34
N PRO A 175 46.66 -34.22 46.52
CA PRO A 175 46.73 -33.23 45.44
C PRO A 175 48.14 -32.71 45.17
N ASP A 176 49.11 -33.12 46.03
CA ASP A 176 50.51 -32.73 45.90
C ASP A 176 51.25 -33.64 44.90
N ASN A 177 50.60 -34.76 44.52
CA ASN A 177 50.99 -35.53 43.35
C ASN A 177 50.34 -34.90 42.11
N ALA A 178 51.14 -34.68 41.05
CA ALA A 178 50.71 -33.97 39.84
C ALA A 178 49.62 -34.74 39.11
N GLU A 179 49.81 -36.07 38.96
CA GLU A 179 48.88 -36.97 38.28
C GLU A 179 47.55 -37.03 39.02
N GLN A 180 47.61 -37.44 40.30
CA GLN A 180 46.43 -37.65 41.13
C GLN A 180 45.62 -36.34 41.26
N ASN A 181 46.29 -35.21 41.04
CA ASN A 181 45.64 -33.89 40.98
C ASN A 181 44.86 -33.78 39.66
N GLN A 182 45.55 -33.97 38.53
CA GLN A 182 44.93 -34.07 37.21
C GLN A 182 43.76 -35.04 37.26
N LEU A 183 43.96 -36.19 37.93
CA LEU A 183 42.96 -37.24 38.02
C LEU A 183 41.67 -36.71 38.66
N LYS A 184 41.79 -35.94 39.75
CA LYS A 184 40.64 -35.45 40.52
C LYS A 184 39.78 -34.54 39.63
N SER A 185 40.47 -33.79 38.75
CA SER A 185 39.81 -32.93 37.76
C SER A 185 39.01 -33.75 36.75
N SER A 186 39.63 -34.86 36.28
CA SER A 186 38.99 -35.81 35.37
C SER A 186 37.68 -36.34 35.94
N ILE A 187 37.74 -37.00 37.10
CA ILE A 187 36.56 -37.42 37.86
C ILE A 187 35.48 -36.33 37.79
N ASP A 188 35.82 -35.11 38.21
CA ASP A 188 34.89 -34.00 38.30
C ASP A 188 34.17 -33.78 36.96
N ALA A 189 34.96 -33.62 35.88
CA ALA A 189 34.46 -33.43 34.53
C ALA A 189 33.48 -34.55 34.14
N ALA A 190 33.91 -35.81 34.34
CA ALA A 190 33.13 -36.99 33.99
C ALA A 190 31.86 -37.01 34.83
N THR A 191 32.03 -36.60 36.08
CA THR A 191 30.97 -36.50 37.07
C THR A 191 29.93 -35.48 36.61
N PHE A 192 30.40 -34.33 36.09
CA PHE A 192 29.51 -33.27 35.61
C PHE A 192 28.76 -33.75 34.36
N SER A 193 29.46 -34.49 33.51
CA SER A 193 28.88 -34.98 32.26
C SER A 193 27.71 -35.92 32.57
N ASN A 194 27.83 -36.73 33.64
CA ASN A 194 26.71 -37.54 34.15
C ASN A 194 25.50 -36.66 34.47
N THR A 195 25.71 -35.63 35.31
CA THR A 195 24.62 -34.79 35.82
C THR A 195 23.90 -34.16 34.64
N GLY A 196 24.68 -33.73 33.63
CA GLY A 196 24.15 -33.20 32.41
C GLY A 196 23.24 -34.20 31.67
N PHE A 197 23.77 -35.40 31.43
CA PHE A 197 23.05 -36.50 30.78
C PHE A 197 21.69 -36.72 31.46
N TRP A 198 21.72 -36.94 32.78
CA TRP A 198 20.53 -37.27 33.56
C TRP A 198 19.55 -36.09 33.59
N SER A 199 20.09 -34.87 33.52
CA SER A 199 19.27 -33.66 33.45
C SER A 199 18.45 -33.66 32.17
N SER A 200 19.11 -33.94 31.04
CA SER A 200 18.45 -34.02 29.74
C SER A 200 17.40 -35.13 29.70
N VAL A 201 17.70 -36.27 30.36
CA VAL A 201 16.82 -37.45 30.43
C VAL A 201 15.51 -37.08 31.15
N TYR A 202 15.63 -36.31 32.24
CA TYR A 202 14.50 -35.75 32.96
C TYR A 202 13.73 -34.78 32.05
N ALA A 203 14.44 -33.78 31.50
CA ALA A 203 13.84 -32.73 30.65
C ALA A 203 13.00 -33.33 29.52
N THR A 204 13.46 -34.46 28.96
CA THR A 204 12.89 -35.09 27.77
C THR A 204 11.48 -35.60 28.02
N GLY A 205 11.12 -35.74 29.31
CA GLY A 205 9.84 -36.31 29.72
C GLY A 205 8.77 -35.25 29.91
N ALA A 206 9.14 -33.97 29.69
CA ALA A 206 8.27 -32.84 29.93
C ALA A 206 7.10 -32.85 28.93
N GLN A 207 5.94 -32.31 29.39
CA GLN A 207 4.69 -32.29 28.64
C GLN A 207 3.94 -31.00 28.92
N ASN A 208 3.14 -30.51 27.93
CA ASN A 208 2.25 -29.35 28.09
C ASN A 208 3.08 -28.14 28.45
N ASP A 209 2.54 -27.22 29.26
CA ASP A 209 3.27 -26.06 29.79
C ASP A 209 4.19 -26.50 30.94
N VAL A 210 5.32 -25.80 31.11
CA VAL A 210 6.35 -26.13 32.11
C VAL A 210 6.81 -24.84 32.79
N TYR A 211 7.33 -24.98 34.01
CA TYR A 211 7.82 -23.84 34.79
C TYR A 211 9.32 -23.97 34.95
N VAL A 212 10.01 -22.83 34.92
CA VAL A 212 11.45 -22.73 35.18
C VAL A 212 11.62 -21.63 36.24
N ILE A 213 12.10 -22.04 37.43
CA ILE A 213 12.40 -21.10 38.51
C ILE A 213 13.83 -20.61 38.34
N ALA A 214 13.95 -19.32 37.99
CA ALA A 214 15.22 -18.63 37.82
C ALA A 214 15.11 -17.22 38.41
N GLU A 215 15.09 -17.14 39.74
CA GLU A 215 14.89 -15.88 40.45
C GLU A 215 16.06 -14.97 40.14
N GLY A 216 15.77 -13.75 39.65
CA GLY A 216 16.78 -12.75 39.36
C GLY A 216 17.37 -12.91 37.95
N GLY A 217 16.91 -13.95 37.19
CA GLY A 217 17.05 -14.01 35.75
C GLY A 217 17.67 -15.32 35.22
N VAL A 218 17.68 -15.47 33.88
CA VAL A 218 18.25 -16.60 33.19
C VAL A 218 19.74 -16.68 33.47
N ARG A 219 20.26 -17.89 33.72
CA ARG A 219 21.69 -18.12 33.95
C ARG A 219 22.27 -18.79 32.68
N LEU A 220 23.40 -18.25 32.18
CA LEU A 220 24.15 -18.83 31.05
C LEU A 220 25.22 -19.72 31.63
N GLY A 221 25.47 -20.87 30.98
CA GLY A 221 26.61 -21.73 31.28
C GLY A 221 26.33 -22.80 32.33
N ASN A 222 25.07 -22.92 32.79
CA ASN A 222 24.69 -23.88 33.83
C ASN A 222 23.87 -25.02 33.19
N TYR A 223 23.36 -25.94 34.05
CA TYR A 223 22.79 -27.19 33.57
C TYR A 223 21.55 -26.87 32.75
N PHE A 224 20.67 -26.03 33.27
CA PHE A 224 19.46 -25.68 32.54
C PHE A 224 19.82 -25.16 31.13
N TRP A 225 20.74 -24.22 31.06
CA TRP A 225 21.14 -23.62 29.80
C TRP A 225 21.76 -24.67 28.87
N ASN A 226 22.64 -25.53 29.42
CA ASN A 226 23.48 -26.44 28.64
C ASN A 226 22.64 -27.61 28.08
N VAL A 227 21.84 -28.27 28.94
CA VAL A 227 21.38 -29.64 28.67
C VAL A 227 19.83 -29.75 28.75
N GLN A 228 19.15 -28.80 29.41
CA GLN A 228 17.70 -28.94 29.65
C GLN A 228 16.91 -28.11 28.64
N LEU A 229 17.33 -26.85 28.42
CA LEU A 229 16.59 -25.95 27.55
C LEU A 229 16.60 -26.50 26.11
N PRO A 230 17.75 -26.98 25.58
CA PRO A 230 17.79 -27.55 24.24
C PRO A 230 16.80 -28.69 24.05
N ALA A 231 16.65 -29.51 25.07
CA ALA A 231 15.73 -30.64 25.08
C ALA A 231 14.25 -30.15 25.08
N LEU A 232 13.99 -29.06 25.81
CA LEU A 232 12.65 -28.44 25.89
C LEU A 232 12.26 -27.86 24.51
N ARG A 233 13.24 -27.20 23.87
CA ARG A 233 13.03 -26.62 22.52
C ARG A 233 12.67 -27.72 21.53
N GLN A 234 13.37 -28.86 21.60
CA GLN A 234 13.05 -30.05 20.78
C GLN A 234 11.60 -30.48 20.98
N LEU A 235 11.16 -30.65 22.24
CA LEU A 235 9.81 -31.09 22.56
C LEU A 235 8.73 -30.10 22.07
N GLN A 236 9.00 -28.78 22.13
CA GLN A 236 8.10 -27.74 21.59
C GLN A 236 7.87 -28.00 20.09
N ARG A 237 8.97 -28.33 19.40
CA ARG A 237 9.01 -28.44 17.95
C ARG A 237 8.32 -29.72 17.51
N GLU A 238 8.19 -30.71 18.44
CA GLU A 238 7.44 -31.95 18.19
C GLU A 238 5.98 -31.80 18.65
N GLY A 239 5.65 -30.66 19.26
CA GLY A 239 4.31 -30.38 19.71
C GLY A 239 3.96 -30.99 21.08
N LEU A 240 4.97 -31.43 21.85
CA LEU A 240 4.76 -32.18 23.10
C LEU A 240 4.74 -31.21 24.31
N VAL A 241 5.52 -30.12 24.21
CA VAL A 241 5.57 -29.10 25.24
C VAL A 241 4.88 -27.89 24.61
N GLY A 242 4.19 -27.09 25.43
CA GLY A 242 3.64 -25.83 25.00
C GLY A 242 4.54 -24.64 25.27
N GLU A 243 4.21 -23.91 26.33
CA GLU A 243 4.92 -22.72 26.77
C GLU A 243 5.96 -23.06 27.87
N ILE A 244 7.19 -22.53 27.72
CA ILE A 244 8.21 -22.56 28.78
C ILE A 244 8.10 -21.25 29.55
N ARG A 245 7.55 -21.35 30.77
CA ARG A 245 7.27 -20.21 31.62
C ARG A 245 8.40 -20.00 32.62
N LEU A 246 9.19 -18.95 32.41
CA LEU A 246 10.27 -18.57 33.33
C LEU A 246 9.70 -17.66 34.42
N LEU A 247 10.08 -17.96 35.67
CA LEU A 247 9.78 -17.15 36.86
C LEU A 247 11.10 -16.55 37.38
N ASP A 248 11.28 -15.23 37.15
CA ASP A 248 12.53 -14.56 37.49
C ASP A 248 12.30 -13.54 38.61
N LYS A 249 11.04 -13.42 39.04
CA LYS A 249 10.60 -12.43 40.01
C LYS A 249 10.32 -13.10 41.34
N PRO A 250 10.29 -12.36 42.46
CA PRO A 250 9.96 -12.95 43.76
C PRO A 250 8.58 -13.63 43.75
N VAL A 251 8.45 -14.64 44.61
CA VAL A 251 7.22 -15.46 44.72
C VAL A 251 5.98 -14.57 44.77
N SER A 252 6.07 -13.44 45.49
CA SER A 252 4.92 -12.58 45.80
C SER A 252 4.31 -11.95 44.54
N GLU A 253 5.02 -12.05 43.42
CA GLU A 253 4.65 -11.31 42.21
C GLU A 253 3.72 -12.16 41.37
N TYR A 254 3.50 -13.41 41.80
CA TYR A 254 2.73 -14.39 41.05
C TYR A 254 1.38 -14.67 41.71
N LYS A 255 1.04 -13.90 42.77
CA LYS A 255 -0.23 -14.06 43.48
C LYS A 255 -1.38 -13.62 42.55
N ASP A 256 -2.54 -14.29 42.69
CA ASP A 256 -3.80 -13.89 42.07
C ASP A 256 -3.66 -13.84 40.55
N LEU A 257 -2.92 -14.83 39.99
CA LEU A 257 -2.86 -15.06 38.55
C LEU A 257 -3.21 -16.53 38.29
N PRO A 258 -4.00 -16.84 37.23
CA PRO A 258 -4.18 -18.22 36.79
C PRO A 258 -2.90 -18.81 36.20
N ALA A 259 -2.81 -20.14 36.13
CA ALA A 259 -1.60 -20.87 35.74
C ALA A 259 -1.03 -20.36 34.40
N ASP A 260 -1.90 -19.82 33.53
CA ASP A 260 -1.57 -19.38 32.16
C ASP A 260 -0.83 -18.06 32.10
N GLN A 261 -0.86 -17.27 33.21
CA GLN A 261 -0.33 -15.90 33.26
C GLN A 261 0.84 -15.80 34.25
N ILE A 262 1.28 -16.94 34.79
CA ILE A 262 2.45 -17.00 35.67
C ILE A 262 3.70 -17.23 34.82
N GLY A 263 4.70 -16.40 35.03
CA GLY A 263 5.96 -16.46 34.32
C GLY A 263 5.85 -15.82 32.93
N ARG A 264 7.00 -15.73 32.24
CA ARG A 264 7.02 -15.26 30.87
C ARG A 264 8.08 -16.03 30.08
N ARG A 265 8.20 -15.74 28.78
CA ARG A 265 9.20 -16.35 27.88
C ARG A 265 10.59 -15.80 28.22
N LEU A 266 11.60 -16.65 28.19
CA LEU A 266 12.94 -16.26 28.64
C LEU A 266 13.60 -15.37 27.59
N THR A 267 12.91 -15.16 26.45
CA THR A 267 13.30 -14.21 25.39
C THR A 267 12.36 -12.98 25.36
N ASP A 268 11.45 -12.83 26.34
CA ASP A 268 10.69 -11.59 26.52
C ASP A 268 11.64 -10.49 26.99
N ALA A 269 11.33 -9.26 26.56
CA ALA A 269 12.05 -8.06 27.00
C ALA A 269 11.88 -7.90 28.52
N GLY A 270 12.97 -7.52 29.21
CA GLY A 270 12.96 -7.23 30.63
C GLY A 270 13.35 -8.44 31.50
N VAL A 271 13.72 -9.58 30.88
CA VAL A 271 14.26 -10.73 31.62
C VAL A 271 15.74 -10.46 31.88
N ALA A 272 16.14 -10.56 33.16
CA ALA A 272 17.53 -10.35 33.57
C ALA A 272 18.40 -11.55 33.19
N VAL A 273 19.72 -11.35 33.18
CA VAL A 273 20.66 -12.32 32.66
C VAL A 273 21.84 -12.42 33.62
N LYS A 274 21.91 -13.52 34.37
CA LYS A 274 23.06 -13.85 35.21
C LYS A 274 23.94 -14.87 34.49
N VAL A 275 25.25 -14.79 34.71
CA VAL A 275 26.22 -15.72 34.13
C VAL A 275 27.20 -16.15 35.21
N ARG A 276 27.58 -17.44 35.19
CA ARG A 276 28.69 -17.92 36.00
C ARG A 276 29.93 -17.14 35.57
N PHE A 277 30.82 -16.84 36.54
CA PHE A 277 32.11 -16.21 36.27
C PHE A 277 32.87 -17.00 35.20
N ASP A 278 32.83 -18.35 35.31
CA ASP A 278 33.64 -19.26 34.49
C ASP A 278 33.04 -19.42 33.08
N ALA A 279 32.04 -18.57 32.76
CA ALA A 279 31.35 -18.53 31.47
C ALA A 279 31.35 -17.11 30.88
N LEU A 280 31.88 -16.13 31.64
CA LEU A 280 32.02 -14.75 31.21
C LEU A 280 33.16 -14.62 30.19
N SER A 281 33.13 -13.54 29.40
CA SER A 281 34.23 -13.16 28.51
C SER A 281 35.43 -12.71 29.33
N HIS A 282 36.64 -12.80 28.73
CA HIS A 282 37.88 -12.26 29.32
C HIS A 282 37.71 -10.78 29.64
N GLU A 283 37.12 -10.03 28.70
CA GLU A 283 36.84 -8.60 28.85
C GLU A 283 36.12 -8.33 30.17
N ARG A 284 35.07 -9.12 30.48
CA ARG A 284 34.18 -8.91 31.63
C ARG A 284 34.79 -9.50 32.92
N GLN A 285 35.58 -10.56 32.76
CA GLN A 285 36.37 -11.16 33.85
C GLN A 285 37.33 -10.10 34.44
N ALA A 286 38.21 -9.56 33.58
CA ALA A 286 39.17 -8.51 33.93
C ALA A 286 38.48 -7.36 34.67
N GLU A 287 37.41 -6.80 34.07
CA GLU A 287 36.68 -5.67 34.63
C GLU A 287 36.33 -5.90 36.11
N LEU A 288 35.81 -7.11 36.41
CA LEU A 288 35.26 -7.44 37.73
C LEU A 288 36.40 -7.74 38.72
N LEU A 289 37.52 -8.35 38.23
CA LEU A 289 38.67 -8.71 39.07
C LEU A 289 39.51 -7.48 39.42
N ALA A 290 39.32 -6.39 38.66
CA ALA A 290 39.98 -5.11 38.91
C ALA A 290 39.49 -4.50 40.23
N ASP A 291 38.16 -4.50 40.44
CA ASP A 291 37.51 -3.91 41.61
C ASP A 291 37.56 -4.87 42.82
N ASN A 292 37.39 -6.17 42.53
CA ASN A 292 37.32 -7.23 43.53
C ASN A 292 38.13 -8.43 43.05
N PRO A 293 39.45 -8.51 43.35
CA PRO A 293 40.26 -9.63 42.90
C PRO A 293 39.95 -11.01 43.51
N ASP A 294 39.16 -11.07 44.59
CA ASP A 294 39.07 -12.29 45.42
C ASP A 294 37.63 -12.86 45.49
N GLY A 295 36.61 -12.02 45.18
CA GLY A 295 35.21 -12.39 45.38
C GLY A 295 34.53 -12.96 44.12
N TYR A 296 35.30 -13.75 43.34
CA TYR A 296 34.81 -14.37 42.10
C TYR A 296 35.27 -15.81 42.03
N LYS A 297 34.44 -16.70 42.59
CA LYS A 297 34.56 -18.15 42.47
C LYS A 297 33.93 -18.57 41.13
N ALA A 298 34.07 -19.87 40.80
CA ALA A 298 33.64 -20.40 39.50
C ALA A 298 32.13 -20.17 39.30
N ASP A 299 31.35 -20.36 40.37
CA ASP A 299 29.89 -20.42 40.31
C ASP A 299 29.28 -19.06 40.64
N THR A 300 30.13 -18.08 40.96
CA THR A 300 29.67 -16.73 41.31
C THR A 300 28.82 -16.20 40.15
N LEU A 301 27.55 -15.87 40.42
CA LEU A 301 26.63 -15.39 39.39
C LEU A 301 26.79 -13.88 39.24
N VAL A 302 27.19 -13.46 38.02
CA VAL A 302 27.40 -12.05 37.69
C VAL A 302 26.27 -11.56 36.79
N GLU A 303 25.52 -10.55 37.25
CA GLU A 303 24.45 -9.94 36.46
C GLU A 303 25.09 -9.14 35.30
N LEU A 304 24.52 -9.28 34.08
CA LEU A 304 25.01 -8.61 32.87
C LEU A 304 23.91 -7.71 32.29
N ASP A 305 24.31 -6.53 31.81
CA ASP A 305 23.41 -5.58 31.14
C ASP A 305 23.30 -5.97 29.66
N VAL A 306 22.55 -7.06 29.37
CA VAL A 306 22.38 -7.59 28.03
C VAL A 306 20.94 -8.06 27.85
N LYS A 307 20.41 -7.90 26.62
CA LYS A 307 19.04 -8.27 26.32
C LYS A 307 19.05 -9.49 25.40
N LEU A 308 18.90 -10.70 25.99
CA LEU A 308 18.74 -11.93 25.22
C LEU A 308 17.58 -11.82 24.25
N SER A 309 16.63 -10.92 24.58
CA SER A 309 15.44 -10.67 23.76
C SER A 309 15.78 -10.14 22.37
N ALA A 310 16.98 -9.55 22.20
CA ALA A 310 17.43 -8.99 20.94
C ALA A 310 17.47 -10.06 19.84
N ILE A 311 17.88 -11.30 20.20
CA ILE A 311 18.01 -12.40 19.26
C ILE A 311 16.64 -12.67 18.61
N ASP A 312 15.57 -12.53 19.41
CA ASP A 312 14.23 -12.85 18.93
C ASP A 312 13.70 -11.70 18.06
N SER A 313 14.15 -10.46 18.38
CA SER A 313 13.90 -9.28 17.53
C SER A 313 14.54 -9.52 16.15
N MET A 314 15.78 -10.00 16.15
CA MET A 314 16.51 -10.29 14.90
C MET A 314 15.67 -11.23 14.04
N LEU A 315 15.17 -12.31 14.65
CA LEU A 315 14.42 -13.34 13.93
C LEU A 315 13.11 -12.75 13.42
N ARG A 316 12.46 -11.94 14.27
CA ARG A 316 11.25 -11.20 13.90
C ARG A 316 11.43 -10.51 12.56
N GLU A 317 12.63 -9.97 12.30
CA GLU A 317 12.92 -9.14 11.13
C GLU A 317 13.53 -9.99 9.99
N SER A 318 14.14 -11.13 10.31
CA SER A 318 14.85 -11.98 9.36
C SER A 318 13.92 -12.98 8.67
N LEU A 319 12.94 -13.54 9.39
CA LEU A 319 12.14 -14.64 8.88
C LEU A 319 10.71 -14.16 8.65
N PRO A 320 10.15 -14.32 7.44
CA PRO A 320 8.79 -13.86 7.17
C PRO A 320 7.74 -14.53 8.08
N PHE A 321 6.91 -13.70 8.71
CA PHE A 321 5.77 -14.12 9.54
C PHE A 321 6.21 -14.80 10.85
N TYR A 322 7.43 -14.53 11.32
CA TYR A 322 7.93 -15.09 12.57
C TYR A 322 7.03 -14.60 13.73
N SER A 323 6.75 -13.29 13.75
CA SER A 323 5.97 -12.64 14.81
C SER A 323 4.62 -13.35 14.99
N LEU A 324 4.11 -14.00 13.94
CA LEU A 324 2.83 -14.70 14.00
C LEU A 324 2.95 -16.01 14.77
N ARG A 325 4.20 -16.52 14.87
CA ARG A 325 4.52 -17.67 15.71
C ARG A 325 4.49 -17.25 17.18
N THR A 326 5.27 -16.22 17.52
CA THR A 326 5.45 -15.75 18.89
C THR A 326 4.10 -15.26 19.44
N GLU A 327 3.28 -14.61 18.59
CA GLU A 327 2.14 -13.81 19.02
C GLU A 327 0.83 -14.63 18.99
N ARG A 328 0.69 -15.57 18.02
CA ARG A 328 -0.59 -16.22 17.75
C ARG A 328 -0.42 -17.74 17.59
N ASN A 329 0.81 -18.24 17.72
CA ASN A 329 1.11 -19.66 17.58
C ASN A 329 0.71 -20.15 16.18
N LEU A 330 1.01 -19.33 15.15
CA LEU A 330 0.74 -19.68 13.74
C LEU A 330 2.07 -19.82 12.98
N LEU A 331 2.20 -20.92 12.22
CA LEU A 331 3.33 -21.15 11.35
C LEU A 331 2.90 -20.91 9.92
N VAL A 332 3.44 -19.83 9.30
CA VAL A 332 3.15 -19.45 7.92
C VAL A 332 4.39 -19.69 7.08
N GLN A 333 4.28 -20.62 6.10
CA GLN A 333 5.41 -21.11 5.30
C GLN A 333 5.09 -20.98 3.80
N GLU A 334 6.14 -20.77 2.98
CA GLU A 334 6.07 -20.86 1.51
C GLU A 334 5.33 -22.15 1.10
N GLY A 335 4.39 -22.02 0.16
CA GLY A 335 3.57 -23.15 -0.29
C GLY A 335 3.61 -23.28 -1.80
N GLU A 336 3.00 -24.37 -2.32
CA GLU A 336 2.95 -24.68 -3.76
C GLU A 336 2.34 -23.51 -4.53
N GLU A 337 1.22 -22.95 -4.02
CA GLU A 337 0.59 -21.74 -4.55
C GLU A 337 0.42 -20.71 -3.42
N GLY A 338 1.50 -19.99 -3.13
CA GLY A 338 1.52 -18.97 -2.06
C GLY A 338 1.80 -19.59 -0.70
N PHE A 339 1.16 -19.03 0.35
CA PHE A 339 1.53 -19.27 1.74
C PHE A 339 0.54 -20.23 2.40
N GLU A 340 1.07 -21.17 3.21
CA GLU A 340 0.25 -22.09 4.03
C GLU A 340 0.33 -21.64 5.49
N VAL A 341 -0.82 -21.70 6.20
CA VAL A 341 -0.91 -21.40 7.64
C VAL A 341 -1.21 -22.67 8.40
N ARG A 342 -0.52 -22.88 9.53
CA ARG A 342 -0.77 -24.03 10.40
C ARG A 342 -0.68 -23.56 11.85
N SER A 343 -1.31 -24.31 12.78
CA SER A 343 -0.93 -24.30 14.19
C SER A 343 0.53 -24.65 14.30
N TRP A 344 1.33 -23.73 14.86
CA TRP A 344 2.73 -24.00 15.12
C TRP A 344 2.81 -25.19 16.07
N PRO A 345 3.80 -26.12 15.93
CA PRO A 345 4.88 -26.01 14.94
C PRO A 345 4.66 -26.74 13.60
N GLY A 346 3.38 -27.00 13.26
CA GLY A 346 2.97 -27.38 11.91
C GLY A 346 2.88 -28.90 11.76
N ILE A 347 2.12 -29.52 12.65
CA ILE A 347 2.35 -30.90 13.06
C ILE A 347 1.02 -31.67 13.05
N ASP A 348 -0.05 -31.02 13.49
CA ASP A 348 -1.41 -31.43 13.15
C ASP A 348 -1.60 -31.23 11.64
N GLY A 349 -2.51 -32.01 11.04
CA GLY A 349 -2.64 -32.09 9.60
C GLY A 349 -3.27 -30.85 8.97
N LYS A 350 -3.94 -30.04 9.81
CA LYS A 350 -4.85 -29.00 9.37
C LYS A 350 -4.06 -27.85 8.75
N SER A 351 -4.57 -27.31 7.63
CA SER A 351 -3.86 -26.31 6.84
C SER A 351 -4.87 -25.38 6.17
N LYS A 352 -4.70 -24.08 6.42
CA LYS A 352 -5.42 -23.02 5.73
C LYS A 352 -4.43 -22.30 4.82
N THR A 353 -4.94 -21.30 4.08
CA THR A 353 -4.29 -20.77 2.89
C THR A 353 -4.28 -19.24 2.95
N ILE A 354 -3.11 -18.64 2.69
CA ILE A 354 -2.99 -17.21 2.45
C ILE A 354 -2.50 -17.04 1.03
N LEU A 355 -3.24 -16.26 0.21
CA LEU A 355 -2.83 -15.93 -1.15
C LEU A 355 -2.60 -14.42 -1.24
N LEU A 356 -1.45 -14.01 -1.78
CA LEU A 356 -1.09 -12.60 -1.91
C LEU A 356 -0.95 -12.23 -3.39
N ASP A 357 -1.35 -10.98 -3.69
CA ASP A 357 -1.08 -10.25 -4.93
C ASP A 357 0.37 -10.39 -5.37
N ASN A 358 1.24 -9.84 -4.50
CA ASN A 358 2.66 -9.78 -4.69
C ASN A 358 3.33 -10.48 -3.51
N PRO A 359 3.50 -11.81 -3.54
CA PRO A 359 3.94 -12.58 -2.37
C PRO A 359 5.37 -12.34 -1.88
N GLU A 360 6.22 -11.76 -2.73
CA GLU A 360 7.62 -11.51 -2.41
C GLU A 360 7.80 -10.15 -1.73
N ASP A 361 6.77 -9.28 -1.81
CA ASP A 361 6.86 -7.90 -1.31
C ASP A 361 6.75 -7.89 0.22
N ALA A 362 7.82 -7.41 0.87
CA ALA A 362 7.91 -7.30 2.31
C ALA A 362 6.69 -6.59 2.89
N ALA A 363 6.34 -5.44 2.31
CA ALA A 363 5.30 -4.55 2.84
C ALA A 363 3.94 -5.23 2.83
N GLN A 364 3.68 -6.02 1.77
CA GLN A 364 2.43 -6.77 1.63
C GLN A 364 2.36 -7.91 2.67
N GLN A 365 3.51 -8.55 2.94
CA GLN A 365 3.61 -9.60 3.94
C GLN A 365 3.25 -9.06 5.32
N LYS A 366 3.77 -7.85 5.65
CA LYS A 366 3.58 -7.20 6.94
C LYS A 366 2.10 -6.80 7.12
N SER A 367 1.51 -6.23 6.05
CA SER A 367 0.09 -5.87 6.00
C SER A 367 -0.78 -7.06 6.45
N ILE A 368 -0.60 -8.21 5.80
CA ILE A 368 -1.41 -9.40 6.10
C ILE A 368 -1.00 -9.95 7.46
N GLU A 369 0.28 -9.78 7.82
CA GLU A 369 0.78 -10.10 9.16
C GLU A 369 -0.08 -9.38 10.19
N ARG A 370 -0.14 -8.05 10.07
CA ARG A 370 -0.79 -7.19 11.06
C ARG A 370 -2.31 -7.41 11.02
N PHE A 371 -2.84 -7.68 9.84
CA PHE A 371 -4.26 -7.97 9.72
C PHE A 371 -4.60 -9.23 10.50
N ILE A 372 -3.75 -10.26 10.41
CA ILE A 372 -3.98 -11.53 11.11
C ILE A 372 -3.94 -11.29 12.64
N LEU A 373 -2.92 -10.55 13.09
CA LEU A 373 -2.77 -10.14 14.49
C LEU A 373 -4.07 -9.52 14.99
N ALA A 374 -4.63 -8.60 14.19
CA ALA A 374 -5.69 -7.70 14.62
C ALA A 374 -7.03 -8.41 14.68
N ASN A 375 -7.16 -9.54 13.95
CA ASN A 375 -8.45 -10.13 13.60
C ASN A 375 -8.63 -11.55 14.13
N PHE A 376 -7.50 -12.26 14.32
CA PHE A 376 -7.52 -13.67 14.72
C PHE A 376 -6.66 -13.87 15.97
N ASP A 377 -7.19 -14.66 16.91
CA ASP A 377 -6.50 -15.01 18.14
C ASP A 377 -5.69 -16.28 17.92
N ASN A 378 -6.15 -17.15 16.99
CA ASN A 378 -5.56 -18.47 16.77
C ASN A 378 -5.95 -19.04 15.40
N PHE A 379 -5.42 -20.22 15.08
CA PHE A 379 -5.62 -20.85 13.79
C PHE A 379 -7.11 -21.09 13.51
N GLU A 380 -7.82 -21.64 14.51
CA GLU A 380 -9.19 -22.14 14.35
C GLU A 380 -10.12 -21.02 13.88
N GLN A 381 -9.78 -19.77 14.22
CA GLN A 381 -10.63 -18.60 13.99
C GLN A 381 -10.53 -18.12 12.54
N MET A 382 -9.52 -18.62 11.81
CA MET A 382 -9.15 -18.07 10.50
C MET A 382 -10.00 -18.71 9.40
N PRO A 383 -10.30 -17.97 8.31
CA PRO A 383 -10.97 -18.56 7.15
C PRO A 383 -10.07 -19.56 6.43
N ASP A 384 -10.68 -20.59 5.84
CA ASP A 384 -10.01 -21.62 5.04
C ASP A 384 -9.00 -20.98 4.07
N GLU A 385 -9.34 -19.79 3.55
CA GLU A 385 -8.47 -19.02 2.66
C GLU A 385 -8.58 -17.53 2.97
N LEU A 386 -7.44 -16.85 2.90
CA LEU A 386 -7.33 -15.41 3.08
C LEU A 386 -6.58 -14.86 1.86
N PHE A 387 -7.25 -13.95 1.10
CA PHE A 387 -6.63 -13.27 -0.03
C PHE A 387 -6.26 -11.85 0.39
N LEU A 388 -5.12 -11.38 -0.09
CA LEU A 388 -4.84 -9.96 -0.26
C LEU A 388 -4.59 -9.71 -1.77
N VAL A 389 -5.49 -8.91 -2.40
CA VAL A 389 -5.41 -8.54 -3.81
C VAL A 389 -5.83 -7.06 -3.95
N ASP A 390 -5.04 -6.29 -4.73
CA ASP A 390 -5.18 -4.85 -4.93
C ASP A 390 -5.69 -4.13 -3.66
N ASN A 391 -5.08 -4.46 -2.50
CA ASN A 391 -5.22 -3.69 -1.26
C ASN A 391 -6.60 -3.91 -0.61
N LYS A 392 -7.20 -5.05 -0.91
CA LYS A 392 -8.35 -5.58 -0.21
C LYS A 392 -7.97 -6.93 0.42
N VAL A 393 -8.33 -7.11 1.70
CA VAL A 393 -8.21 -8.41 2.34
C VAL A 393 -9.57 -9.09 2.26
N LEU A 394 -9.60 -10.32 1.78
CA LEU A 394 -10.82 -11.09 1.65
C LEU A 394 -10.67 -12.45 2.30
N SER A 395 -11.76 -12.93 2.87
CA SER A 395 -11.86 -14.30 3.36
C SER A 395 -12.61 -15.16 2.35
N HIS A 396 -12.35 -16.46 2.33
CA HIS A 396 -13.14 -17.39 1.54
C HIS A 396 -13.42 -18.64 2.38
N HIS A 397 -14.65 -18.71 2.92
CA HIS A 397 -15.12 -19.81 3.75
C HIS A 397 -16.48 -20.30 3.20
N ASP A 398 -16.43 -20.93 1.98
CA ASP A 398 -17.56 -21.20 1.04
C ASP A 398 -18.12 -19.90 0.42
N GLY A 399 -18.56 -18.93 1.24
CA GLY A 399 -18.81 -17.55 0.79
C GLY A 399 -17.53 -16.71 0.80
N ARG A 400 -17.47 -15.66 -0.05
CA ARG A 400 -16.32 -14.75 -0.11
C ARG A 400 -16.73 -13.38 0.45
N THR A 401 -15.84 -12.75 1.24
CA THR A 401 -16.05 -11.40 1.80
C THR A 401 -14.76 -10.60 1.71
N ARG A 402 -14.88 -9.28 1.46
CA ARG A 402 -13.79 -8.30 1.60
C ARG A 402 -14.02 -7.46 2.85
N ILE A 403 -13.28 -7.77 3.94
CA ILE A 403 -13.58 -7.23 5.26
C ILE A 403 -12.79 -5.94 5.51
N ILE A 404 -11.84 -5.61 4.62
CA ILE A 404 -11.02 -4.39 4.72
C ILE A 404 -10.43 -4.02 3.37
N ALA A 405 -10.25 -2.70 3.17
CA ALA A 405 -9.61 -2.11 1.99
C ALA A 405 -8.68 -0.99 2.47
N GLN A 406 -7.58 -0.75 1.74
CA GLN A 406 -6.62 0.28 2.07
C GLN A 406 -6.81 1.50 1.15
N LYS A 407 -6.79 2.69 1.75
CA LYS A 407 -6.84 3.97 1.07
C LYS A 407 -6.01 4.96 1.89
N GLU A 408 -4.71 4.62 2.07
CA GLU A 408 -3.72 5.34 2.90
C GLU A 408 -3.81 4.90 4.39
N ASP A 409 -4.89 4.18 4.73
CA ASP A 409 -5.06 3.52 6.01
C ASP A 409 -6.13 2.42 5.84
N GLY A 410 -6.38 1.65 6.89
CA GLY A 410 -7.24 0.47 6.81
C GLY A 410 -8.62 0.76 7.38
N ALA A 411 -9.65 0.68 6.51
CA ALA A 411 -11.06 0.72 6.88
C ALA A 411 -11.68 -0.69 6.70
N TRP A 412 -12.79 -0.96 7.43
CA TRP A 412 -13.36 -2.31 7.56
C TRP A 412 -14.80 -2.37 7.03
N THR A 413 -15.19 -3.57 6.55
CA THR A 413 -16.52 -3.87 6.00
C THR A 413 -16.74 -3.10 4.69
N GLN B 6 11.21 14.73 17.87
CA GLN B 6 9.92 14.11 17.46
C GLN B 6 10.21 13.01 16.41
N LEU B 7 9.16 12.56 15.72
CA LEU B 7 9.24 11.49 14.72
C LEU B 7 9.45 12.09 13.32
N THR B 8 9.80 11.22 12.35
CA THR B 8 9.74 11.54 10.93
C THR B 8 8.28 11.44 10.45
N GLU B 9 7.94 12.12 9.35
CA GLU B 9 6.60 12.07 8.78
C GLU B 9 6.35 10.69 8.15
N GLU B 10 7.44 10.08 7.62
CA GLU B 10 7.41 8.74 7.02
C GLU B 10 7.17 7.68 8.10
N GLN B 11 7.71 7.92 9.30
CA GLN B 11 7.49 7.04 10.45
C GLN B 11 6.04 7.17 10.93
N ILE B 12 5.53 8.42 11.03
CA ILE B 12 4.14 8.68 11.45
C ILE B 12 3.19 7.91 10.52
N ALA B 13 3.53 7.91 9.22
CA ALA B 13 2.77 7.25 8.17
C ALA B 13 2.73 5.74 8.41
N GLU B 14 3.92 5.14 8.61
CA GLU B 14 4.05 3.71 8.85
C GLU B 14 3.21 3.33 10.07
N PHE B 15 3.34 4.15 11.12
CA PHE B 15 2.66 3.93 12.39
C PHE B 15 1.14 3.99 12.20
N LYS B 16 0.68 4.92 11.35
CA LYS B 16 -0.73 5.09 11.03
C LYS B 16 -1.27 3.86 10.29
N GLU B 17 -0.57 3.43 9.23
CA GLU B 17 -1.02 2.34 8.38
C GLU B 17 -1.23 1.08 9.23
N ALA B 18 -0.29 0.84 10.16
CA ALA B 18 -0.28 -0.34 11.04
C ALA B 18 -1.40 -0.26 12.08
N PHE B 19 -1.42 0.84 12.82
CA PHE B 19 -2.45 1.16 13.79
C PHE B 19 -3.83 0.88 13.21
N SER B 20 -4.05 1.36 11.98
CA SER B 20 -5.38 1.47 11.40
C SER B 20 -6.00 0.07 11.24
N LEU B 21 -5.14 -0.93 11.05
CA LEU B 21 -5.56 -2.32 10.91
C LEU B 21 -6.10 -2.84 12.26
N PHE B 22 -5.61 -2.25 13.37
CA PHE B 22 -6.01 -2.65 14.72
C PHE B 22 -7.20 -1.81 15.18
N ASP B 23 -7.41 -0.65 14.55
CA ASP B 23 -8.53 0.27 14.82
C ASP B 23 -9.75 -0.23 14.06
N LYS B 24 -10.43 -1.22 14.65
CA LYS B 24 -11.28 -2.14 13.89
C LYS B 24 -12.70 -1.58 13.71
N ASP B 25 -12.91 -0.28 14.04
CA ASP B 25 -14.09 0.45 13.58
C ASP B 25 -13.75 1.93 13.38
N GLY B 26 -12.47 2.27 13.25
CA GLY B 26 -12.02 3.54 12.70
C GLY B 26 -12.44 4.76 13.53
N ASP B 27 -12.29 4.68 14.87
CA ASP B 27 -12.55 5.80 15.78
C ASP B 27 -11.25 6.43 16.30
N GLY B 28 -10.09 5.92 15.84
CA GLY B 28 -8.78 6.48 16.17
C GLY B 28 -8.17 5.92 17.46
N THR B 29 -8.77 4.80 17.97
CA THR B 29 -8.32 4.14 19.20
C THR B 29 -8.03 2.64 18.93
N ILE B 30 -7.08 2.07 19.71
CA ILE B 30 -6.92 0.61 19.84
C ILE B 30 -7.16 0.19 21.30
N THR B 31 -7.48 -1.10 21.46
CA THR B 31 -7.45 -1.80 22.73
C THR B 31 -6.08 -1.68 23.38
N THR B 32 -6.10 -1.43 24.69
CA THR B 32 -4.94 -1.40 25.57
C THR B 32 -4.24 -2.79 25.64
N LYS B 33 -5.03 -3.87 25.65
CA LYS B 33 -4.55 -5.26 25.55
C LYS B 33 -3.61 -5.45 24.34
N GLU B 34 -3.82 -4.64 23.27
CA GLU B 34 -3.19 -4.88 21.97
C GLU B 34 -1.97 -3.97 21.75
N LEU B 35 -1.64 -3.12 22.74
CA LEU B 35 -0.57 -2.14 22.64
C LEU B 35 0.76 -2.83 22.34
N GLY B 36 1.15 -3.80 23.20
CA GLY B 36 2.38 -4.54 23.03
C GLY B 36 2.53 -5.05 21.60
N THR B 37 1.46 -5.73 21.12
CA THR B 37 1.43 -6.36 19.82
C THR B 37 1.78 -5.35 18.70
N VAL B 38 1.09 -4.19 18.72
CA VAL B 38 1.20 -3.19 17.66
C VAL B 38 2.60 -2.56 17.69
N MET B 39 3.09 -2.21 18.89
CA MET B 39 4.43 -1.66 19.02
C MET B 39 5.45 -2.67 18.48
N ARG B 40 5.31 -3.96 18.85
CA ARG B 40 6.30 -5.00 18.52
C ARG B 40 6.37 -5.21 17.00
N SER B 41 5.21 -5.23 16.34
CA SER B 41 5.09 -5.39 14.90
C SER B 41 5.71 -4.21 14.16
N LEU B 42 5.95 -3.10 14.87
CA LEU B 42 6.67 -1.95 14.33
C LEU B 42 8.11 -1.92 14.85
N GLY B 43 8.57 -3.01 15.47
CA GLY B 43 9.99 -3.21 15.80
C GLY B 43 10.42 -2.61 17.14
N GLN B 44 9.46 -2.21 18.00
CA GLN B 44 9.75 -1.79 19.38
C GLN B 44 9.28 -2.87 20.36
N ASN B 45 10.13 -3.18 21.37
CA ASN B 45 9.89 -4.30 22.29
C ASN B 45 9.92 -3.84 23.77
N PRO B 46 8.84 -3.16 24.25
CA PRO B 46 8.71 -2.79 25.67
C PRO B 46 8.54 -3.99 26.61
N THR B 47 9.09 -3.85 27.84
CA THR B 47 8.93 -4.81 28.92
C THR B 47 7.49 -4.75 29.42
N GLU B 48 7.08 -5.75 30.23
CA GLU B 48 5.70 -5.81 30.76
C GLU B 48 5.48 -4.62 31.71
N ALA B 49 6.56 -4.21 32.40
CA ALA B 49 6.57 -3.04 33.28
C ALA B 49 6.25 -1.77 32.47
N GLU B 50 7.01 -1.57 31.39
CA GLU B 50 6.89 -0.40 30.51
C GLU B 50 5.50 -0.31 29.90
N LEU B 51 4.94 -1.47 29.51
CA LEU B 51 3.59 -1.60 28.99
C LEU B 51 2.54 -1.13 30.02
N GLN B 52 2.65 -1.67 31.26
CA GLN B 52 1.79 -1.28 32.38
C GLN B 52 1.87 0.23 32.62
N ASP B 53 3.10 0.76 32.76
CA ASP B 53 3.30 2.19 32.90
C ASP B 53 2.42 2.89 31.87
N MET B 54 2.67 2.60 30.58
CA MET B 54 2.02 3.26 29.44
C MET B 54 0.50 3.13 29.52
N ILE B 55 -0.01 1.94 29.91
CA ILE B 55 -1.45 1.69 30.00
C ILE B 55 -2.05 2.63 31.05
N ASN B 56 -1.45 2.63 32.26
CA ASN B 56 -1.90 3.42 33.41
C ASN B 56 -2.06 4.90 33.04
N GLU B 57 -1.08 5.41 32.29
CA GLU B 57 -1.03 6.81 31.86
C GLU B 57 -2.23 7.16 30.94
N VAL B 58 -2.85 6.13 30.35
CA VAL B 58 -3.79 6.31 29.24
C VAL B 58 -5.20 5.81 29.64
N ASP B 59 -5.32 5.15 30.80
CA ASP B 59 -6.47 4.31 31.11
C ASP B 59 -7.01 4.60 32.53
N ALA B 60 -6.70 5.79 33.10
CA ALA B 60 -7.24 6.24 34.38
C ALA B 60 -8.78 6.10 34.39
N ASP B 61 -9.41 6.47 33.26
CA ASP B 61 -10.87 6.46 33.10
C ASP B 61 -11.40 5.03 32.91
N GLY B 62 -10.50 4.08 32.59
CA GLY B 62 -10.77 2.65 32.63
C GLY B 62 -11.59 2.14 31.43
N ASN B 63 -11.62 2.92 30.35
CA ASN B 63 -12.25 2.51 29.10
C ASN B 63 -11.32 1.54 28.34
N GLY B 64 -10.00 1.62 28.62
CA GLY B 64 -9.01 0.68 28.10
C GLY B 64 -8.73 0.89 26.61
N THR B 65 -8.37 2.12 26.24
CA THR B 65 -8.13 2.47 24.84
C THR B 65 -6.98 3.48 24.77
N ILE B 66 -6.29 3.55 23.63
CA ILE B 66 -5.23 4.52 23.38
C ILE B 66 -5.56 5.24 22.07
N ASP B 67 -5.53 6.58 22.13
CA ASP B 67 -5.51 7.45 20.96
C ASP B 67 -4.28 7.16 20.10
N PHE B 68 -4.35 7.57 18.81
CA PHE B 68 -3.21 7.55 17.89
C PHE B 68 -2.10 8.53 18.32
N PRO B 69 -2.41 9.75 18.81
CA PRO B 69 -1.36 10.65 19.30
C PRO B 69 -0.64 10.11 20.54
N GLU B 70 -1.40 9.44 21.44
CA GLU B 70 -0.85 8.81 22.64
C GLU B 70 0.08 7.64 22.25
N PHE B 71 -0.29 6.95 21.16
CA PHE B 71 0.48 5.84 20.60
C PHE B 71 1.83 6.31 19.99
N LEU B 72 1.83 7.50 19.35
CA LEU B 72 3.06 8.12 18.82
C LEU B 72 4.01 8.53 19.95
N THR B 73 3.47 9.17 20.98
CA THR B 73 4.22 9.50 22.20
C THR B 73 4.99 8.26 22.67
N MET B 74 4.28 7.12 22.74
CA MET B 74 4.76 5.88 23.33
C MET B 74 5.85 5.24 22.46
N MET B 75 5.59 5.15 21.15
CA MET B 75 6.57 4.64 20.20
C MET B 75 7.83 5.50 20.26
N ALA B 76 7.64 6.82 20.24
CA ALA B 76 8.74 7.79 20.35
C ALA B 76 9.58 7.49 21.60
N ARG B 77 8.90 7.18 22.73
CA ARG B 77 9.54 7.04 24.04
C ARG B 77 10.46 5.82 24.03
N LYS B 78 9.93 4.68 23.56
CA LYS B 78 10.66 3.41 23.57
C LYS B 78 11.72 3.40 22.47
N MET B 79 11.54 4.26 21.44
CA MET B 79 12.49 4.39 20.34
C MET B 79 13.79 5.03 20.85
N LYS B 80 13.68 5.94 21.85
CA LYS B 80 14.82 6.62 22.46
C LYS B 80 15.72 5.63 23.22
N ASP B 81 15.08 4.71 23.96
CA ASP B 81 15.75 3.76 24.85
C ASP B 81 16.61 2.77 24.05
N THR B 82 16.07 2.26 22.92
CA THR B 82 16.60 1.08 22.23
C THR B 82 17.51 1.49 21.05
N ASP B 83 18.71 0.88 21.04
CA ASP B 83 19.54 0.74 19.84
C ASP B 83 19.58 -0.74 19.45
N SER B 84 18.75 -1.13 18.48
CA SER B 84 18.62 -2.51 18.03
C SER B 84 19.98 -3.12 17.69
N GLU B 85 20.82 -2.34 16.98
CA GLU B 85 22.13 -2.79 16.47
C GLU B 85 23.06 -3.27 17.60
N GLU B 86 23.23 -2.46 18.66
CA GLU B 86 24.23 -2.74 19.69
C GLU B 86 23.67 -3.74 20.71
N GLU B 87 22.34 -3.85 20.78
CA GLU B 87 21.66 -4.87 21.60
C GLU B 87 21.88 -6.28 21.01
N ILE B 88 21.85 -6.43 19.68
CA ILE B 88 22.04 -7.73 19.05
C ILE B 88 23.50 -8.12 19.17
N ARG B 89 24.40 -7.13 19.04
CA ARG B 89 25.85 -7.37 19.13
C ARG B 89 26.22 -7.88 20.50
N GLU B 90 25.76 -7.15 21.55
CA GLU B 90 26.12 -7.45 22.94
C GLU B 90 25.60 -8.83 23.32
N ALA B 91 24.40 -9.19 22.84
CA ALA B 91 23.79 -10.49 23.14
C ALA B 91 24.74 -11.64 22.71
N PHE B 92 25.15 -11.61 21.44
CA PHE B 92 26.09 -12.59 20.89
C PHE B 92 27.47 -12.48 21.52
N ARG B 93 27.93 -11.26 21.85
CA ARG B 93 29.27 -11.01 22.41
C ARG B 93 29.46 -11.71 23.77
N VAL B 94 28.36 -11.88 24.50
CA VAL B 94 28.38 -12.52 25.82
C VAL B 94 28.81 -13.98 25.71
N PHE B 95 28.69 -14.57 24.50
CA PHE B 95 29.12 -15.95 24.23
C PHE B 95 30.47 -15.99 23.47
N ASP B 96 31.16 -14.84 23.38
CA ASP B 96 32.45 -14.71 22.71
C ASP B 96 33.57 -14.65 23.75
N LYS B 97 34.15 -15.82 24.05
CA LYS B 97 35.11 -15.95 25.14
C LYS B 97 36.24 -14.92 25.03
N ASP B 98 36.81 -14.75 23.81
CA ASP B 98 38.04 -13.98 23.58
C ASP B 98 37.73 -12.53 23.15
N GLY B 99 36.54 -12.33 22.59
CA GLY B 99 36.06 -11.00 22.20
C GLY B 99 36.56 -10.56 20.81
N ASN B 100 36.95 -11.53 19.96
CA ASN B 100 37.50 -11.25 18.63
C ASN B 100 36.39 -11.13 17.57
N GLY B 101 35.14 -11.39 17.98
CA GLY B 101 33.98 -11.24 17.11
C GLY B 101 33.58 -12.55 16.44
N TYR B 102 34.23 -13.65 16.84
CA TYR B 102 33.94 -15.01 16.36
C TYR B 102 33.53 -15.92 17.52
N ILE B 103 32.56 -16.81 17.26
CA ILE B 103 32.30 -17.99 18.09
C ILE B 103 32.24 -19.22 17.19
N SER B 104 32.38 -20.41 17.80
CA SER B 104 32.27 -21.68 17.08
C SER B 104 30.86 -21.82 16.53
N ALA B 105 30.74 -22.59 15.44
CA ALA B 105 29.47 -22.92 14.84
C ALA B 105 28.57 -23.63 15.86
N ALA B 106 29.16 -24.58 16.59
CA ALA B 106 28.47 -25.32 17.64
C ALA B 106 27.86 -24.36 18.66
N GLU B 107 28.64 -23.33 19.07
CA GLU B 107 28.23 -22.35 20.06
C GLU B 107 27.06 -21.55 19.49
N LEU B 108 27.10 -21.26 18.20
CA LEU B 108 26.04 -20.49 17.53
C LEU B 108 24.76 -21.33 17.41
N ARG B 109 24.91 -22.65 17.23
CA ARG B 109 23.77 -23.56 17.16
C ARG B 109 23.08 -23.62 18.55
N HIS B 110 23.89 -23.68 19.60
CA HIS B 110 23.40 -23.72 20.98
C HIS B 110 22.58 -22.45 21.30
N VAL B 111 23.15 -21.27 21.00
CA VAL B 111 22.53 -20.00 21.28
C VAL B 111 21.18 -19.90 20.56
N MET B 112 21.16 -20.25 19.26
CA MET B 112 20.02 -19.95 18.40
C MET B 112 18.86 -20.93 18.71
N THR B 113 19.16 -22.20 18.96
CA THR B 113 18.15 -23.17 19.37
C THR B 113 17.55 -22.76 20.73
N ASN B 114 18.44 -22.28 21.67
CA ASN B 114 18.01 -21.80 22.98
C ASN B 114 17.14 -20.53 22.85
N LEU B 115 17.61 -19.53 22.08
CA LEU B 115 17.00 -18.20 22.10
C LEU B 115 16.05 -17.98 20.91
N GLY B 116 15.70 -19.07 20.25
CA GLY B 116 14.66 -19.07 19.24
C GLY B 116 13.39 -19.75 19.72
N GLU B 117 12.43 -18.93 20.18
CA GLU B 117 11.15 -19.39 20.73
C GLU B 117 10.40 -20.30 19.78
N LYS B 118 10.35 -19.92 18.50
CA LYS B 118 9.50 -20.60 17.52
C LYS B 118 10.26 -20.91 16.22
N LEU B 119 11.54 -21.27 16.33
CA LEU B 119 12.31 -21.90 15.25
C LEU B 119 11.94 -23.39 15.16
N THR B 120 12.02 -23.94 13.94
CA THR B 120 12.13 -25.38 13.72
C THR B 120 13.58 -25.79 13.79
N ASP B 121 13.85 -27.07 13.95
CA ASP B 121 15.25 -27.56 13.92
C ASP B 121 15.85 -27.29 12.54
N GLU B 122 15.04 -27.45 11.49
CA GLU B 122 15.51 -27.23 10.10
C GLU B 122 16.02 -25.81 9.93
N GLU B 123 15.26 -24.82 10.41
CA GLU B 123 15.65 -23.39 10.29
C GLU B 123 16.98 -23.15 10.99
N VAL B 124 17.26 -23.86 12.08
CA VAL B 124 18.56 -23.72 12.77
C VAL B 124 19.65 -24.31 11.87
N ASP B 125 19.38 -25.51 11.31
CA ASP B 125 20.27 -26.17 10.34
C ASP B 125 20.60 -25.22 9.19
N GLN B 126 19.57 -24.55 8.65
CA GLN B 126 19.68 -23.60 7.55
C GLN B 126 20.59 -22.43 7.95
N MET B 127 20.38 -21.86 9.17
CA MET B 127 21.16 -20.73 9.69
C MET B 127 22.65 -21.04 9.67
N ILE B 128 23.01 -22.24 10.15
CA ILE B 128 24.41 -22.66 10.31
C ILE B 128 25.00 -23.08 8.95
N ARG B 129 24.22 -23.85 8.17
CA ARG B 129 24.53 -24.19 6.77
C ARG B 129 24.98 -22.96 5.98
N GLU B 130 24.17 -21.88 6.07
CA GLU B 130 24.26 -20.75 5.16
C GLU B 130 25.18 -19.69 5.73
N ALA B 131 25.71 -19.93 6.94
CA ALA B 131 26.72 -19.08 7.54
C ALA B 131 28.06 -19.41 6.90
N ASP B 132 29.03 -18.48 7.02
CA ASP B 132 30.38 -18.67 6.51
C ASP B 132 31.27 -19.14 7.65
N ILE B 133 31.27 -20.46 7.85
CA ILE B 133 32.13 -21.17 8.77
C ILE B 133 33.51 -21.29 8.14
N ASP B 134 34.57 -21.15 8.96
CA ASP B 134 35.96 -21.20 8.50
C ASP B 134 36.60 -22.54 8.94
N GLY B 135 37.91 -22.72 8.65
CA GLY B 135 38.63 -23.98 8.89
C GLY B 135 38.76 -24.33 10.37
N ASP B 136 38.67 -23.31 11.24
CA ASP B 136 38.63 -23.49 12.69
C ASP B 136 37.25 -24.00 13.15
N GLY B 137 36.26 -23.91 12.24
CA GLY B 137 34.86 -24.19 12.54
C GLY B 137 34.13 -22.98 13.14
N GLN B 138 34.69 -21.78 12.91
CA GLN B 138 34.29 -20.53 13.54
C GLN B 138 33.40 -19.71 12.60
N VAL B 139 32.63 -18.78 13.17
CA VAL B 139 31.70 -17.95 12.41
C VAL B 139 31.76 -16.55 12.98
N ASN B 140 31.83 -15.56 12.08
CA ASN B 140 31.77 -14.16 12.44
C ASN B 140 30.32 -13.77 12.65
N TYR B 141 29.94 -13.50 13.91
CA TYR B 141 28.53 -13.36 14.28
C TYR B 141 27.98 -12.00 13.83
N GLU B 142 28.86 -10.99 13.71
CA GLU B 142 28.50 -9.66 13.21
C GLU B 142 28.08 -9.77 11.73
N GLU B 143 28.88 -10.49 10.94
CA GLU B 143 28.52 -10.88 9.58
C GLU B 143 27.21 -11.71 9.60
N PHE B 144 27.13 -12.72 10.49
CA PHE B 144 25.94 -13.59 10.59
C PHE B 144 24.67 -12.74 10.72
N VAL B 145 24.68 -11.80 11.68
CA VAL B 145 23.58 -10.87 11.92
C VAL B 145 23.26 -10.08 10.64
N GLN B 146 24.29 -9.44 10.04
CA GLN B 146 24.21 -8.72 8.78
C GLN B 146 23.35 -9.51 7.77
N MET B 147 23.77 -10.76 7.48
CA MET B 147 23.15 -11.63 6.49
C MET B 147 21.68 -11.90 6.84
N MET B 148 21.43 -12.18 8.13
CA MET B 148 20.10 -12.50 8.61
C MET B 148 19.17 -11.27 8.46
N THR B 149 19.72 -10.06 8.76
CA THR B 149 19.03 -8.76 8.67
C THR B 149 18.68 -8.44 7.20
N ALA B 150 19.73 -8.23 6.37
CA ALA B 150 19.61 -7.98 4.94
C ALA B 150 18.94 -9.18 4.24
N GLU C 9 48.73 45.64 6.06
CA GLU C 9 49.10 44.44 6.87
C GLU C 9 47.85 43.84 7.52
N SER C 10 46.88 43.42 6.67
CA SER C 10 45.58 42.92 7.12
C SER C 10 45.64 41.42 7.39
N LEU C 11 45.21 41.02 8.60
CA LEU C 11 45.42 39.67 9.10
C LEU C 11 44.56 38.66 8.32
N VAL C 12 43.29 39.02 8.00
CA VAL C 12 42.36 38.11 7.29
C VAL C 12 42.83 37.94 5.86
N ALA C 13 43.29 39.03 5.25
CA ALA C 13 43.74 39.03 3.86
C ALA C 13 44.89 38.04 3.66
N ALA C 14 45.78 37.95 4.67
CA ALA C 14 46.96 37.08 4.64
C ALA C 14 46.54 35.62 4.83
N ARG C 15 45.51 35.39 5.66
CA ARG C 15 44.85 34.11 5.80
C ARG C 15 44.21 33.70 4.47
N ALA C 16 43.42 34.59 3.88
CA ALA C 16 42.76 34.33 2.59
C ALA C 16 43.78 33.98 1.52
N GLU C 17 44.95 34.63 1.56
CA GLU C 17 46.00 34.42 0.56
C GLU C 17 46.54 32.99 0.69
N LYS C 18 46.75 32.58 1.95
CA LYS C 18 47.11 31.22 2.32
C LYS C 18 46.06 30.25 1.75
N VAL C 19 44.77 30.53 2.00
CA VAL C 19 43.67 29.66 1.58
C VAL C 19 43.65 29.56 0.06
N ALA C 20 43.79 30.70 -0.60
CA ALA C 20 43.79 30.77 -2.07
C ALA C 20 44.84 29.82 -2.65
N ASN C 21 46.03 29.81 -2.05
CA ASN C 21 47.15 29.01 -2.53
C ASN C 21 46.85 27.52 -2.31
N LEU C 22 46.29 27.19 -1.13
CA LEU C 22 45.90 25.83 -0.82
C LEU C 22 44.85 25.34 -1.83
N TYR C 23 43.81 26.15 -2.09
CA TYR C 23 42.75 25.80 -3.03
C TYR C 23 43.30 25.55 -4.44
N ARG C 24 44.24 26.40 -4.89
CA ARG C 24 44.87 26.28 -6.21
C ARG C 24 45.68 24.99 -6.25
N TRP C 25 46.36 24.68 -5.16
CA TRP C 25 47.10 23.42 -5.04
C TRP C 25 46.16 22.22 -5.17
N LEU C 26 44.96 22.30 -4.58
CA LEU C 26 43.96 21.21 -4.67
C LEU C 26 43.34 21.16 -6.06
N ASP C 27 43.43 22.28 -6.79
CA ASP C 27 42.88 22.44 -8.14
C ASP C 27 43.95 22.19 -9.19
N THR C 28 45.17 21.77 -8.76
CA THR C 28 46.34 21.62 -9.63
C THR C 28 46.03 20.73 -10.84
N ASP C 29 45.09 19.80 -10.68
CA ASP C 29 44.80 18.78 -11.67
C ASP C 29 43.62 19.22 -12.54
N ASN C 30 42.57 19.77 -11.90
CA ASN C 30 41.38 20.23 -12.61
C ASN C 30 41.66 21.54 -13.37
N ASP C 31 42.64 22.35 -12.88
CA ASP C 31 43.07 23.58 -13.53
C ASP C 31 41.87 24.40 -13.99
N VAL C 32 40.98 24.70 -13.04
CA VAL C 32 39.72 25.41 -13.27
C VAL C 32 39.82 26.83 -12.71
N ALA C 33 40.83 27.05 -11.86
CA ALA C 33 41.06 28.36 -11.28
C ALA C 33 41.41 29.36 -12.38
N THR C 34 41.03 30.64 -12.16
CA THR C 34 41.43 31.76 -13.01
C THR C 34 41.99 32.85 -12.10
N ASP C 35 42.27 34.03 -12.70
CA ASP C 35 42.67 35.23 -11.97
C ASP C 35 41.58 35.62 -10.96
N LYS C 36 40.29 35.38 -11.31
CA LYS C 36 39.13 35.90 -10.56
C LYS C 36 38.48 34.79 -9.70
N TYR C 37 38.41 33.58 -10.25
CA TYR C 37 37.73 32.45 -9.62
C TYR C 37 38.76 31.45 -9.07
N VAL C 38 38.72 31.24 -7.73
CA VAL C 38 39.41 30.10 -7.10
C VAL C 38 38.35 29.17 -6.54
N PRO C 39 38.31 27.90 -7.00
CA PRO C 39 37.27 26.96 -6.57
C PRO C 39 37.44 26.55 -5.10
N VAL C 40 36.32 26.48 -4.38
CA VAL C 40 36.28 25.95 -3.02
C VAL C 40 36.18 24.42 -3.13
N PRO C 41 37.10 23.64 -2.51
CA PRO C 41 37.07 22.17 -2.64
C PRO C 41 35.74 21.59 -2.15
N GLY C 42 35.12 20.76 -3.02
CA GLY C 42 33.86 20.08 -2.72
C GLY C 42 32.61 20.93 -3.00
N PHE C 43 32.80 22.21 -3.31
CA PHE C 43 31.68 23.12 -3.49
C PHE C 43 31.79 23.82 -4.84
N GLU C 44 31.15 23.23 -5.87
CA GLU C 44 31.33 23.64 -7.26
C GLU C 44 30.55 24.95 -7.52
N ARG C 45 31.11 25.77 -8.43
CA ARG C 45 30.44 26.94 -8.97
C ARG C 45 29.22 26.50 -9.80
N VAL C 46 28.03 26.92 -9.37
CA VAL C 46 26.81 26.93 -10.17
C VAL C 46 26.48 28.39 -10.54
N ASP C 47 26.61 28.73 -11.84
CA ASP C 47 26.55 30.11 -12.31
C ASP C 47 25.17 30.69 -12.01
N VAL C 48 25.15 31.96 -11.53
CA VAL C 48 23.93 32.61 -11.04
C VAL C 48 23.41 33.56 -12.12
N ASP C 49 22.18 33.28 -12.60
CA ASP C 49 21.47 34.13 -13.57
C ASP C 49 20.51 35.07 -12.82
N VAL C 50 20.89 36.35 -12.67
CA VAL C 50 20.05 37.36 -12.02
C VAL C 50 19.98 38.58 -12.94
N SER C 51 18.79 39.17 -13.03
CA SER C 51 18.62 40.50 -13.61
C SER C 51 18.98 41.57 -12.60
N ASP C 52 19.40 42.74 -13.09
CA ASP C 52 19.94 43.82 -12.28
C ASP C 52 18.81 44.43 -11.44
N GLU C 53 17.55 44.07 -11.76
CA GLU C 53 16.38 44.38 -10.94
C GLU C 53 16.37 43.46 -9.71
N VAL C 54 16.52 42.15 -9.96
CA VAL C 54 16.48 41.12 -8.93
C VAL C 54 17.65 41.32 -7.97
N LYS C 55 18.86 41.53 -8.53
CA LYS C 55 20.08 41.69 -7.76
C LYS C 55 19.95 42.87 -6.81
N GLN C 56 19.39 43.97 -7.33
CA GLN C 56 19.29 45.23 -6.59
C GLN C 56 18.28 45.12 -5.44
N ARG C 57 17.36 44.15 -5.56
CA ARG C 57 16.42 43.82 -4.49
C ARG C 57 17.18 43.12 -3.36
N MET C 58 17.94 42.05 -3.71
CA MET C 58 18.78 41.31 -2.75
C MET C 58 19.66 42.28 -1.95
N ILE C 59 20.27 43.22 -2.64
CA ILE C 59 21.19 44.19 -2.04
C ILE C 59 20.45 45.10 -1.06
N GLN C 60 19.27 45.57 -1.48
CA GLN C 60 18.51 46.57 -0.73
C GLN C 60 17.88 45.91 0.50
N SER C 61 17.30 44.72 0.30
CA SER C 61 16.93 43.84 1.40
C SER C 61 18.07 43.73 2.44
N MET C 62 19.26 43.26 1.99
CA MET C 62 20.37 42.96 2.89
C MET C 62 20.91 44.21 3.56
N SER C 63 20.89 45.34 2.83
CA SER C 63 21.25 46.64 3.38
C SER C 63 20.39 46.93 4.62
N GLY C 64 19.08 46.66 4.50
CA GLY C 64 18.14 46.80 5.61
C GLY C 64 18.57 46.01 6.84
N TYR C 65 18.89 44.72 6.61
CA TYR C 65 19.39 43.82 7.64
C TYR C 65 20.57 44.47 8.37
N ILE C 66 21.56 44.93 7.62
CA ILE C 66 22.77 45.48 8.22
C ILE C 66 22.44 46.75 9.00
N GLU C 67 21.36 47.45 8.59
CA GLU C 67 20.99 48.75 9.15
C GLU C 67 20.41 48.57 10.57
N HIS C 68 19.40 47.69 10.69
CA HIS C 68 18.54 47.62 11.88
C HIS C 68 18.70 46.27 12.62
N THR C 69 19.93 45.72 12.60
CA THR C 69 20.38 44.69 13.55
C THR C 69 21.55 45.26 14.35
N ASP C 70 21.94 44.56 15.44
CA ASP C 70 23.10 44.90 16.26
C ASP C 70 24.37 44.46 15.56
N ASN C 71 25.28 45.41 15.25
CA ASN C 71 26.57 45.14 14.61
C ASN C 71 27.43 46.41 14.62
N GLN C 72 28.70 46.30 14.18
CA GLN C 72 29.63 47.43 14.20
C GLN C 72 29.81 48.00 12.79
N VAL C 73 28.91 47.64 11.86
CA VAL C 73 28.97 48.17 10.50
C VAL C 73 28.55 49.64 10.50
N PRO C 74 29.41 50.60 10.05
CA PRO C 74 28.98 51.99 9.92
C PRO C 74 27.74 52.10 9.04
N LYS C 75 26.73 52.88 9.49
CA LYS C 75 25.44 52.94 8.81
C LYS C 75 25.55 53.73 7.49
N ASP C 76 26.57 54.58 7.36
CA ASP C 76 26.86 55.25 6.09
C ASP C 76 27.30 54.22 5.05
N GLN C 77 28.07 53.23 5.50
CA GLN C 77 28.68 52.22 4.65
C GLN C 77 27.82 50.93 4.53
N ALA C 78 26.57 50.93 5.01
CA ALA C 78 25.79 49.69 5.10
C ALA C 78 25.33 49.17 3.73
N GLU C 79 25.37 50.02 2.71
CA GLU C 79 24.82 49.66 1.40
C GLU C 79 25.97 49.22 0.49
N ALA C 80 27.12 49.92 0.62
CA ALA C 80 28.35 49.52 -0.03
C ALA C 80 28.64 48.04 0.27
N LEU C 81 28.57 47.69 1.56
CA LEU C 81 28.93 46.37 2.07
C LEU C 81 27.95 45.31 1.56
N ALA C 82 26.65 45.65 1.56
CA ALA C 82 25.61 44.80 0.98
C ALA C 82 25.93 44.44 -0.49
N THR C 83 26.28 45.44 -1.30
CA THR C 83 26.54 45.25 -2.73
C THR C 83 27.79 44.37 -2.92
N LEU C 84 28.82 44.66 -2.12
CA LEU C 84 30.06 43.90 -2.12
C LEU C 84 29.78 42.42 -1.81
N PHE C 85 28.95 42.18 -0.76
CA PHE C 85 28.65 40.83 -0.28
C PHE C 85 28.03 39.98 -1.38
N VAL C 86 26.96 40.50 -2.05
CA VAL C 86 26.15 39.70 -2.97
C VAL C 86 26.89 39.54 -4.29
N GLU C 87 27.61 40.57 -4.72
CA GLU C 87 28.45 40.45 -5.89
C GLU C 87 29.53 39.39 -5.65
N SER C 88 30.25 39.50 -4.52
CA SER C 88 31.29 38.53 -4.16
C SER C 88 30.70 37.11 -4.13
N THR C 89 29.52 36.97 -3.53
CA THR C 89 28.83 35.70 -3.43
C THR C 89 28.38 35.20 -4.80
N LEU C 90 27.56 35.99 -5.49
CA LEU C 90 26.84 35.49 -6.67
C LEU C 90 27.77 35.41 -7.88
N ASP C 91 28.83 36.23 -7.91
CA ASP C 91 29.82 36.23 -9.00
C ASP C 91 30.99 35.27 -8.71
N TYR C 92 30.96 34.61 -7.55
CA TYR C 92 32.08 33.78 -7.07
C TYR C 92 33.39 34.53 -7.26
N ASP C 93 33.42 35.78 -6.78
CA ASP C 93 34.51 36.69 -7.07
C ASP C 93 35.48 36.67 -5.90
N TRP C 94 36.62 36.00 -6.10
CA TRP C 94 37.60 35.79 -5.04
C TRP C 94 38.10 37.10 -4.39
N ASP C 95 38.54 38.04 -5.22
CA ASP C 95 39.13 39.32 -4.72
C ASP C 95 38.13 40.10 -3.89
N LYS C 96 36.86 40.04 -4.31
CA LYS C 96 35.75 40.74 -3.64
C LYS C 96 35.36 40.02 -2.34
N ARG C 97 35.36 38.67 -2.37
CA ARG C 97 35.16 37.84 -1.16
C ARG C 97 36.12 38.33 -0.05
N VAL C 98 37.41 38.52 -0.42
CA VAL C 98 38.49 38.92 0.50
C VAL C 98 38.23 40.37 0.93
N GLU C 99 37.74 41.17 -0.01
CA GLU C 99 37.51 42.60 0.20
C GLU C 99 36.40 42.76 1.24
N PHE C 100 35.40 41.86 1.20
CA PHE C 100 34.32 41.81 2.20
C PHE C 100 34.91 41.55 3.59
N LEU C 101 35.81 40.53 3.71
CA LEU C 101 36.39 40.15 5.01
C LEU C 101 37.24 41.29 5.56
N THR C 102 38.06 41.89 4.67
CA THR C 102 38.92 43.02 5.01
C THR C 102 38.09 44.18 5.58
N LYS C 103 36.87 44.38 5.03
CA LYS C 103 36.00 45.47 5.44
C LYS C 103 35.39 45.21 6.82
N LEU C 104 35.02 43.95 7.12
CA LEU C 104 34.53 43.61 8.46
C LEU C 104 35.64 43.84 9.48
N GLU C 105 36.89 43.64 9.04
CA GLU C 105 38.08 43.72 9.90
C GLU C 105 38.33 45.19 10.27
N SER C 106 38.00 46.09 9.34
CA SER C 106 38.19 47.53 9.51
C SER C 106 37.13 48.12 10.44
N TYR C 107 36.01 47.39 10.65
CA TYR C 107 34.97 47.79 11.59
C TYR C 107 35.26 47.25 12.99
N GLY C 108 36.34 46.49 13.15
CA GLY C 108 36.80 46.01 14.45
C GLY C 108 36.37 44.57 14.74
N TYR C 109 35.69 43.91 13.77
CA TYR C 109 35.50 42.45 13.77
C TYR C 109 36.86 41.75 13.62
N SER C 110 37.16 40.76 14.48
CA SER C 110 38.39 39.98 14.35
C SER C 110 38.05 38.60 13.80
N PHE C 111 38.97 38.05 12.99
CA PHE C 111 38.88 36.69 12.45
C PHE C 111 39.91 35.78 13.11
N GLU C 112 40.38 36.18 14.27
CA GLU C 112 41.37 35.43 15.03
C GLU C 112 40.70 34.92 16.30
N ALA C 113 41.28 33.85 16.85
CA ALA C 113 40.77 33.16 18.02
C ALA C 113 40.71 34.11 19.22
N PRO C 114 39.65 34.04 20.05
CA PRO C 114 39.46 35.03 21.12
C PRO C 114 40.54 35.07 22.19
N HIS C 115 41.27 33.97 22.37
CA HIS C 115 42.18 33.81 23.51
C HIS C 115 43.65 33.88 23.06
N ALA C 116 43.88 34.41 21.87
CA ALA C 116 45.21 34.54 21.25
C ALA C 116 45.98 33.20 21.29
N GLU C 117 47.15 33.18 21.96
CA GLU C 117 48.10 32.08 21.90
C GLU C 117 47.68 30.94 22.84
N LYS C 118 46.66 31.18 23.69
CA LYS C 118 46.13 30.20 24.63
C LYS C 118 44.84 29.57 24.08
N SER C 119 44.45 29.97 22.87
CA SER C 119 43.36 29.35 22.13
C SER C 119 43.76 27.95 21.65
N ILE C 120 42.85 26.99 21.77
CA ILE C 120 42.97 25.71 21.06
C ILE C 120 41.94 25.73 19.95
N VAL C 121 42.32 26.30 18.81
CA VAL C 121 41.48 26.30 17.60
C VAL C 121 41.02 24.87 17.35
N SER C 122 39.71 24.65 17.42
CA SER C 122 39.09 23.33 17.43
C SER C 122 37.95 23.28 16.41
N PHE C 123 37.47 22.06 16.11
CA PHE C 123 36.54 21.82 15.00
C PHE C 123 35.44 20.88 15.47
N TRP C 124 34.38 20.76 14.69
CA TRP C 124 33.15 20.10 15.10
C TRP C 124 32.38 19.61 13.87
N SER C 125 31.67 18.50 14.04
CA SER C 125 30.57 18.08 13.20
C SER C 125 29.56 17.39 14.11
N GLY C 126 28.26 17.71 13.96
CA GLY C 126 27.22 17.31 14.92
C GLY C 126 26.62 18.51 15.66
N LYS C 127 25.66 18.25 16.55
CA LYS C 127 24.88 19.29 17.24
C LYS C 127 25.15 19.27 18.75
N ASN C 128 26.13 18.47 19.18
CA ASN C 128 26.40 18.19 20.58
C ASN C 128 27.84 18.56 20.93
N PHE C 129 28.48 19.41 20.10
CA PHE C 129 29.91 19.70 20.21
C PHE C 129 30.17 20.64 21.40
N LYS C 130 29.20 21.49 21.73
CA LYS C 130 29.36 22.46 22.81
C LYS C 130 29.55 21.72 24.13
N GLN C 131 29.08 20.45 24.17
CA GLN C 131 29.10 19.60 25.36
C GLN C 131 30.51 19.11 25.69
N TYR C 132 31.46 19.29 24.75
CA TYR C 132 32.84 18.81 24.85
C TYR C 132 33.77 19.90 25.40
N ARG C 133 33.34 21.15 25.33
CA ARG C 133 34.17 22.31 25.67
C ARG C 133 34.69 22.21 27.11
N ASP C 134 33.80 21.94 28.09
CA ASP C 134 34.16 22.01 29.49
C ASP C 134 35.22 20.96 29.83
N ILE C 135 34.98 19.69 29.46
CA ILE C 135 35.92 18.61 29.80
C ILE C 135 37.28 18.84 29.11
N LEU C 136 37.27 19.34 27.86
CA LEU C 136 38.50 19.68 27.14
C LEU C 136 39.25 20.80 27.88
N ASP C 137 38.52 21.87 28.27
CA ASP C 137 39.12 23.03 28.95
C ASP C 137 39.78 22.63 30.27
N ASN C 138 39.17 21.67 31.02
CA ASN C 138 39.63 21.27 32.34
C ASN C 138 40.80 20.31 32.27
N ALA C 139 41.09 19.77 31.08
CA ALA C 139 42.22 18.87 30.84
C ALA C 139 43.52 19.66 30.63
N GLN C 140 43.41 20.95 30.30
CA GLN C 140 44.57 21.78 29.98
C GLN C 140 45.28 22.23 31.26
N THR C 141 46.57 22.61 31.15
CA THR C 141 47.42 22.97 32.30
C THR C 141 47.64 24.49 32.37
N ASP C 142 47.69 25.15 31.21
CA ASP C 142 48.26 26.48 31.08
C ASP C 142 47.15 27.55 30.98
N GLY C 143 45.91 27.17 31.31
CA GLY C 143 44.74 28.01 31.08
C GLY C 143 44.32 28.07 29.60
N LYS C 144 44.71 27.06 28.82
CA LYS C 144 44.40 27.01 27.40
C LYS C 144 42.94 26.65 27.28
N LYS C 145 42.23 27.34 26.35
CA LYS C 145 40.79 27.22 26.20
C LYS C 145 40.43 26.88 24.75
N VAL C 146 39.48 25.99 24.59
CA VAL C 146 38.97 25.57 23.29
C VAL C 146 38.18 26.71 22.65
N VAL C 147 38.49 27.03 21.38
CA VAL C 147 37.70 27.93 20.57
C VAL C 147 37.06 27.16 19.40
N TYR C 148 35.79 27.44 19.11
CA TYR C 148 35.12 27.05 17.87
C TYR C 148 34.88 28.30 17.04
N ASP C 149 34.65 28.14 15.72
CA ASP C 149 34.58 29.28 14.80
C ASP C 149 33.35 30.15 15.13
N ILE C 150 32.34 29.57 15.79
CA ILE C 150 31.16 30.27 16.30
C ILE C 150 31.54 31.32 17.37
N ASP C 151 32.71 31.13 18.02
CA ASP C 151 33.23 32.01 19.05
C ASP C 151 33.88 33.24 18.45
N VAL C 152 34.22 33.19 17.15
CA VAL C 152 34.95 34.30 16.53
C VAL C 152 34.02 35.14 15.64
N LYS C 153 33.94 36.44 15.98
CA LYS C 153 32.84 37.35 15.64
C LYS C 153 32.78 37.67 14.15
N GLY C 154 33.92 37.91 13.49
CA GLY C 154 33.90 38.13 12.06
C GLY C 154 33.23 36.95 11.31
N ASN C 155 33.66 35.72 11.64
CA ASN C 155 33.06 34.54 11.04
C ASN C 155 31.57 34.53 11.33
N ALA C 156 31.20 34.86 12.57
CA ALA C 156 29.82 34.77 13.03
C ALA C 156 28.98 35.74 12.23
N PHE C 157 29.49 36.98 12.12
CA PHE C 157 28.81 38.05 11.41
C PHE C 157 28.66 37.71 9.92
N ALA C 158 29.73 37.19 9.29
CA ALA C 158 29.72 36.81 7.89
C ALA C 158 28.65 35.74 7.65
N ILE C 159 28.63 34.73 8.51
CA ILE C 159 27.72 33.59 8.39
C ILE C 159 26.29 34.11 8.47
N ASP C 160 26.07 35.14 9.29
CA ASP C 160 24.74 35.70 9.55
C ASP C 160 24.18 36.33 8.25
N LEU C 161 24.96 37.23 7.62
CA LEU C 161 24.60 37.80 6.30
C LEU C 161 24.36 36.70 5.27
N ASN C 162 25.09 35.60 5.38
CA ASN C 162 25.06 34.49 4.43
C ASN C 162 23.72 33.73 4.55
N LYS C 163 23.25 33.53 5.79
CA LYS C 163 21.97 32.91 6.09
C LYS C 163 20.85 33.76 5.49
N HIS C 164 20.96 35.11 5.62
CA HIS C 164 19.93 36.06 5.19
C HIS C 164 19.60 35.88 3.71
N LEU C 165 20.64 35.84 2.88
CA LEU C 165 20.49 35.69 1.43
C LEU C 165 19.87 34.33 1.10
N MET C 166 20.25 33.31 1.88
CA MET C 166 19.72 31.96 1.71
C MET C 166 18.20 31.99 1.91
N ARG C 167 17.76 32.76 2.93
CA ARG C 167 16.37 32.90 3.34
C ARG C 167 15.60 33.65 2.27
N TRP C 168 16.09 34.84 1.94
CA TRP C 168 15.60 35.66 0.85
C TRP C 168 15.28 34.79 -0.37
N GLY C 169 16.14 33.80 -0.63
CA GLY C 169 16.01 32.91 -1.78
C GLY C 169 15.09 31.72 -1.50
N GLY C 170 14.58 31.63 -0.27
CA GLY C 170 13.48 30.75 0.08
C GLY C 170 12.11 31.45 0.00
N LEU C 171 12.11 32.77 0.28
CA LEU C 171 10.92 33.59 0.41
C LEU C 171 10.46 34.12 -0.95
N PHE C 172 11.28 34.99 -1.55
CA PHE C 172 10.89 35.80 -2.70
C PHE C 172 10.96 34.98 -3.99
N LEU C 173 11.57 33.80 -3.90
CA LEU C 173 11.69 32.89 -5.02
C LEU C 173 10.67 31.80 -4.87
N ASP C 174 9.50 32.01 -5.49
CA ASP C 174 8.51 30.95 -5.62
C ASP C 174 9.07 29.85 -6.53
N PRO C 175 9.02 28.57 -6.11
CA PRO C 175 9.41 27.47 -6.99
C PRO C 175 8.35 27.29 -8.08
N ASP C 176 8.38 26.12 -8.76
CA ASP C 176 7.51 25.80 -9.89
C ASP C 176 7.94 26.62 -11.11
N ASN C 177 8.07 27.97 -10.98
CA ASN C 177 8.84 28.73 -11.96
C ASN C 177 10.25 28.14 -11.95
N ALA C 178 10.70 27.67 -13.12
CA ALA C 178 11.96 26.96 -13.26
C ALA C 178 13.17 27.91 -13.18
N GLU C 179 12.97 29.17 -13.60
CA GLU C 179 13.98 30.23 -13.49
C GLU C 179 14.31 30.52 -12.02
N GLN C 180 13.26 30.74 -11.21
CA GLN C 180 13.36 31.12 -9.80
C GLN C 180 13.79 29.90 -8.97
N ASN C 181 13.54 28.69 -9.51
CA ASN C 181 13.91 27.44 -8.86
C ASN C 181 15.41 27.20 -9.02
N GLN C 182 15.89 27.28 -10.27
CA GLN C 182 17.31 27.35 -10.57
C GLN C 182 17.97 28.38 -9.64
N LEU C 183 17.49 29.63 -9.73
CA LEU C 183 18.12 30.77 -9.07
C LEU C 183 18.29 30.51 -7.58
N LYS C 184 17.42 29.68 -6.97
CA LYS C 184 17.47 29.35 -5.55
C LYS C 184 18.58 28.33 -5.28
N SER C 185 18.78 27.42 -6.24
CA SER C 185 19.91 26.50 -6.22
C SER C 185 21.23 27.27 -6.34
N SER C 186 21.26 28.18 -7.32
CA SER C 186 22.39 29.07 -7.58
C SER C 186 22.84 29.75 -6.29
N ILE C 187 21.92 30.48 -5.63
CA ILE C 187 22.21 31.16 -4.36
C ILE C 187 22.78 30.12 -3.41
N ASP C 188 22.02 29.06 -3.20
CA ASP C 188 22.35 27.97 -2.31
C ASP C 188 23.82 27.59 -2.47
N ALA C 189 24.20 27.22 -3.70
CA ALA C 189 25.57 26.83 -4.03
C ALA C 189 26.58 27.90 -3.61
N ALA C 190 26.23 29.18 -3.84
CA ALA C 190 27.13 30.29 -3.71
C ALA C 190 27.35 30.62 -2.24
N THR C 191 26.28 30.46 -1.42
CA THR C 191 26.36 30.67 0.03
C THR C 191 27.16 29.53 0.67
N PHE C 192 27.04 28.33 0.09
CA PHE C 192 27.75 27.16 0.59
C PHE C 192 29.26 27.37 0.43
N SER C 193 29.64 27.92 -0.73
CA SER C 193 31.04 28.11 -1.08
C SER C 193 31.62 29.26 -0.25
N ASN C 194 30.78 30.24 0.16
CA ASN C 194 31.12 31.23 1.19
C ASN C 194 31.49 30.54 2.51
N THR C 195 30.60 29.67 3.00
CA THR C 195 30.80 28.97 4.28
C THR C 195 32.12 28.18 4.26
N GLY C 196 32.37 27.47 3.15
CA GLY C 196 33.56 26.66 2.99
C GLY C 196 34.83 27.54 3.06
N PHE C 197 34.80 28.68 2.38
CA PHE C 197 35.91 29.64 2.31
C PHE C 197 36.20 30.17 3.71
N TRP C 198 35.15 30.61 4.40
CA TRP C 198 35.29 31.17 5.75
C TRP C 198 35.79 30.12 6.74
N SER C 199 35.44 28.85 6.48
CA SER C 199 35.87 27.74 7.34
C SER C 199 37.37 27.50 7.21
N SER C 200 37.88 27.52 5.96
CA SER C 200 39.29 27.43 5.66
C SER C 200 40.07 28.59 6.29
N VAL C 201 39.55 29.82 6.19
CA VAL C 201 40.17 31.01 6.77
C VAL C 201 40.34 30.82 8.28
N TYR C 202 39.31 30.29 8.95
CA TYR C 202 39.39 29.95 10.37
C TYR C 202 40.46 28.86 10.60
N ALA C 203 40.51 27.86 9.71
CA ALA C 203 41.30 26.66 9.92
C ALA C 203 42.81 26.96 9.85
N THR C 204 43.21 27.90 8.97
CA THR C 204 44.60 28.28 8.76
C THR C 204 45.18 28.96 9.99
N GLY C 205 44.31 29.35 10.92
CA GLY C 205 44.71 30.00 12.15
C GLY C 205 45.19 29.03 13.23
N ALA C 206 44.96 27.72 13.02
CA ALA C 206 45.27 26.66 13.97
C ALA C 206 46.76 26.65 14.30
N GLN C 207 47.08 26.43 15.59
CA GLN C 207 48.44 26.25 16.09
C GLN C 207 48.43 24.99 16.98
N ASN C 208 49.61 24.37 17.18
CA ASN C 208 49.83 23.32 18.16
C ASN C 208 48.84 22.16 17.92
N ASP C 209 48.36 21.54 19.00
CA ASP C 209 47.38 20.46 18.94
C ASP C 209 45.99 21.07 18.87
N VAL C 210 45.11 20.43 18.09
CA VAL C 210 43.75 20.89 17.83
C VAL C 210 42.79 19.73 18.13
N TYR C 211 41.53 20.04 18.43
CA TYR C 211 40.50 19.04 18.73
C TYR C 211 39.48 19.08 17.60
N VAL C 212 39.02 17.90 17.19
CA VAL C 212 37.94 17.76 16.24
C VAL C 212 36.83 16.95 16.91
N ILE C 213 35.67 17.59 17.14
CA ILE C 213 34.48 16.92 17.68
C ILE C 213 33.70 16.27 16.54
N ALA C 214 33.62 14.92 16.54
CA ALA C 214 32.90 14.14 15.53
C ALA C 214 32.27 12.89 16.18
N GLU C 215 31.25 13.07 17.02
CA GLU C 215 30.68 11.94 17.76
C GLU C 215 30.13 10.92 16.76
N GLY C 216 30.55 9.66 16.90
CA GLY C 216 30.14 8.59 16.01
C GLY C 216 31.11 8.38 14.84
N GLY C 217 31.97 9.37 14.55
CA GLY C 217 33.12 9.19 13.67
C GLY C 217 33.20 10.26 12.58
N VAL C 218 34.04 10.00 11.57
CA VAL C 218 34.38 10.97 10.52
C VAL C 218 33.23 11.07 9.52
N ARG C 219 32.84 12.30 9.15
CA ARG C 219 31.83 12.52 8.11
C ARG C 219 32.54 12.94 6.80
N LEU C 220 32.41 12.11 5.75
CA LEU C 220 32.89 12.40 4.41
C LEU C 220 31.91 13.34 3.71
N GLY C 221 32.45 14.33 3.00
CA GLY C 221 31.67 15.23 2.15
C GLY C 221 31.13 16.47 2.85
N ASN C 222 31.49 16.69 4.12
CA ASN C 222 31.03 17.87 4.86
C ASN C 222 32.14 18.92 4.89
N TYR C 223 31.91 20.02 5.64
CA TYR C 223 32.81 21.17 5.63
C TYR C 223 34.17 20.75 6.20
N PHE C 224 34.17 20.07 7.36
CA PHE C 224 35.44 19.66 7.94
C PHE C 224 36.28 18.89 6.90
N TRP C 225 35.64 17.93 6.24
CA TRP C 225 36.33 17.04 5.30
C TRP C 225 36.81 17.80 4.07
N ASN C 226 35.96 18.70 3.57
CA ASN C 226 36.15 19.38 2.30
C ASN C 226 37.20 20.52 2.43
N VAL C 227 37.08 21.39 3.46
CA VAL C 227 37.76 22.70 3.47
C VAL C 227 38.66 22.94 4.71
N GLN C 228 38.51 22.13 5.78
CA GLN C 228 39.27 22.41 7.01
C GLN C 228 40.44 21.47 7.19
N LEU C 229 40.21 20.17 6.99
CA LEU C 229 41.21 19.15 7.22
C LEU C 229 42.40 19.37 6.26
N PRO C 230 42.17 19.68 4.97
CA PRO C 230 43.26 19.98 4.04
C PRO C 230 44.10 21.15 4.50
N ALA C 231 43.47 22.13 5.13
CA ALA C 231 44.16 23.32 5.65
C ALA C 231 44.96 22.94 6.88
N LEU C 232 44.44 21.97 7.68
CA LEU C 232 45.10 21.45 8.88
C LEU C 232 46.31 20.60 8.50
N ARG C 233 46.17 19.80 7.42
CA ARG C 233 47.30 19.00 6.90
C ARG C 233 48.47 19.91 6.45
N GLN C 234 48.15 21.04 5.80
CA GLN C 234 49.14 22.02 5.35
C GLN C 234 49.94 22.58 6.55
N LEU C 235 49.26 22.89 7.65
CA LEU C 235 49.88 23.46 8.85
C LEU C 235 50.80 22.44 9.55
N GLN C 236 50.36 21.19 9.72
CA GLN C 236 51.20 20.09 10.19
C GLN C 236 52.53 20.06 9.38
N ARG C 237 52.42 20.17 8.04
CA ARG C 237 53.56 20.03 7.11
C ARG C 237 54.48 21.25 7.15
N GLU C 238 53.96 22.40 7.59
CA GLU C 238 54.73 23.59 7.87
C GLU C 238 55.22 23.57 9.32
N GLY C 239 54.76 22.58 10.09
CA GLY C 239 55.17 22.42 11.49
C GLY C 239 54.50 23.40 12.48
N LEU C 240 53.36 24.01 12.08
CA LEU C 240 52.62 24.98 12.90
C LEU C 240 51.56 24.30 13.79
N VAL C 241 51.04 23.16 13.34
CA VAL C 241 50.03 22.35 14.03
C VAL C 241 50.63 20.95 14.31
N GLY C 242 50.46 20.48 15.55
CA GLY C 242 50.99 19.18 15.94
C GLY C 242 49.99 18.07 15.64
N GLU C 243 49.34 17.59 16.68
CA GLU C 243 48.36 16.51 16.53
C GLU C 243 46.98 17.04 16.19
N ILE C 244 46.28 16.32 15.31
CA ILE C 244 44.85 16.56 15.09
C ILE C 244 44.10 15.46 15.82
N ARG C 245 43.44 15.83 16.94
CA ARG C 245 42.92 14.91 17.94
C ARG C 245 41.42 14.75 17.76
N LEU C 246 41.01 13.61 17.19
CA LEU C 246 39.61 13.34 16.88
C LEU C 246 38.92 12.76 18.12
N LEU C 247 37.75 13.29 18.46
CA LEU C 247 36.90 12.79 19.52
C LEU C 247 35.65 12.22 18.87
N ASP C 248 35.61 10.88 18.79
CA ASP C 248 34.55 10.18 18.08
C ASP C 248 33.65 9.40 19.06
N LYS C 249 34.02 9.43 20.35
CA LYS C 249 33.34 8.73 21.43
C LYS C 249 32.53 9.72 22.26
N PRO C 250 31.57 9.26 23.09
CA PRO C 250 30.83 10.18 23.97
C PRO C 250 31.72 10.87 25.00
N VAL C 251 31.27 12.01 25.52
CA VAL C 251 32.06 12.87 26.42
C VAL C 251 32.67 12.07 27.60
N SER C 252 31.86 11.21 28.27
CA SER C 252 32.27 10.46 29.48
C SER C 252 33.51 9.59 29.23
N GLU C 253 33.78 9.26 27.97
CA GLU C 253 34.90 8.42 27.59
C GLU C 253 36.25 9.18 27.66
N TYR C 254 36.23 10.48 28.02
CA TYR C 254 37.46 11.31 28.01
C TYR C 254 37.79 11.89 29.39
N LYS C 255 37.09 11.41 30.44
CA LYS C 255 37.40 11.77 31.82
C LYS C 255 38.73 11.11 32.24
N ASP C 256 39.47 11.81 33.12
CA ASP C 256 40.64 11.30 33.81
C ASP C 256 41.80 11.06 32.84
N LEU C 257 41.81 11.83 31.75
CA LEU C 257 42.92 11.85 30.82
C LEU C 257 43.49 13.26 30.76
N PRO C 258 44.83 13.44 30.68
CA PRO C 258 45.43 14.75 30.38
C PRO C 258 45.22 15.10 28.90
N ALA C 259 45.57 16.34 28.52
CA ALA C 259 45.21 16.91 27.23
C ALA C 259 45.72 16.06 26.06
N ASP C 260 46.88 15.42 26.20
CA ASP C 260 47.56 14.79 25.07
C ASP C 260 47.19 13.31 24.92
N GLN C 261 46.23 12.82 25.72
CA GLN C 261 45.72 11.46 25.59
C GLN C 261 44.23 11.47 25.22
N ILE C 262 43.68 12.68 25.02
CA ILE C 262 42.27 12.85 24.66
C ILE C 262 42.13 12.77 23.14
N GLY C 263 41.30 11.84 22.68
CA GLY C 263 41.10 11.64 21.24
C GLY C 263 42.25 10.88 20.59
N ARG C 264 42.12 10.64 19.30
CA ARG C 264 43.08 9.85 18.54
C ARG C 264 43.11 10.36 17.10
N ARG C 265 43.94 9.76 16.26
CA ARG C 265 44.12 10.16 14.88
C ARG C 265 42.96 9.63 14.07
N LEU C 266 42.51 10.41 13.08
CA LEU C 266 41.32 10.02 12.35
C LEU C 266 41.67 8.92 11.35
N THR C 267 42.98 8.55 11.23
CA THR C 267 43.46 7.43 10.44
C THR C 267 43.71 6.19 11.29
N ASP C 268 43.58 6.28 12.61
CA ASP C 268 43.74 5.12 13.52
C ASP C 268 42.68 4.06 13.19
N ALA C 269 43.01 2.80 13.46
CA ALA C 269 42.05 1.68 13.36
C ALA C 269 40.89 1.87 14.36
N GLY C 270 39.68 1.47 13.96
CA GLY C 270 38.50 1.51 14.82
C GLY C 270 37.56 2.70 14.54
N VAL C 271 38.07 3.77 13.89
CA VAL C 271 37.32 5.01 13.71
C VAL C 271 36.19 4.76 12.71
N ALA C 272 34.97 5.14 13.08
CA ALA C 272 33.79 4.92 12.24
C ALA C 272 33.75 5.97 11.14
N VAL C 273 33.03 5.66 10.05
CA VAL C 273 32.89 6.56 8.93
C VAL C 273 31.41 6.73 8.62
N LYS C 274 30.99 7.99 8.40
CA LYS C 274 29.62 8.30 8.00
C LYS C 274 29.67 9.20 6.76
N VAL C 275 28.61 9.19 5.97
CA VAL C 275 28.54 9.97 4.74
C VAL C 275 27.12 10.52 4.58
N ARG C 276 27.04 11.83 4.33
CA ARG C 276 25.83 12.51 3.83
C ARG C 276 25.36 11.84 2.52
N PHE C 277 24.03 11.69 2.35
CA PHE C 277 23.45 10.96 1.23
C PHE C 277 23.93 11.52 -0.12
N ASP C 278 24.07 12.86 -0.20
CA ASP C 278 24.47 13.55 -1.44
C ASP C 278 25.95 13.23 -1.79
N ALA C 279 26.63 12.50 -0.90
CA ALA C 279 28.05 12.13 -1.06
C ALA C 279 28.22 10.61 -1.09
N LEU C 280 27.09 9.87 -1.22
CA LEU C 280 27.11 8.41 -1.23
C LEU C 280 27.25 7.93 -2.67
N SER C 281 27.97 6.79 -2.86
CA SER C 281 28.12 6.11 -4.15
C SER C 281 26.78 5.47 -4.56
N HIS C 282 26.56 5.34 -5.89
CA HIS C 282 25.26 5.02 -6.46
C HIS C 282 24.83 3.59 -6.10
N GLU C 283 25.80 2.65 -6.07
CA GLU C 283 25.57 1.28 -5.62
C GLU C 283 25.04 1.26 -4.17
N ARG C 284 25.66 2.07 -3.30
CA ARG C 284 25.27 2.19 -1.89
C ARG C 284 24.02 3.08 -1.76
N GLN C 285 23.79 3.96 -2.76
CA GLN C 285 22.67 4.90 -2.79
C GLN C 285 21.35 4.16 -3.06
N ALA C 286 21.45 3.04 -3.80
CA ALA C 286 20.29 2.20 -4.16
C ALA C 286 19.95 1.24 -3.01
N GLU C 287 20.97 0.56 -2.47
CA GLU C 287 20.83 -0.40 -1.36
C GLU C 287 19.83 0.11 -0.32
N LEU C 288 19.96 1.39 0.05
CA LEU C 288 19.31 1.97 1.23
C LEU C 288 17.90 2.50 0.89
N LEU C 289 17.66 2.80 -0.40
CA LEU C 289 16.36 3.28 -0.89
C LEU C 289 15.40 2.09 -1.12
N ALA C 290 15.87 0.86 -0.84
CA ALA C 290 15.09 -0.36 -0.95
C ALA C 290 14.96 -1.04 0.42
N ASP C 291 14.95 -0.23 1.49
CA ASP C 291 14.53 -0.66 2.84
C ASP C 291 13.41 0.27 3.30
N ASN C 292 13.74 1.58 3.45
CA ASN C 292 12.76 2.66 3.63
C ASN C 292 12.86 3.60 2.42
N PRO C 293 11.93 3.52 1.44
CA PRO C 293 12.02 4.33 0.20
C PRO C 293 12.20 5.86 0.28
N ASP C 294 11.74 6.51 1.38
CA ASP C 294 11.55 7.97 1.41
C ASP C 294 12.46 8.69 2.43
N GLY C 295 13.11 7.94 3.34
CA GLY C 295 13.70 8.53 4.56
C GLY C 295 15.19 8.86 4.41
N TYR C 296 15.55 9.68 3.41
CA TYR C 296 16.94 10.08 3.16
C TYR C 296 16.99 11.47 2.50
N LYS C 297 17.35 12.49 3.29
CA LYS C 297 17.56 13.86 2.79
C LYS C 297 19.04 14.07 2.50
N ALA C 298 19.38 15.28 1.96
CA ALA C 298 20.75 15.61 1.52
C ALA C 298 21.74 15.40 2.66
N ASP C 299 21.35 15.80 3.89
CA ASP C 299 22.23 15.86 5.06
C ASP C 299 22.04 14.64 5.98
N THR C 300 21.42 13.57 5.47
CA THR C 300 21.22 12.33 6.22
C THR C 300 22.51 11.50 6.28
N LEU C 301 23.06 11.27 7.48
CA LEU C 301 24.30 10.52 7.68
C LEU C 301 24.02 9.00 7.59
N VAL C 302 24.88 8.27 6.85
CA VAL C 302 24.84 6.81 6.74
C VAL C 302 26.19 6.21 7.16
N GLU C 303 26.18 5.19 8.04
CA GLU C 303 27.40 4.58 8.58
C GLU C 303 27.88 3.49 7.62
N LEU C 304 29.14 3.62 7.16
CA LEU C 304 29.75 2.73 6.17
C LEU C 304 30.72 1.79 6.86
N ASP C 305 30.69 0.51 6.46
CA ASP C 305 31.61 -0.51 6.96
C ASP C 305 32.91 -0.45 6.15
N VAL C 306 33.73 0.58 6.40
CA VAL C 306 34.95 0.86 5.66
C VAL C 306 35.98 1.46 6.62
N LYS C 307 37.26 1.23 6.33
CA LYS C 307 38.34 1.65 7.21
C LYS C 307 39.24 2.63 6.48
N LEU C 308 39.20 3.93 6.89
CA LEU C 308 40.11 4.96 6.40
C LEU C 308 41.55 4.59 6.75
N SER C 309 41.71 3.86 7.85
CA SER C 309 43.00 3.39 8.32
C SER C 309 43.74 2.60 7.23
N ALA C 310 42.98 1.93 6.35
CA ALA C 310 43.54 1.13 5.26
C ALA C 310 44.49 1.96 4.40
N ILE C 311 44.14 3.24 4.19
CA ILE C 311 44.93 4.15 3.38
C ILE C 311 46.27 4.42 4.04
N ASP C 312 46.31 4.58 5.37
CA ASP C 312 47.58 4.85 6.02
C ASP C 312 48.38 3.55 6.08
N SER C 313 47.68 2.40 6.13
CA SER C 313 48.32 1.08 6.06
C SER C 313 49.10 0.93 4.76
N MET C 314 48.49 1.35 3.68
CA MET C 314 49.09 1.35 2.35
C MET C 314 50.37 2.18 2.31
N LEU C 315 50.35 3.39 2.91
CA LEU C 315 51.51 4.29 2.91
C LEU C 315 52.65 3.69 3.74
N ARG C 316 52.30 2.88 4.75
CA ARG C 316 53.26 2.19 5.60
C ARG C 316 54.13 1.26 4.76
N GLU C 317 53.54 0.65 3.72
CA GLU C 317 54.17 -0.40 2.95
C GLU C 317 54.54 0.11 1.54
N SER C 318 54.34 1.40 1.28
CA SER C 318 54.72 2.03 0.01
C SER C 318 55.94 2.92 0.21
N LEU C 319 55.93 3.73 1.29
CA LEU C 319 56.97 4.71 1.53
C LEU C 319 57.91 4.17 2.58
N PRO C 320 59.20 4.01 2.27
CA PRO C 320 60.16 3.56 3.26
C PRO C 320 60.13 4.47 4.49
N PHE C 321 60.00 3.86 5.67
CA PHE C 321 60.17 4.50 6.99
C PHE C 321 58.99 5.43 7.33
N TYR C 322 57.86 5.26 6.66
CA TYR C 322 56.66 6.06 6.89
C TYR C 322 56.17 5.87 8.34
N SER C 323 56.21 4.62 8.81
CA SER C 323 55.74 4.22 10.13
C SER C 323 56.53 4.93 11.21
N LEU C 324 57.81 5.26 10.93
CA LEU C 324 58.63 6.05 11.85
C LEU C 324 58.02 7.44 12.03
N ARG C 325 57.30 7.93 11.00
CA ARG C 325 56.65 9.23 11.06
C ARG C 325 55.44 9.15 12.00
N THR C 326 54.57 8.19 11.76
CA THR C 326 53.32 8.05 12.55
C THR C 326 53.62 7.63 13.99
N GLU C 327 54.66 6.82 14.23
CA GLU C 327 54.87 6.29 15.60
C GLU C 327 55.89 7.11 16.42
N ARG C 328 56.85 7.78 15.77
CA ARG C 328 57.92 8.45 16.53
C ARG C 328 58.16 9.87 16.04
N ASN C 329 57.32 10.36 15.12
CA ASN C 329 57.46 11.69 14.55
C ASN C 329 58.87 11.88 13.99
N LEU C 330 59.42 10.82 13.34
CA LEU C 330 60.71 10.88 12.63
C LEU C 330 60.46 10.86 11.11
N LEU C 331 61.10 11.80 10.39
CA LEU C 331 61.14 11.81 8.93
C LEU C 331 62.52 11.36 8.47
N VAL C 332 62.62 10.14 7.95
CA VAL C 332 63.89 9.67 7.38
C VAL C 332 63.72 9.66 5.87
N GLN C 333 64.64 10.35 5.17
CA GLN C 333 64.58 10.55 3.72
C GLN C 333 65.95 10.23 3.12
N GLU C 334 65.96 9.75 1.88
CA GLU C 334 67.19 9.58 1.10
C GLU C 334 67.99 10.90 1.10
N GLY C 335 69.30 10.79 1.38
CA GLY C 335 70.24 11.92 1.30
C GLY C 335 71.49 11.56 0.49
N GLU C 336 72.55 12.38 0.62
CA GLU C 336 73.79 12.26 -0.17
C GLU C 336 74.44 10.89 0.06
N GLU C 337 74.96 10.68 1.29
CA GLU C 337 75.48 9.40 1.75
C GLU C 337 74.52 8.86 2.82
N GLY C 338 73.58 8.01 2.37
CA GLY C 338 72.67 7.29 3.26
C GLY C 338 71.52 8.17 3.77
N PHE C 339 70.55 7.53 4.46
CA PHE C 339 69.29 8.15 4.87
C PHE C 339 69.51 9.23 5.93
N GLU C 340 68.75 10.33 5.83
CA GLU C 340 68.81 11.43 6.80
C GLU C 340 67.58 11.33 7.72
N VAL C 341 67.77 11.64 9.01
CA VAL C 341 66.73 11.57 10.04
C VAL C 341 66.50 12.97 10.61
N ARG C 342 65.23 13.45 10.55
CA ARG C 342 64.81 14.72 11.14
C ARG C 342 63.54 14.49 11.95
N SER C 343 63.32 15.35 12.98
CA SER C 343 61.97 15.62 13.51
C SER C 343 61.09 16.04 12.35
N TRP C 344 60.05 15.26 12.09
CA TRP C 344 59.03 15.57 11.10
C TRP C 344 58.37 16.90 11.45
N PRO C 345 58.01 17.77 10.47
CA PRO C 345 58.13 17.48 9.04
C PRO C 345 59.45 17.89 8.37
N GLY C 346 60.49 18.02 9.19
CA GLY C 346 61.86 18.23 8.69
C GLY C 346 62.15 19.69 8.46
N ILE C 347 61.81 20.54 9.44
CA ILE C 347 61.73 21.99 9.28
C ILE C 347 62.77 22.70 10.16
N ASP C 348 63.13 22.09 11.31
CA ASP C 348 64.25 22.56 12.12
C ASP C 348 65.55 22.32 11.35
N GLY C 349 66.68 22.78 11.90
CA GLY C 349 67.99 22.65 11.25
C GLY C 349 68.57 21.23 11.35
N LYS C 350 68.18 20.51 12.41
CA LYS C 350 68.92 19.35 12.91
C LYS C 350 68.71 18.15 12.00
N SER C 351 69.76 17.33 11.82
CA SER C 351 69.64 16.03 11.13
C SER C 351 70.66 15.03 11.70
N LYS C 352 70.22 13.75 11.81
CA LYS C 352 71.08 12.60 12.06
C LYS C 352 70.95 11.66 10.84
N THR C 353 71.70 10.53 10.84
CA THR C 353 71.92 9.72 9.62
C THR C 353 71.81 8.22 9.92
N ILE C 354 71.32 7.45 8.93
CA ILE C 354 71.15 6.01 9.00
C ILE C 354 71.85 5.39 7.78
N LEU C 355 72.80 4.47 8.01
CA LEU C 355 73.60 3.88 6.94
C LEU C 355 73.36 2.37 6.87
N LEU C 356 72.74 1.92 5.77
CA LEU C 356 72.47 0.50 5.54
C LEU C 356 73.47 -0.05 4.53
N ASP C 357 74.00 -1.25 4.81
CA ASP C 357 74.87 -1.98 3.88
C ASP C 357 74.35 -1.89 2.46
N ASN C 358 73.09 -2.33 2.25
CA ASN C 358 72.34 -2.17 1.00
C ASN C 358 71.08 -1.32 1.26
N PRO C 359 71.16 0.02 1.02
CA PRO C 359 70.03 0.92 1.26
C PRO C 359 68.71 0.58 0.57
N GLU C 360 68.77 -0.14 -0.54
CA GLU C 360 67.60 -0.49 -1.34
C GLU C 360 66.84 -1.68 -0.72
N ASP C 361 67.54 -2.51 0.08
CA ASP C 361 67.01 -3.80 0.57
C ASP C 361 65.85 -3.57 1.55
N ALA C 362 64.71 -4.20 1.25
CA ALA C 362 63.47 -4.01 2.00
C ALA C 362 63.61 -4.52 3.44
N ALA C 363 64.31 -5.66 3.60
CA ALA C 363 64.46 -6.34 4.89
C ALA C 363 65.40 -5.57 5.82
N GLN C 364 66.43 -4.91 5.26
CA GLN C 364 67.39 -4.14 6.04
C GLN C 364 66.72 -2.87 6.53
N GLN C 365 65.86 -2.27 5.67
CA GLN C 365 65.05 -1.11 6.03
C GLN C 365 64.16 -1.43 7.23
N LYS C 366 63.41 -2.54 7.14
CA LYS C 366 62.46 -2.94 8.17
C LYS C 366 63.22 -3.21 9.48
N SER C 367 64.35 -3.91 9.36
CA SER C 367 65.25 -4.22 10.48
C SER C 367 65.52 -2.97 11.33
N ILE C 368 66.05 -1.92 10.69
CA ILE C 368 66.44 -0.69 11.38
C ILE C 368 65.19 0.09 11.79
N GLU C 369 64.12 -0.02 10.99
CA GLU C 369 62.82 0.58 11.31
C GLU C 369 62.38 0.04 12.68
N ARG C 370 62.42 -1.29 12.87
CA ARG C 370 61.94 -1.94 14.11
C ARG C 370 62.87 -1.62 15.27
N PHE C 371 64.17 -1.65 15.01
CA PHE C 371 65.18 -1.30 15.99
C PHE C 371 64.87 0.08 16.55
N ILE C 372 64.62 1.05 15.65
CA ILE C 372 64.40 2.45 16.07
C ILE C 372 63.13 2.51 16.94
N LEU C 373 62.06 1.85 16.49
CA LEU C 373 60.79 1.80 17.22
C LEU C 373 61.01 1.30 18.66
N ALA C 374 61.77 0.24 18.80
CA ALA C 374 62.01 -0.44 20.06
C ALA C 374 62.95 0.38 20.99
N ASN C 375 63.85 1.19 20.45
CA ASN C 375 64.97 1.77 21.22
C ASN C 375 64.84 3.28 21.48
N PHE C 376 63.97 3.99 20.72
CA PHE C 376 63.91 5.45 20.72
C PHE C 376 62.46 5.94 20.73
N ASP C 377 62.17 6.86 21.67
CA ASP C 377 60.85 7.48 21.79
C ASP C 377 60.72 8.70 20.86
N ASN C 378 61.87 9.32 20.50
CA ASN C 378 61.89 10.59 19.75
C ASN C 378 63.28 10.85 19.18
N PHE C 379 63.39 11.91 18.36
CA PHE C 379 64.60 12.27 17.62
C PHE C 379 65.78 12.55 18.57
N GLU C 380 65.49 13.17 19.72
CA GLU C 380 66.52 13.71 20.62
C GLU C 380 67.35 12.55 21.21
N GLN C 381 66.69 11.39 21.37
CA GLN C 381 67.27 10.19 21.98
C GLN C 381 68.15 9.40 21.00
N MET C 382 67.93 9.58 19.68
CA MET C 382 68.68 8.87 18.65
C MET C 382 70.14 9.31 18.67
N PRO C 383 71.10 8.39 18.41
CA PRO C 383 72.51 8.77 18.21
C PRO C 383 72.70 9.47 16.87
N ASP C 384 73.74 10.31 16.79
CA ASP C 384 74.02 11.13 15.61
C ASP C 384 74.01 10.26 14.35
N GLU C 385 74.55 9.04 14.46
CA GLU C 385 74.72 8.20 13.29
C GLU C 385 74.41 6.75 13.69
N LEU C 386 73.70 6.04 12.80
CA LEU C 386 73.22 4.69 13.04
C LEU C 386 73.55 3.79 11.83
N PHE C 387 74.18 2.63 12.09
CA PHE C 387 74.63 1.72 11.04
C PHE C 387 73.93 0.37 11.18
N LEU C 388 73.52 -0.19 10.05
CA LEU C 388 73.17 -1.60 9.94
C LEU C 388 74.19 -2.24 9.02
N VAL C 389 75.09 -3.02 9.62
CA VAL C 389 76.29 -3.54 8.98
C VAL C 389 76.45 -5.00 9.37
N ASP C 390 76.39 -5.89 8.38
CA ASP C 390 76.79 -7.27 8.58
C ASP C 390 75.99 -7.86 9.73
N ASN C 391 74.67 -7.57 9.75
CA ASN C 391 73.70 -8.10 10.70
C ASN C 391 73.98 -7.61 12.13
N LYS C 392 74.60 -6.43 12.24
CA LYS C 392 74.77 -5.71 13.51
C LYS C 392 74.17 -4.30 13.39
N VAL C 393 73.67 -3.74 14.50
CA VAL C 393 73.39 -2.31 14.59
C VAL C 393 74.53 -1.65 15.38
N LEU C 394 75.22 -0.70 14.73
CA LEU C 394 76.28 0.12 15.33
C LEU C 394 75.77 1.55 15.48
N SER C 395 76.38 2.30 16.39
CA SER C 395 76.13 3.72 16.56
C SER C 395 77.46 4.43 16.74
N HIS C 396 77.59 5.61 16.13
CA HIS C 396 78.56 6.62 16.50
C HIS C 396 77.79 7.84 17.04
N HIS C 397 78.22 8.35 18.21
CA HIS C 397 77.71 9.60 18.77
C HIS C 397 78.88 10.49 19.23
N ASP C 398 79.76 9.95 20.13
CA ASP C 398 81.13 10.49 20.34
C ASP C 398 82.16 9.35 20.30
N GLY C 399 81.81 8.19 20.92
CA GLY C 399 82.37 6.90 20.58
C GLY C 399 81.43 6.08 19.68
N ARG C 400 81.50 4.75 19.82
CA ARG C 400 81.08 3.78 18.80
C ARG C 400 80.87 2.43 19.48
N THR C 401 79.65 1.87 19.42
CA THR C 401 79.32 0.60 20.06
C THR C 401 78.37 -0.20 19.19
N ARG C 402 78.63 -1.51 19.06
CA ARG C 402 77.62 -2.45 18.61
C ARG C 402 76.55 -2.55 19.70
N ILE C 403 75.29 -2.30 19.31
CA ILE C 403 74.15 -2.26 20.22
C ILE C 403 73.41 -3.60 20.17
N ILE C 404 73.35 -4.20 18.96
CA ILE C 404 72.68 -5.48 18.74
C ILE C 404 73.32 -6.20 17.54
N ALA C 405 73.22 -7.53 17.56
CA ALA C 405 73.69 -8.41 16.50
C ALA C 405 72.57 -9.40 16.24
N GLN C 406 72.47 -9.90 15.00
CA GLN C 406 71.48 -10.94 14.65
C GLN C 406 72.20 -12.27 14.35
N LYS C 407 71.84 -13.36 15.02
CA LYS C 407 72.43 -14.69 14.68
C LYS C 407 71.29 -15.53 14.07
N GLU C 408 70.11 -15.52 14.68
CA GLU C 408 68.90 -16.11 14.04
C GLU C 408 67.82 -15.08 14.40
N ASP C 409 68.11 -14.29 15.44
CA ASP C 409 67.20 -13.26 15.96
C ASP C 409 68.10 -12.19 16.56
N GLY C 410 67.55 -11.10 17.08
CA GLY C 410 68.36 -9.99 17.61
C GLY C 410 68.64 -10.14 19.12
N ALA C 411 69.93 -10.00 19.50
CA ALA C 411 70.36 -9.93 20.91
C ALA C 411 71.07 -8.59 21.15
N TRP C 412 70.93 -8.03 22.35
CA TRP C 412 71.48 -6.71 22.68
C TRP C 412 72.89 -6.82 23.31
N THR C 413 73.85 -6.06 22.71
CA THR C 413 75.24 -5.86 23.18
C THR C 413 76.16 -6.84 22.41
N LEU D 7 49.90 -20.68 11.79
CA LEU D 7 50.95 -19.78 11.23
C LEU D 7 52.00 -20.59 10.45
N THR D 8 52.37 -20.08 9.27
CA THR D 8 53.50 -20.57 8.47
C THR D 8 54.81 -20.44 9.25
N GLU D 9 55.67 -21.46 9.19
CA GLU D 9 56.94 -21.49 9.90
C GLU D 9 57.77 -20.23 9.57
N GLU D 10 57.67 -19.78 8.31
CA GLU D 10 58.34 -18.57 7.81
C GLU D 10 57.82 -17.33 8.54
N GLN D 11 56.48 -17.22 8.65
CA GLN D 11 55.84 -16.13 9.38
C GLN D 11 56.30 -16.13 10.83
N ILE D 12 56.33 -17.33 11.46
CA ILE D 12 56.77 -17.54 12.85
C ILE D 12 58.20 -17.01 13.03
N ALA D 13 59.03 -17.24 12.01
CA ALA D 13 60.44 -16.84 12.01
C ALA D 13 60.56 -15.33 11.85
N GLU D 14 59.72 -14.74 10.96
CA GLU D 14 59.63 -13.29 10.76
C GLU D 14 59.21 -12.60 12.08
N PHE D 15 58.16 -13.15 12.72
CA PHE D 15 57.59 -12.60 13.94
C PHE D 15 58.57 -12.73 15.12
N LYS D 16 59.41 -13.77 15.09
CA LYS D 16 60.44 -13.97 16.11
C LYS D 16 61.50 -12.88 15.97
N GLU D 17 62.02 -12.70 14.75
CA GLU D 17 63.04 -11.69 14.46
C GLU D 17 62.54 -10.32 14.95
N ALA D 18 61.35 -9.93 14.50
CA ALA D 18 60.76 -8.64 14.88
C ALA D 18 60.65 -8.54 16.40
N PHE D 19 60.03 -9.54 17.01
CA PHE D 19 59.78 -9.61 18.46
C PHE D 19 61.07 -9.43 19.27
N SER D 20 62.20 -10.00 18.77
CA SER D 20 63.46 -10.03 19.50
C SER D 20 64.04 -8.63 19.62
N LEU D 21 63.64 -7.74 18.69
CA LEU D 21 64.11 -6.35 18.71
C LEU D 21 63.45 -5.56 19.87
N PHE D 22 62.25 -5.98 20.28
CA PHE D 22 61.48 -5.28 21.33
C PHE D 22 61.72 -5.93 22.71
N ASP D 23 62.35 -7.12 22.71
CA ASP D 23 62.76 -7.84 23.91
C ASP D 23 64.23 -7.54 24.21
N LYS D 24 64.50 -6.48 25.00
CA LYS D 24 65.83 -5.86 25.04
C LYS D 24 66.68 -6.39 26.20
N ASP D 25 66.29 -7.53 26.77
CA ASP D 25 67.09 -8.24 27.75
C ASP D 25 66.84 -9.75 27.64
N GLY D 26 66.25 -10.18 26.52
CA GLY D 26 66.04 -11.59 26.22
C GLY D 26 65.35 -12.39 27.34
N ASP D 27 64.30 -11.80 27.95
CA ASP D 27 63.45 -12.50 28.92
C ASP D 27 62.39 -13.30 28.18
N GLY D 28 62.24 -13.02 26.87
CA GLY D 28 61.29 -13.70 25.99
C GLY D 28 59.91 -13.02 26.01
N THR D 29 59.83 -11.89 26.71
CA THR D 29 58.59 -11.10 26.81
C THR D 29 58.82 -9.69 26.28
N ILE D 30 57.76 -8.97 25.98
CA ILE D 30 57.84 -7.54 25.64
C ILE D 30 56.85 -6.75 26.48
N THR D 31 57.17 -5.45 26.73
CA THR D 31 56.28 -4.43 27.29
C THR D 31 54.93 -4.46 26.59
N THR D 32 53.84 -4.24 27.36
CA THR D 32 52.46 -4.19 26.84
C THR D 32 52.20 -2.89 26.10
N LYS D 33 52.88 -1.81 26.52
CA LYS D 33 52.84 -0.50 25.87
C LYS D 33 53.29 -0.57 24.41
N GLU D 34 53.88 -1.71 23.99
CA GLU D 34 54.53 -1.84 22.68
C GLU D 34 53.78 -2.85 21.80
N LEU D 35 52.77 -3.50 22.34
CA LEU D 35 52.14 -4.59 21.62
C LEU D 35 51.63 -4.09 20.26
N GLY D 36 51.02 -2.90 20.24
CA GLY D 36 50.44 -2.31 19.03
C GLY D 36 51.50 -1.92 17.99
N THR D 37 52.58 -1.29 18.46
CA THR D 37 53.71 -0.92 17.62
C THR D 37 54.20 -2.14 16.84
N VAL D 38 54.43 -3.26 17.56
CA VAL D 38 55.04 -4.44 16.98
C VAL D 38 54.10 -5.01 15.93
N MET D 39 52.82 -5.18 16.31
CA MET D 39 51.82 -5.75 15.39
C MET D 39 51.66 -4.87 14.12
N ARG D 40 51.72 -3.54 14.28
CA ARG D 40 51.57 -2.62 13.15
C ARG D 40 52.81 -2.70 12.23
N SER D 41 54.01 -2.86 12.82
CA SER D 41 55.25 -2.99 12.06
C SER D 41 55.24 -4.30 11.24
N LEU D 42 54.49 -5.30 11.74
CA LEU D 42 54.32 -6.59 11.05
C LEU D 42 53.06 -6.62 10.20
N GLY D 43 52.35 -5.48 10.10
CA GLY D 43 51.31 -5.27 9.09
C GLY D 43 49.88 -5.57 9.60
N GLN D 44 49.74 -5.74 10.90
CA GLN D 44 48.43 -5.89 11.54
C GLN D 44 48.13 -4.62 12.36
N ASN D 45 46.91 -4.08 12.18
CA ASN D 45 46.54 -2.77 12.70
C ASN D 45 45.30 -2.87 13.59
N PRO D 46 45.42 -3.36 14.85
CA PRO D 46 44.26 -3.55 15.74
C PRO D 46 43.78 -2.24 16.39
N THR D 47 42.45 -2.14 16.57
CA THR D 47 41.80 -1.02 17.22
C THR D 47 42.26 -0.96 18.67
N GLU D 48 42.16 0.23 19.31
CA GLU D 48 42.47 0.45 20.73
C GLU D 48 41.80 -0.63 21.59
N ALA D 49 40.59 -1.03 21.16
CA ALA D 49 39.73 -1.94 21.90
C ALA D 49 40.13 -3.38 21.62
N GLU D 50 40.26 -3.74 20.32
CA GLU D 50 40.83 -5.02 19.88
C GLU D 50 42.14 -5.30 20.63
N LEU D 51 42.97 -4.25 20.82
CA LEU D 51 44.23 -4.33 21.55
C LEU D 51 43.97 -4.64 23.02
N GLN D 52 42.92 -4.04 23.60
CA GLN D 52 42.67 -4.09 25.04
C GLN D 52 42.12 -5.45 25.46
N ASP D 53 41.26 -6.03 24.62
CA ASP D 53 40.85 -7.44 24.72
C ASP D 53 42.09 -8.36 24.60
N MET D 54 43.27 -7.77 24.30
CA MET D 54 44.56 -8.45 24.34
C MET D 54 45.36 -8.02 25.61
N ILE D 55 45.46 -6.70 25.85
CA ILE D 55 46.34 -6.12 26.89
C ILE D 55 45.97 -6.66 28.28
N ASN D 56 44.67 -6.88 28.53
CA ASN D 56 44.15 -7.15 29.88
C ASN D 56 43.92 -8.66 30.09
N GLU D 57 43.73 -9.42 28.98
CA GLU D 57 43.66 -10.88 29.00
C GLU D 57 45.02 -11.46 29.43
N VAL D 58 46.08 -10.97 28.79
CA VAL D 58 47.44 -11.50 28.93
C VAL D 58 48.08 -10.94 30.19
N ASP D 59 47.54 -9.82 30.71
CA ASP D 59 48.12 -9.09 31.82
C ASP D 59 47.22 -9.23 33.05
N ALA D 60 46.89 -10.48 33.41
CA ALA D 60 46.21 -10.82 34.66
C ALA D 60 47.05 -10.37 35.86
N ASP D 61 48.27 -10.90 35.96
CA ASP D 61 49.21 -10.57 37.04
C ASP D 61 49.32 -9.05 37.22
N GLY D 62 49.37 -8.32 36.10
CA GLY D 62 49.44 -6.86 36.12
C GLY D 62 50.89 -6.33 36.15
N ASN D 63 51.85 -7.22 35.85
CA ASN D 63 53.21 -6.80 35.46
C ASN D 63 53.28 -6.84 33.93
N GLY D 64 53.29 -5.65 33.31
CA GLY D 64 53.10 -5.51 31.88
C GLY D 64 54.21 -6.32 31.16
N THR D 65 53.78 -7.37 30.42
CA THR D 65 54.62 -8.17 29.52
C THR D 65 53.77 -9.14 28.68
N ILE D 66 54.33 -9.62 27.54
CA ILE D 66 53.67 -10.60 26.64
C ILE D 66 54.68 -11.71 26.28
N ASP D 67 54.21 -12.99 26.33
CA ASP D 67 54.97 -14.15 25.84
C ASP D 67 55.09 -14.07 24.32
N PHE D 68 56.10 -14.74 23.76
CA PHE D 68 56.21 -14.91 22.31
C PHE D 68 55.10 -15.83 21.79
N PRO D 69 54.79 -16.96 22.47
CA PRO D 69 53.66 -17.81 22.08
C PRO D 69 52.30 -17.10 22.21
N GLU D 70 52.17 -16.25 23.24
CA GLU D 70 51.02 -15.37 23.40
C GLU D 70 50.91 -14.47 22.15
N PHE D 71 52.03 -13.83 21.77
CA PHE D 71 52.10 -12.91 20.65
C PHE D 71 51.68 -13.59 19.34
N LEU D 72 52.22 -14.80 19.10
CA LEU D 72 51.88 -15.59 17.91
C LEU D 72 50.36 -15.79 17.78
N THR D 73 49.67 -15.93 18.92
CA THR D 73 48.22 -16.08 18.99
C THR D 73 47.57 -14.79 18.50
N MET D 74 48.04 -13.66 19.06
CA MET D 74 47.49 -12.33 18.78
C MET D 74 47.60 -12.02 17.28
N MET D 75 48.79 -12.28 16.70
CA MET D 75 49.07 -12.01 15.31
C MET D 75 48.13 -12.84 14.41
N ALA D 76 47.92 -14.11 14.79
CA ALA D 76 47.10 -15.06 14.04
C ALA D 76 45.62 -14.66 14.10
N ARG D 77 45.18 -14.21 15.31
CA ARG D 77 43.84 -13.65 15.54
C ARG D 77 43.49 -12.57 14.52
N LYS D 78 44.28 -11.50 14.53
CA LYS D 78 43.99 -10.30 13.76
C LYS D 78 44.04 -10.63 12.26
N MET D 79 44.85 -11.64 11.89
CA MET D 79 45.13 -11.98 10.50
C MET D 79 43.88 -12.57 9.83
N LYS D 80 43.12 -13.40 10.58
CA LYS D 80 41.87 -14.00 10.12
C LYS D 80 40.88 -12.89 9.72
N ASP D 81 40.87 -11.80 10.51
CA ASP D 81 39.86 -10.74 10.43
C ASP D 81 40.15 -9.80 9.24
N THR D 82 41.44 -9.45 9.04
CA THR D 82 41.84 -8.37 8.15
C THR D 82 42.22 -8.89 6.76
N ASP D 83 41.43 -8.46 5.75
CA ASP D 83 41.78 -8.58 4.33
C ASP D 83 42.35 -7.23 3.86
N SER D 84 43.69 -7.06 4.03
CA SER D 84 44.42 -5.83 3.67
C SER D 84 44.05 -5.37 2.25
N GLU D 85 44.09 -6.29 1.30
CA GLU D 85 43.75 -6.06 -0.11
C GLU D 85 42.40 -5.31 -0.21
N GLU D 86 41.37 -5.84 0.46
CA GLU D 86 39.97 -5.50 0.19
C GLU D 86 39.54 -4.23 0.94
N GLU D 87 40.10 -4.03 2.13
CA GLU D 87 39.89 -2.81 2.92
C GLU D 87 40.31 -1.57 2.10
N ILE D 88 41.50 -1.63 1.47
CA ILE D 88 42.03 -0.53 0.68
C ILE D 88 41.08 -0.24 -0.50
N ARG D 89 40.61 -1.30 -1.17
CA ARG D 89 39.72 -1.15 -2.33
C ARG D 89 38.42 -0.44 -1.89
N GLU D 90 37.85 -0.92 -0.78
CA GLU D 90 36.59 -0.39 -0.27
C GLU D 90 36.80 1.04 0.24
N ALA D 91 37.97 1.32 0.84
CA ALA D 91 38.32 2.66 1.28
C ALA D 91 38.18 3.64 0.11
N PHE D 92 38.81 3.33 -1.03
CA PHE D 92 38.81 4.20 -2.21
C PHE D 92 37.43 4.20 -2.88
N ARG D 93 36.77 3.03 -2.90
CA ARG D 93 35.47 2.87 -3.56
C ARG D 93 34.45 3.87 -3.00
N VAL D 94 34.59 4.20 -1.70
CA VAL D 94 33.72 5.15 -1.01
C VAL D 94 33.65 6.47 -1.78
N PHE D 95 34.78 6.85 -2.43
CA PHE D 95 34.95 8.15 -3.08
C PHE D 95 34.62 8.06 -4.58
N ASP D 96 34.27 6.85 -5.04
CA ASP D 96 33.96 6.56 -6.44
C ASP D 96 32.46 6.69 -6.66
N LYS D 97 32.04 7.91 -7.04
CA LYS D 97 30.63 8.28 -7.09
C LYS D 97 29.84 7.33 -8.02
N ASP D 98 30.40 7.00 -9.20
CA ASP D 98 29.67 6.26 -10.23
C ASP D 98 30.08 4.79 -10.26
N GLY D 99 31.04 4.38 -9.41
CA GLY D 99 31.40 2.97 -9.20
C GLY D 99 32.06 2.30 -10.42
N ASN D 100 32.69 3.11 -11.29
CA ASN D 100 33.34 2.65 -12.52
C ASN D 100 34.82 2.34 -12.26
N GLY D 101 35.26 2.42 -10.99
CA GLY D 101 36.63 2.08 -10.60
C GLY D 101 37.62 3.23 -10.88
N TYR D 102 37.09 4.40 -11.24
CA TYR D 102 37.90 5.58 -11.51
C TYR D 102 37.42 6.72 -10.60
N ILE D 103 38.39 7.50 -10.10
CA ILE D 103 38.14 8.82 -9.52
C ILE D 103 39.08 9.80 -10.20
N SER D 104 38.64 11.07 -10.29
CA SER D 104 39.48 12.16 -10.78
C SER D 104 40.77 12.26 -9.96
N ALA D 105 41.83 12.79 -10.60
CA ALA D 105 43.09 13.08 -9.97
C ALA D 105 42.88 14.04 -8.78
N ALA D 106 41.91 14.94 -8.92
CA ALA D 106 41.57 15.92 -7.88
C ALA D 106 41.03 15.20 -6.64
N GLU D 107 40.01 14.35 -6.84
CA GLU D 107 39.46 13.47 -5.80
C GLU D 107 40.59 12.72 -5.10
N LEU D 108 41.54 12.21 -5.87
CA LEU D 108 42.59 11.35 -5.31
C LEU D 108 43.52 12.19 -4.46
N ARG D 109 43.85 13.40 -4.96
CA ARG D 109 44.64 14.39 -4.23
C ARG D 109 43.97 14.72 -2.89
N HIS D 110 42.65 14.89 -2.90
CA HIS D 110 41.87 15.28 -1.71
C HIS D 110 41.85 14.14 -0.72
N VAL D 111 41.63 12.91 -1.20
CA VAL D 111 41.69 11.72 -0.36
C VAL D 111 43.06 11.62 0.32
N MET D 112 44.13 11.72 -0.46
CA MET D 112 45.47 11.37 0.00
C MET D 112 46.03 12.45 0.95
N THR D 113 45.77 13.75 0.67
CA THR D 113 46.25 14.83 1.53
C THR D 113 45.53 14.71 2.90
N ASN D 114 44.25 14.28 2.86
CA ASN D 114 43.40 14.12 4.05
C ASN D 114 43.82 12.90 4.89
N LEU D 115 44.05 11.75 4.24
CA LEU D 115 44.25 10.48 4.95
C LEU D 115 45.73 10.14 5.06
N GLY D 116 46.58 11.08 4.70
CA GLY D 116 48.01 10.95 4.89
C GLY D 116 48.53 11.76 6.07
N GLU D 117 48.52 11.13 7.25
CA GLU D 117 48.85 11.79 8.50
C GLU D 117 50.20 12.51 8.41
N LYS D 118 51.20 11.87 7.74
CA LYS D 118 52.60 12.30 7.79
C LYS D 118 53.22 12.43 6.39
N LEU D 119 52.36 12.55 5.37
CA LEU D 119 52.81 12.89 4.01
C LEU D 119 53.31 14.35 3.99
N THR D 120 54.27 14.63 3.10
CA THR D 120 54.61 15.99 2.67
C THR D 120 53.75 16.39 1.47
N ASP D 121 53.65 17.70 1.20
CA ASP D 121 53.01 18.17 -0.03
C ASP D 121 53.67 17.56 -1.28
N GLU D 122 55.02 17.58 -1.31
CA GLU D 122 55.85 16.98 -2.38
C GLU D 122 55.40 15.53 -2.64
N GLU D 123 55.28 14.73 -1.58
CA GLU D 123 54.92 13.31 -1.70
C GLU D 123 53.56 13.17 -2.39
N VAL D 124 52.61 14.06 -2.04
CA VAL D 124 51.28 14.03 -2.64
C VAL D 124 51.37 14.38 -4.14
N ASP D 125 52.16 15.43 -4.48
CA ASP D 125 52.47 15.81 -5.87
C ASP D 125 53.02 14.61 -6.66
N GLN D 126 53.96 13.87 -6.03
CA GLN D 126 54.61 12.70 -6.62
C GLN D 126 53.58 11.60 -6.95
N MET D 127 52.72 11.27 -5.97
CA MET D 127 51.64 10.26 -6.12
C MET D 127 50.80 10.52 -7.36
N ILE D 128 50.39 11.78 -7.55
CA ILE D 128 49.54 12.16 -8.67
C ILE D 128 50.40 12.27 -9.95
N ARG D 129 51.62 12.85 -9.84
CA ARG D 129 52.62 12.90 -10.92
C ARG D 129 52.81 11.54 -11.58
N GLU D 130 52.96 10.50 -10.75
CA GLU D 130 53.47 9.20 -11.17
C GLU D 130 52.32 8.24 -11.44
N ALA D 131 51.08 8.71 -11.21
CA ALA D 131 49.87 7.96 -11.52
C ALA D 131 49.54 8.12 -13.00
N ASP D 132 48.70 7.20 -13.53
CA ASP D 132 48.27 7.20 -14.93
C ASP D 132 46.91 7.87 -15.05
N ILE D 133 46.92 9.21 -15.23
CA ILE D 133 45.71 10.02 -15.34
C ILE D 133 45.31 10.11 -16.81
N ASP D 134 44.07 9.75 -17.14
CA ASP D 134 43.63 9.50 -18.51
C ASP D 134 43.04 10.78 -19.11
N GLY D 135 42.45 10.67 -20.33
CA GLY D 135 41.95 11.83 -21.08
C GLY D 135 40.97 12.70 -20.28
N ASP D 136 40.02 12.04 -19.59
CA ASP D 136 38.97 12.69 -18.81
C ASP D 136 39.54 13.46 -17.61
N GLY D 137 40.80 13.13 -17.23
CA GLY D 137 41.42 13.55 -15.99
C GLY D 137 41.22 12.54 -14.85
N GLN D 138 40.92 11.28 -15.22
CA GLN D 138 40.55 10.25 -14.27
C GLN D 138 41.77 9.38 -13.98
N VAL D 139 41.73 8.63 -12.87
CA VAL D 139 42.75 7.66 -12.52
C VAL D 139 42.04 6.45 -11.93
N ASN D 140 42.64 5.27 -12.15
CA ASN D 140 42.09 3.98 -11.79
C ASN D 140 42.70 3.56 -10.46
N TYR D 141 41.90 3.60 -9.39
CA TYR D 141 42.44 3.54 -8.02
C TYR D 141 42.98 2.13 -7.75
N GLU D 142 42.37 1.10 -8.38
CA GLU D 142 42.85 -0.29 -8.28
C GLU D 142 44.31 -0.37 -8.74
N GLU D 143 44.62 0.26 -9.88
CA GLU D 143 45.98 0.31 -10.44
C GLU D 143 46.87 1.25 -9.60
N PHE D 144 46.29 2.35 -9.09
CA PHE D 144 47.01 3.28 -8.23
C PHE D 144 47.60 2.50 -7.05
N VAL D 145 46.78 1.73 -6.33
CA VAL D 145 47.24 0.96 -5.18
C VAL D 145 48.34 -0.05 -5.60
N GLN D 146 48.10 -0.80 -6.70
CA GLN D 146 49.09 -1.76 -7.25
C GLN D 146 50.48 -1.11 -7.33
N MET D 147 50.57 0.02 -8.06
CA MET D 147 51.82 0.74 -8.28
C MET D 147 52.47 1.13 -6.95
N MET D 148 51.65 1.70 -6.03
CA MET D 148 52.12 2.20 -4.73
C MET D 148 52.74 1.06 -3.92
N THR D 149 52.02 -0.10 -3.89
CA THR D 149 52.42 -1.33 -3.18
C THR D 149 53.79 -1.84 -3.66
N ALA D 150 53.88 -2.21 -4.96
CA ALA D 150 55.08 -2.78 -5.58
C ALA D 150 56.31 -1.92 -5.23
N SER E 10 -17.72 55.59 10.09
CA SER E 10 -16.87 54.91 9.07
C SER E 10 -17.65 53.80 8.36
N LEU E 11 -17.38 53.62 7.06
CA LEU E 11 -17.88 52.48 6.32
C LEU E 11 -17.15 51.23 6.81
N VAL E 12 -15.81 51.34 6.93
CA VAL E 12 -14.95 50.19 7.27
C VAL E 12 -15.28 49.69 8.68
N ALA E 13 -15.48 50.61 9.61
CA ALA E 13 -15.78 50.28 11.01
C ALA E 13 -17.10 49.50 11.12
N ALA E 14 -18.12 49.96 10.38
CA ALA E 14 -19.43 49.31 10.30
C ALA E 14 -19.33 47.94 9.63
N ARG E 15 -18.49 47.84 8.59
CA ARG E 15 -18.25 46.58 7.88
C ARG E 15 -17.65 45.56 8.84
N ALA E 16 -16.75 46.03 9.72
CA ALA E 16 -15.96 45.20 10.62
C ALA E 16 -16.78 44.80 11.85
N GLU E 17 -17.79 45.62 12.18
CA GLU E 17 -18.76 45.28 13.22
C GLU E 17 -19.57 44.07 12.77
N LYS E 18 -19.89 44.03 11.46
CA LYS E 18 -20.72 43.00 10.84
C LYS E 18 -19.95 41.69 10.75
N VAL E 19 -18.65 41.81 10.39
CA VAL E 19 -17.72 40.69 10.31
C VAL E 19 -17.50 40.11 11.70
N ALA E 20 -17.37 40.99 12.70
CA ALA E 20 -17.18 40.59 14.10
C ALA E 20 -18.33 39.68 14.57
N ASN E 21 -19.56 40.09 14.25
CA ASN E 21 -20.78 39.38 14.65
C ASN E 21 -20.95 38.09 13.85
N LEU E 22 -20.52 38.09 12.59
CA LEU E 22 -20.45 36.88 11.79
C LEU E 22 -19.42 35.91 12.38
N TYR E 23 -18.27 36.45 12.82
CA TYR E 23 -17.19 35.64 13.38
C TYR E 23 -17.65 35.03 14.70
N ARG E 24 -18.31 35.84 15.53
CA ARG E 24 -18.88 35.41 16.80
C ARG E 24 -19.86 34.26 16.57
N TRP E 25 -20.73 34.42 15.57
CA TRP E 25 -21.69 33.40 15.18
C TRP E 25 -21.00 32.09 14.82
N LEU E 26 -19.95 32.16 14.01
CA LEU E 26 -19.26 30.95 13.54
C LEU E 26 -18.56 30.27 14.70
N ASP E 27 -18.28 31.04 15.78
CA ASP E 27 -17.55 30.59 16.98
C ASP E 27 -18.51 30.27 18.13
N THR E 28 -19.85 30.26 17.87
CA THR E 28 -20.89 30.08 18.91
C THR E 28 -20.67 28.77 19.69
N ASP E 29 -20.06 27.75 19.06
CA ASP E 29 -19.90 26.43 19.66
C ASP E 29 -18.58 26.39 20.45
N ASN E 30 -17.48 26.84 19.82
CA ASN E 30 -16.17 26.98 20.46
C ASN E 30 -16.22 27.95 21.65
N ASP E 31 -16.93 29.06 21.49
CA ASP E 31 -17.02 30.14 22.48
C ASP E 31 -15.64 30.52 23.05
N VAL E 32 -14.68 30.84 22.15
CA VAL E 32 -13.34 31.32 22.54
C VAL E 32 -13.27 32.84 22.41
N ALA E 33 -14.38 33.48 22.03
CA ALA E 33 -14.41 34.91 21.73
C ALA E 33 -14.47 35.69 23.04
N THR E 34 -13.87 36.89 23.04
CA THR E 34 -13.90 37.80 24.18
C THR E 34 -14.15 39.24 23.68
N ASP E 35 -14.15 40.20 24.63
CA ASP E 35 -14.30 41.63 24.35
C ASP E 35 -13.14 42.13 23.49
N LYS E 36 -11.99 41.45 23.60
CA LYS E 36 -10.75 41.86 22.95
C LYS E 36 -10.41 40.92 21.78
N TYR E 37 -10.82 39.64 21.86
CA TYR E 37 -10.42 38.64 20.86
C TYR E 37 -11.66 38.08 20.16
N VAL E 38 -11.70 38.19 18.83
CA VAL E 38 -12.67 37.48 17.99
C VAL E 38 -11.91 36.57 17.05
N PRO E 39 -12.20 35.25 17.04
CA PRO E 39 -11.46 34.30 16.20
C PRO E 39 -11.78 34.51 14.74
N VAL E 40 -10.74 34.48 13.89
CA VAL E 40 -10.87 34.42 12.45
C VAL E 40 -11.12 32.96 12.05
N PRO E 41 -12.24 32.64 11.36
CA PRO E 41 -12.56 31.27 10.94
C PRO E 41 -11.47 30.55 10.13
N GLY E 42 -11.04 29.36 10.60
CA GLY E 42 -10.03 28.53 9.91
C GLY E 42 -8.58 29.01 10.10
N PHE E 43 -8.40 29.98 11.02
CA PHE E 43 -7.10 30.57 11.31
C PHE E 43 -6.87 30.60 12.82
N GLU E 44 -6.24 29.53 13.35
CA GLU E 44 -5.89 29.37 14.75
C GLU E 44 -5.06 30.56 15.23
N ARG E 45 -5.25 30.97 16.49
CA ARG E 45 -4.35 31.92 17.14
C ARG E 45 -3.14 31.17 17.71
N VAL E 46 -1.92 31.63 17.33
CA VAL E 46 -0.66 31.20 17.93
C VAL E 46 -0.01 32.43 18.60
N ASP E 47 0.21 32.35 19.92
CA ASP E 47 0.47 33.51 20.77
C ASP E 47 1.92 33.95 20.70
N VAL E 48 2.16 35.25 20.94
CA VAL E 48 3.45 35.90 20.72
C VAL E 48 3.99 36.42 22.06
N ASP E 49 5.25 36.07 22.37
CA ASP E 49 5.95 36.55 23.57
C ASP E 49 7.28 37.20 23.16
N VAL E 50 7.20 38.46 22.68
CA VAL E 50 8.37 39.24 22.26
C VAL E 50 8.80 40.18 23.39
N SER E 51 10.12 40.42 23.47
CA SER E 51 10.70 41.48 24.29
C SER E 51 10.29 42.86 23.79
N ASP E 52 10.16 43.83 24.72
CA ASP E 52 9.84 45.23 24.38
C ASP E 52 10.83 45.79 23.35
N GLU E 53 12.10 45.35 23.41
CA GLU E 53 13.15 45.78 22.48
C GLU E 53 12.85 45.25 21.07
N VAL E 54 12.49 43.96 20.95
CA VAL E 54 12.15 43.33 19.68
C VAL E 54 10.93 44.01 19.08
N LYS E 55 9.94 44.32 19.94
CA LYS E 55 8.72 45.00 19.52
C LYS E 55 9.12 46.32 18.86
N GLN E 56 9.98 47.11 19.55
CA GLN E 56 10.41 48.43 19.07
C GLN E 56 11.23 48.30 17.78
N ARG E 57 11.94 47.18 17.63
CA ARG E 57 12.66 46.86 16.39
C ARG E 57 11.61 46.81 15.26
N MET E 58 10.73 45.81 15.34
CA MET E 58 9.67 45.59 14.36
C MET E 58 8.95 46.90 14.04
N ILE E 59 8.55 47.63 15.09
CA ILE E 59 7.73 48.84 14.96
C ILE E 59 8.42 49.88 14.09
N GLN E 60 9.76 50.04 14.27
CA GLN E 60 10.53 51.06 13.56
C GLN E 60 10.76 50.62 12.10
N SER E 61 11.03 49.31 11.87
CA SER E 61 11.14 48.74 10.53
C SER E 61 9.86 48.98 9.73
N MET E 62 8.71 48.82 10.40
CA MET E 62 7.40 49.17 9.87
C MET E 62 7.30 50.68 9.66
N SER E 63 7.70 51.46 10.68
CA SER E 63 7.57 52.92 10.69
C SER E 63 8.34 53.56 9.52
N GLY E 64 9.46 52.93 9.14
CA GLY E 64 10.30 53.40 8.04
C GLY E 64 9.72 53.03 6.67
N TYR E 65 9.23 51.78 6.54
CA TYR E 65 8.62 51.28 5.31
C TYR E 65 7.45 52.17 4.91
N ILE E 66 6.85 52.83 5.89
CA ILE E 66 5.75 53.75 5.65
C ILE E 66 6.26 55.04 5.02
N GLU E 67 7.32 55.62 5.61
CA GLU E 67 7.86 56.90 5.19
C GLU E 67 8.48 56.81 3.79
N HIS E 68 9.06 55.64 3.45
CA HIS E 68 9.87 55.51 2.24
C HIS E 68 9.17 54.66 1.16
N THR E 69 7.84 54.85 1.02
CA THR E 69 7.04 54.23 -0.06
C THR E 69 5.89 55.19 -0.42
N ASP E 70 5.27 54.99 -1.60
CA ASP E 70 4.12 55.77 -2.04
C ASP E 70 2.94 55.51 -1.11
N ASN E 71 2.67 56.42 -0.16
CA ASN E 71 1.59 56.24 0.80
C ASN E 71 0.81 57.53 0.95
N GLN E 72 -0.35 57.44 1.62
CA GLN E 72 -1.22 58.59 1.86
C GLN E 72 -1.23 58.92 3.35
N VAL E 73 -0.31 58.29 4.11
CA VAL E 73 -0.22 58.45 5.56
C VAL E 73 0.72 59.61 5.87
N PRO E 74 0.42 60.45 6.90
CA PRO E 74 1.29 61.56 7.27
C PRO E 74 2.61 61.08 7.88
N LYS E 75 3.64 61.94 7.84
CA LYS E 75 4.96 61.63 8.39
C LYS E 75 4.88 61.52 9.92
N ASP E 76 4.20 62.50 10.56
CA ASP E 76 4.10 62.59 12.02
C ASP E 76 3.45 61.32 12.58
N GLN E 77 2.27 60.94 12.01
CA GLN E 77 1.55 59.72 12.39
C GLN E 77 2.00 58.57 11.47
N ALA E 78 3.32 58.49 11.23
CA ALA E 78 3.92 57.36 10.54
C ALA E 78 4.35 56.28 11.54
N GLU E 79 4.44 56.66 12.83
CA GLU E 79 4.90 55.77 13.89
C GLU E 79 3.73 55.37 14.79
N ALA E 80 2.85 56.34 15.09
CA ALA E 80 1.55 56.09 15.71
C ALA E 80 0.90 54.86 15.07
N LEU E 81 0.90 54.82 13.73
CA LEU E 81 0.31 53.75 12.92
C LEU E 81 1.19 52.49 12.95
N ALA E 82 2.52 52.69 12.91
CA ALA E 82 3.50 51.61 12.87
C ALA E 82 3.36 50.69 14.09
N THR E 83 3.21 51.29 15.28
CA THR E 83 3.05 50.54 16.54
C THR E 83 1.65 49.91 16.58
N LEU E 84 0.63 50.72 16.25
CA LEU E 84 -0.77 50.31 16.29
C LEU E 84 -0.98 49.02 15.48
N PHE E 85 -0.33 48.95 14.31
CA PHE E 85 -0.51 47.82 13.41
C PHE E 85 0.11 46.55 14.01
N VAL E 86 1.37 46.64 14.46
CA VAL E 86 2.13 45.45 14.87
C VAL E 86 1.55 44.91 16.17
N GLU E 87 1.06 45.81 17.03
CA GLU E 87 0.41 45.43 18.28
C GLU E 87 -0.96 44.78 17.99
N SER E 88 -1.79 45.45 17.17
CA SER E 88 -3.07 44.91 16.73
C SER E 88 -2.89 43.52 16.15
N THR E 89 -1.87 43.38 15.29
CA THR E 89 -1.53 42.12 14.65
C THR E 89 -1.09 41.09 15.70
N LEU E 90 -0.11 41.46 16.53
CA LEU E 90 0.65 40.50 17.34
C LEU E 90 -0.16 40.08 18.56
N ASP E 91 -0.95 41.01 19.10
CA ASP E 91 -1.79 40.78 20.27
C ASP E 91 -3.18 40.24 19.89
N TYR E 92 -3.49 40.16 18.58
CA TYR E 92 -4.78 39.69 18.07
C TYR E 92 -5.94 40.46 18.70
N ASP E 93 -5.76 41.79 18.78
CA ASP E 93 -6.65 42.71 19.49
C ASP E 93 -7.65 43.30 18.49
N TRP E 94 -8.92 42.85 18.58
CA TRP E 94 -9.94 43.21 17.60
C TRP E 94 -10.08 44.72 17.46
N ASP E 95 -10.40 45.39 18.59
CA ASP E 95 -10.55 46.85 18.68
C ASP E 95 -9.41 47.61 17.97
N LYS E 96 -8.14 47.18 18.19
CA LYS E 96 -6.95 47.86 17.64
C LYS E 96 -6.81 47.57 16.14
N ARG E 97 -7.17 46.34 15.73
CA ARG E 97 -7.19 45.95 14.33
C ARG E 97 -8.18 46.83 13.58
N VAL E 98 -9.37 47.06 14.19
CA VAL E 98 -10.42 47.91 13.64
C VAL E 98 -9.98 49.37 13.64
N GLU E 99 -9.26 49.77 14.70
CA GLU E 99 -8.71 51.12 14.84
C GLU E 99 -7.75 51.42 13.69
N PHE E 100 -7.00 50.38 13.26
CA PHE E 100 -5.97 50.49 12.25
C PHE E 100 -6.56 50.82 10.88
N LEU E 101 -7.63 50.10 10.50
CA LEU E 101 -8.34 50.33 9.24
C LEU E 101 -8.92 51.75 9.23
N THR E 102 -9.52 52.15 10.37
CA THR E 102 -10.12 53.48 10.57
C THR E 102 -9.07 54.58 10.34
N LYS E 103 -7.83 54.33 10.80
CA LYS E 103 -6.71 55.23 10.53
C LYS E 103 -6.52 55.35 9.01
N LEU E 104 -6.14 54.24 8.37
CA LEU E 104 -5.93 54.19 6.92
C LEU E 104 -7.04 54.96 6.19
N GLU E 105 -8.29 54.70 6.59
CA GLU E 105 -9.48 55.25 5.96
C GLU E 105 -9.51 56.78 6.10
N SER E 106 -9.02 57.29 7.23
CA SER E 106 -9.00 58.73 7.52
C SER E 106 -7.94 59.46 6.67
N TYR E 107 -6.91 58.70 6.22
CA TYR E 107 -5.85 59.20 5.33
C TYR E 107 -6.28 59.10 3.86
N GLY E 108 -7.53 58.65 3.62
CA GLY E 108 -8.16 58.70 2.29
C GLY E 108 -8.12 57.35 1.57
N TYR E 109 -7.72 56.29 2.30
CA TYR E 109 -7.73 54.92 1.78
C TYR E 109 -9.15 54.32 1.90
N SER E 110 -9.87 54.27 0.77
CA SER E 110 -11.24 53.77 0.75
C SER E 110 -11.27 52.24 0.83
N PHE E 111 -12.24 51.69 1.58
CA PHE E 111 -12.44 50.26 1.72
C PHE E 111 -13.65 49.81 0.92
N GLU E 112 -14.31 50.76 0.24
CA GLU E 112 -15.32 50.48 -0.76
C GLU E 112 -14.64 50.09 -2.08
N ALA E 113 -15.37 49.34 -2.92
CA ALA E 113 -14.99 49.09 -4.31
C ALA E 113 -14.97 50.42 -5.08
N PRO E 114 -14.00 50.63 -6.00
CA PRO E 114 -13.75 51.96 -6.59
C PRO E 114 -14.93 52.55 -7.39
N HIS E 115 -15.52 51.75 -8.30
CA HIS E 115 -16.56 52.22 -9.24
C HIS E 115 -17.97 52.06 -8.65
N ALA E 116 -18.07 52.08 -7.32
CA ALA E 116 -19.34 52.04 -6.58
C ALA E 116 -20.19 50.84 -7.02
N GLU E 117 -21.32 51.10 -7.70
CA GLU E 117 -22.31 50.09 -8.06
C GLU E 117 -22.25 49.80 -9.57
N LYS E 118 -21.24 50.35 -10.25
CA LYS E 118 -20.81 49.90 -11.57
C LYS E 118 -19.74 48.81 -11.42
N SER E 119 -19.66 48.21 -10.22
CA SER E 119 -18.64 47.24 -9.85
C SER E 119 -19.30 45.92 -9.47
N ILE E 120 -18.86 44.82 -10.13
CA ILE E 120 -19.20 43.45 -9.73
C ILE E 120 -18.11 42.94 -8.80
N VAL E 121 -18.39 42.97 -7.48
CA VAL E 121 -17.46 42.52 -6.45
C VAL E 121 -17.15 41.03 -6.69
N SER E 122 -15.89 40.72 -6.98
CA SER E 122 -15.52 39.37 -7.42
C SER E 122 -14.34 38.88 -6.60
N PHE E 123 -13.97 37.61 -6.84
CA PHE E 123 -13.08 36.85 -5.98
C PHE E 123 -12.16 36.02 -6.86
N TRP E 124 -10.86 36.08 -6.56
CA TRP E 124 -9.81 35.47 -7.38
C TRP E 124 -9.23 34.23 -6.66
N SER E 125 -8.54 33.37 -7.44
CA SER E 125 -7.85 32.17 -6.97
C SER E 125 -6.98 31.62 -8.11
N GLY E 126 -5.68 31.39 -7.83
CA GLY E 126 -4.75 30.80 -8.81
C GLY E 126 -3.82 31.87 -9.39
N LYS E 127 -3.31 31.61 -10.63
CA LYS E 127 -2.26 32.40 -11.27
C LYS E 127 -2.81 33.20 -12.46
N ASN E 128 -3.55 32.54 -13.37
CA ASN E 128 -4.06 33.15 -14.60
C ASN E 128 -5.43 33.81 -14.36
N PHE E 129 -5.50 34.70 -13.34
CA PHE E 129 -6.77 35.29 -12.87
C PHE E 129 -6.93 36.73 -13.36
N LYS E 130 -6.19 37.09 -14.43
CA LYS E 130 -6.24 38.42 -15.03
C LYS E 130 -6.77 38.34 -16.47
N GLN E 131 -6.48 37.21 -17.15
CA GLN E 131 -7.11 36.86 -18.41
C GLN E 131 -8.46 36.19 -18.15
N TYR E 132 -8.98 36.36 -16.93
CA TYR E 132 -10.35 36.03 -16.55
C TYR E 132 -11.20 37.31 -16.43
N ARG E 133 -10.54 38.42 -16.02
CA ARG E 133 -11.20 39.72 -15.91
C ARG E 133 -11.75 40.14 -17.27
N ASP E 134 -10.85 40.32 -18.26
CA ASP E 134 -11.20 40.79 -19.60
C ASP E 134 -12.53 40.18 -20.07
N ILE E 135 -12.57 38.84 -20.10
CA ILE E 135 -13.65 38.07 -20.72
C ILE E 135 -14.97 38.34 -19.97
N LEU E 136 -14.86 38.54 -18.65
CA LEU E 136 -16.01 38.77 -17.77
C LEU E 136 -16.60 40.17 -18.01
N ASP E 137 -15.71 41.16 -18.25
CA ASP E 137 -16.10 42.55 -18.51
C ASP E 137 -17.01 42.63 -19.75
N ASN E 138 -16.62 41.92 -20.81
CA ASN E 138 -17.21 42.07 -22.14
C ASN E 138 -18.57 41.36 -22.19
N ALA E 139 -18.77 40.39 -21.29
CA ALA E 139 -20.02 39.64 -21.20
C ALA E 139 -21.11 40.49 -20.54
N GLN E 140 -20.70 41.56 -19.80
CA GLN E 140 -21.62 42.49 -19.14
C GLN E 140 -22.23 43.44 -20.18
N THR E 141 -23.56 43.67 -20.08
CA THR E 141 -24.35 44.36 -21.10
C THR E 141 -24.59 45.83 -20.71
N ASP E 142 -24.61 46.13 -19.38
CA ASP E 142 -25.01 47.43 -18.86
C ASP E 142 -23.80 48.38 -18.74
N GLY E 143 -22.62 47.81 -18.45
CA GLY E 143 -21.40 48.59 -18.28
C GLY E 143 -20.74 48.38 -16.91
N LYS E 144 -21.30 47.48 -16.09
CA LYS E 144 -20.67 47.04 -14.83
C LYS E 144 -19.31 46.39 -15.13
N LYS E 145 -18.33 46.60 -14.23
CA LYS E 145 -16.97 46.05 -14.36
C LYS E 145 -16.59 45.21 -13.12
N VAL E 146 -15.72 44.20 -13.32
CA VAL E 146 -15.27 43.30 -12.27
C VAL E 146 -14.18 43.95 -11.43
N VAL E 147 -14.33 43.93 -10.08
CA VAL E 147 -13.27 44.33 -9.14
C VAL E 147 -12.80 43.10 -8.31
N TYR E 148 -11.52 43.17 -7.87
CA TYR E 148 -10.94 42.26 -6.89
C TYR E 148 -10.51 43.07 -5.66
N ASP E 149 -10.11 42.38 -4.58
CA ASP E 149 -9.76 43.06 -3.33
C ASP E 149 -8.48 43.88 -3.53
N ILE E 150 -7.64 43.45 -4.49
CA ILE E 150 -6.38 44.09 -4.84
C ILE E 150 -6.63 45.47 -5.50
N ASP E 151 -7.85 45.69 -6.03
CA ASP E 151 -8.23 46.94 -6.68
C ASP E 151 -8.69 47.97 -5.63
N VAL E 152 -8.99 47.50 -4.42
CA VAL E 152 -9.43 48.34 -3.31
C VAL E 152 -8.20 48.71 -2.50
N LYS E 153 -7.92 50.02 -2.41
CA LYS E 153 -6.59 50.52 -2.07
C LYS E 153 -6.37 50.43 -0.56
N GLY E 154 -7.47 50.58 0.20
CA GLY E 154 -7.48 50.34 1.63
C GLY E 154 -6.92 48.94 1.95
N ASN E 155 -7.58 47.92 1.39
CA ASN E 155 -7.14 46.53 1.51
C ASN E 155 -5.71 46.42 1.02
N ALA E 156 -5.42 47.04 -0.14
CA ALA E 156 -4.16 46.86 -0.87
C ALA E 156 -2.98 47.28 0.00
N PHE E 157 -3.13 48.45 0.68
CA PHE E 157 -2.08 49.01 1.53
C PHE E 157 -1.88 48.14 2.78
N ALA E 158 -2.99 47.69 3.37
CA ALA E 158 -3.01 46.77 4.51
C ALA E 158 -2.22 45.51 4.18
N ILE E 159 -2.61 44.82 3.11
CA ILE E 159 -1.95 43.62 2.61
C ILE E 159 -0.43 43.83 2.50
N ASP E 160 -0.01 45.04 2.09
CA ASP E 160 1.41 45.40 1.92
C ASP E 160 2.14 45.35 3.27
N LEU E 161 1.77 46.27 4.18
CA LEU E 161 2.33 46.33 5.53
C LEU E 161 2.35 44.93 6.14
N ASN E 162 1.32 44.14 5.81
CA ASN E 162 1.17 42.79 6.35
C ASN E 162 2.25 41.90 5.77
N LYS E 163 2.44 41.99 4.44
CA LYS E 163 3.42 41.19 3.70
C LYS E 163 4.85 41.54 4.15
N HIS E 164 5.07 42.81 4.46
CA HIS E 164 6.33 43.24 5.03
C HIS E 164 6.61 42.42 6.29
N LEU E 165 5.65 42.46 7.22
CA LEU E 165 5.79 41.83 8.53
C LEU E 165 6.02 40.32 8.38
N MET E 166 5.34 39.68 7.41
CA MET E 166 5.56 38.27 7.06
C MET E 166 7.03 38.07 6.69
N ARG E 167 7.50 38.91 5.76
CA ARG E 167 8.87 38.88 5.25
C ARG E 167 9.83 39.16 6.41
N TRP E 168 9.58 40.26 7.15
CA TRP E 168 10.38 40.62 8.30
C TRP E 168 10.67 39.37 9.13
N GLY E 169 9.64 38.57 9.40
CA GLY E 169 9.78 37.34 10.17
C GLY E 169 10.71 36.33 9.49
N GLY E 170 10.47 36.07 8.21
CA GLY E 170 11.27 35.12 7.44
C GLY E 170 12.73 35.56 7.27
N LEU E 171 12.95 36.85 6.98
CA LEU E 171 14.28 37.37 6.65
C LEU E 171 15.17 37.55 7.89
N PHE E 172 14.57 37.88 9.05
CA PHE E 172 15.32 38.29 10.24
C PHE E 172 15.32 37.22 11.35
N LEU E 173 14.77 36.02 11.09
CA LEU E 173 14.65 35.00 12.12
C LEU E 173 15.19 33.68 11.59
N ASP E 174 15.92 32.96 12.45
CA ASP E 174 16.67 31.78 12.05
C ASP E 174 15.85 30.53 12.40
N PRO E 175 15.43 29.72 11.41
CA PRO E 175 14.73 28.45 11.67
C PRO E 175 15.56 27.41 12.44
N ASP E 176 16.88 27.38 12.14
CA ASP E 176 17.87 26.65 12.92
C ASP E 176 17.56 26.76 14.42
N ASN E 177 17.22 28.00 14.87
CA ASN E 177 17.02 28.35 16.27
C ASN E 177 15.70 27.77 16.80
N ALA E 178 15.54 27.77 18.14
CA ALA E 178 14.34 27.25 18.81
C ALA E 178 13.41 28.41 19.20
N GLU E 179 13.93 29.36 20.01
CA GLU E 179 13.15 30.48 20.56
C GLU E 179 12.58 31.34 19.43
N GLN E 180 13.43 31.61 18.41
CA GLN E 180 13.14 32.57 17.36
C GLN E 180 12.33 31.93 16.22
N ASN E 181 12.34 30.59 16.13
CA ASN E 181 11.54 29.84 15.16
C ASN E 181 10.05 29.92 15.52
N GLN E 182 9.76 29.82 16.82
CA GLN E 182 8.40 29.95 17.34
C GLN E 182 7.80 31.32 16.97
N LEU E 183 8.63 32.38 17.05
CA LEU E 183 8.18 33.74 16.76
C LEU E 183 7.79 33.86 15.29
N LYS E 184 8.49 33.12 14.41
CA LYS E 184 8.23 33.13 12.97
C LYS E 184 6.88 32.48 12.72
N SER E 185 6.66 31.29 13.32
CA SER E 185 5.42 30.54 13.18
C SER E 185 4.23 31.31 13.79
N SER E 186 4.53 32.24 14.71
CA SER E 186 3.55 33.07 15.40
C SER E 186 3.27 34.35 14.58
N ILE E 187 4.34 34.99 14.08
CA ILE E 187 4.23 36.10 13.13
C ILE E 187 3.31 35.66 11.98
N ASP E 188 3.57 34.48 11.44
CA ASP E 188 2.84 33.91 10.32
C ASP E 188 1.33 33.88 10.61
N ALA E 189 0.95 33.13 11.65
CA ALA E 189 -0.44 32.93 12.05
C ALA E 189 -1.14 34.30 12.21
N ALA E 190 -0.51 35.20 12.96
CA ALA E 190 -1.02 36.56 13.15
C ALA E 190 -1.31 37.27 11.82
N THR E 191 -0.42 37.03 10.86
CA THR E 191 -0.41 37.67 9.56
C THR E 191 -1.51 37.10 8.66
N PHE E 192 -1.63 35.75 8.67
CA PHE E 192 -2.71 35.05 7.98
C PHE E 192 -4.08 35.58 8.44
N SER E 193 -4.29 35.66 9.75
CA SER E 193 -5.57 36.02 10.33
C SER E 193 -5.91 37.48 9.97
N ASN E 194 -4.87 38.30 9.80
CA ASN E 194 -4.99 39.66 9.29
C ASN E 194 -5.62 39.64 7.87
N THR E 195 -5.01 38.85 6.96
CA THR E 195 -5.48 38.76 5.58
C THR E 195 -6.86 38.11 5.58
N GLY E 196 -7.07 37.16 6.49
CA GLY E 196 -8.38 36.54 6.72
C GLY E 196 -9.48 37.57 6.98
N PHE E 197 -9.20 38.47 7.91
CA PHE E 197 -10.15 39.44 8.41
C PHE E 197 -10.53 40.47 7.33
N TRP E 198 -9.54 40.87 6.52
CA TRP E 198 -9.69 41.92 5.51
C TRP E 198 -10.45 41.38 4.27
N SER E 199 -10.13 40.17 3.84
CA SER E 199 -10.92 39.38 2.89
C SER E 199 -12.44 39.46 3.18
N SER E 200 -12.80 39.16 4.42
CA SER E 200 -14.19 39.21 4.87
C SER E 200 -14.75 40.64 4.78
N VAL E 201 -13.97 41.64 5.25
CA VAL E 201 -14.38 43.04 5.21
C VAL E 201 -14.67 43.48 3.75
N TYR E 202 -13.87 42.97 2.80
CA TYR E 202 -14.12 43.12 1.36
C TYR E 202 -15.43 42.41 0.99
N ALA E 203 -15.54 41.15 1.40
CA ALA E 203 -16.66 40.26 1.06
C ALA E 203 -18.01 40.89 1.40
N THR E 204 -18.11 41.53 2.58
CA THR E 204 -19.37 42.05 3.09
C THR E 204 -19.92 43.15 2.18
N GLY E 205 -19.09 43.58 1.22
CA GLY E 205 -19.37 44.70 0.33
C GLY E 205 -20.06 44.27 -0.96
N ALA E 206 -20.10 42.95 -1.21
CA ALA E 206 -20.64 42.39 -2.44
C ALA E 206 -22.15 42.71 -2.55
N GLN E 207 -22.64 42.86 -3.78
CA GLN E 207 -24.05 43.11 -4.08
C GLN E 207 -24.40 42.30 -5.32
N ASN E 208 -25.70 42.02 -5.54
CA ASN E 208 -26.20 41.43 -6.78
C ASN E 208 -25.43 40.12 -7.04
N ASP E 209 -25.05 39.85 -8.29
CA ASP E 209 -24.29 38.66 -8.65
C ASP E 209 -22.82 38.91 -8.38
N VAL E 210 -22.09 37.85 -7.95
CA VAL E 210 -20.64 37.88 -7.81
C VAL E 210 -20.04 36.75 -8.65
N TYR E 211 -18.78 36.95 -9.07
CA TYR E 211 -17.97 35.90 -9.69
C TYR E 211 -16.87 35.45 -8.72
N VAL E 212 -16.58 34.14 -8.74
CA VAL E 212 -15.46 33.54 -8.03
C VAL E 212 -14.63 32.76 -9.05
N ILE E 213 -13.42 33.25 -9.35
CA ILE E 213 -12.47 32.54 -10.21
C ILE E 213 -11.77 31.46 -9.36
N ALA E 214 -11.89 30.20 -9.80
CA ALA E 214 -11.32 29.06 -9.09
C ALA E 214 -11.14 27.90 -10.08
N GLU E 215 -10.15 28.04 -10.98
CA GLU E 215 -9.93 27.09 -12.08
C GLU E 215 -9.51 25.74 -11.49
N GLY E 216 -10.20 24.67 -11.92
CA GLY E 216 -9.94 23.32 -11.45
C GLY E 216 -11.04 22.81 -10.52
N GLY E 217 -11.50 23.70 -9.61
CA GLY E 217 -12.53 23.39 -8.63
C GLY E 217 -12.30 24.13 -7.31
N VAL E 218 -12.87 23.60 -6.23
CA VAL E 218 -12.91 24.26 -4.93
C VAL E 218 -11.69 23.82 -4.12
N ARG E 219 -11.04 24.78 -3.45
CA ARG E 219 -9.92 24.50 -2.56
C ARG E 219 -10.40 24.72 -1.13
N LEU E 220 -10.46 23.63 -0.36
CA LEU E 220 -10.91 23.68 1.03
C LEU E 220 -9.77 24.24 1.88
N GLY E 221 -10.10 25.08 2.85
CA GLY E 221 -9.14 25.60 3.81
C GLY E 221 -8.32 26.78 3.26
N ASN E 222 -8.63 27.25 2.04
CA ASN E 222 -8.07 28.50 1.50
C ASN E 222 -8.88 29.69 2.06
N TYR E 223 -8.53 30.91 1.60
CA TYR E 223 -9.13 32.14 2.12
C TYR E 223 -10.60 32.25 1.69
N PHE E 224 -10.89 31.94 0.43
CA PHE E 224 -12.25 32.00 -0.06
C PHE E 224 -13.15 31.12 0.80
N TRP E 225 -12.74 29.87 1.02
CA TRP E 225 -13.54 28.91 1.77
C TRP E 225 -13.73 29.36 3.21
N ASN E 226 -12.67 29.90 3.80
CA ASN E 226 -12.60 30.09 5.23
C ASN E 226 -13.38 31.34 5.64
N VAL E 227 -13.14 32.46 4.91
CA VAL E 227 -13.48 33.79 5.38
C VAL E 227 -14.38 34.56 4.39
N GLN E 228 -14.52 34.07 3.15
CA GLN E 228 -15.23 34.83 2.11
C GLN E 228 -16.62 34.26 1.83
N LEU E 229 -16.69 32.97 1.46
CA LEU E 229 -17.95 32.29 1.19
C LEU E 229 -18.96 32.51 2.32
N PRO E 230 -18.59 32.28 3.60
CA PRO E 230 -19.54 32.47 4.71
C PRO E 230 -20.15 33.88 4.77
N ALA E 231 -19.35 34.90 4.44
CA ALA E 231 -19.81 36.29 4.36
C ALA E 231 -20.77 36.48 3.17
N LEU E 232 -20.43 35.85 2.03
CA LEU E 232 -21.28 35.82 0.85
C LEU E 232 -22.63 35.18 1.21
N ARG E 233 -22.57 34.01 1.83
CA ARG E 233 -23.76 33.29 2.26
C ARG E 233 -24.65 34.20 3.12
N GLN E 234 -24.05 34.89 4.10
CA GLN E 234 -24.74 35.85 4.95
C GLN E 234 -25.55 36.85 4.09
N LEU E 235 -24.91 37.41 3.07
CA LEU E 235 -25.51 38.43 2.22
C LEU E 235 -26.68 37.86 1.40
N GLN E 236 -26.51 36.64 0.86
CA GLN E 236 -27.55 35.92 0.14
C GLN E 236 -28.82 35.85 1.00
N ARG E 237 -28.64 35.60 2.31
CA ARG E 237 -29.72 35.31 3.26
C ARG E 237 -30.40 36.60 3.75
N GLU E 238 -29.67 37.74 3.60
CA GLU E 238 -30.18 39.07 3.78
C GLU E 238 -30.77 39.63 2.47
N GLY E 239 -30.64 38.85 1.39
CA GLY E 239 -31.15 39.23 0.07
C GLY E 239 -30.35 40.36 -0.60
N LEU E 240 -29.06 40.49 -0.25
CA LEU E 240 -28.19 41.57 -0.74
C LEU E 240 -27.33 41.10 -1.91
N VAL E 241 -27.15 39.77 -2.04
CA VAL E 241 -26.39 39.16 -3.13
C VAL E 241 -27.27 38.06 -3.73
N GLY E 242 -27.17 37.86 -5.03
CA GLY E 242 -27.95 36.85 -5.74
C GLY E 242 -27.18 35.53 -5.90
N GLU E 243 -26.86 35.18 -7.17
CA GLU E 243 -25.97 34.10 -7.52
C GLU E 243 -24.53 34.42 -7.09
N ILE E 244 -23.86 33.43 -6.48
CA ILE E 244 -22.41 33.31 -6.47
C ILE E 244 -22.02 32.39 -7.62
N ARG E 245 -21.34 32.98 -8.63
CA ARG E 245 -21.01 32.30 -9.87
C ARG E 245 -19.54 31.85 -9.83
N LEU E 246 -19.32 30.58 -9.49
CA LEU E 246 -18.02 29.95 -9.52
C LEU E 246 -17.62 29.68 -10.96
N LEU E 247 -16.42 30.17 -11.37
CA LEU E 247 -15.80 29.81 -12.64
C LEU E 247 -14.67 28.79 -12.41
N ASP E 248 -14.92 27.53 -12.82
CA ASP E 248 -14.05 26.41 -12.52
C ASP E 248 -13.62 25.69 -13.81
N LYS E 249 -13.71 26.38 -14.96
CA LYS E 249 -13.37 25.82 -16.27
C LYS E 249 -12.25 26.64 -16.91
N PRO E 250 -11.65 26.20 -18.07
CA PRO E 250 -10.80 27.07 -18.89
C PRO E 250 -11.57 28.29 -19.40
N VAL E 251 -10.85 29.40 -19.63
CA VAL E 251 -11.45 30.65 -20.10
C VAL E 251 -12.01 30.47 -21.52
N SER E 252 -11.47 29.50 -22.28
CA SER E 252 -12.02 29.08 -23.58
C SER E 252 -13.45 28.58 -23.45
N GLU E 253 -13.75 27.85 -22.36
CA GLU E 253 -15.09 27.35 -22.10
C GLU E 253 -16.07 28.52 -21.86
N TYR E 254 -15.61 29.63 -21.22
CA TYR E 254 -16.44 30.82 -20.99
C TYR E 254 -16.16 31.91 -22.05
N LYS E 255 -15.92 31.49 -23.31
CA LYS E 255 -15.38 32.38 -24.36
C LYS E 255 -16.46 33.35 -24.86
N ASP E 256 -17.68 32.84 -25.08
CA ASP E 256 -18.75 33.58 -25.76
C ASP E 256 -20.11 33.13 -25.21
N LEU E 257 -20.41 33.51 -23.97
CA LEU E 257 -21.73 33.30 -23.37
C LEU E 257 -22.25 34.65 -22.82
N PRO E 258 -23.59 34.80 -22.64
CA PRO E 258 -24.13 35.88 -21.83
C PRO E 258 -23.76 35.75 -20.36
N ALA E 259 -23.98 36.83 -19.58
CA ALA E 259 -23.63 36.90 -18.17
C ALA E 259 -24.47 35.94 -17.32
N ASP E 260 -25.67 35.57 -17.83
CA ASP E 260 -26.66 34.79 -17.08
C ASP E 260 -26.20 33.34 -16.91
N GLN E 261 -25.31 32.89 -17.81
CA GLN E 261 -24.94 31.47 -17.93
C GLN E 261 -23.41 31.30 -17.82
N ILE E 262 -22.72 32.34 -17.31
CA ILE E 262 -21.28 32.29 -17.04
C ILE E 262 -21.07 31.78 -15.60
N GLY E 263 -20.53 30.57 -15.47
CA GLY E 263 -20.25 29.93 -14.18
C GLY E 263 -21.47 29.18 -13.63
N ARG E 264 -21.31 28.56 -12.45
CA ARG E 264 -22.37 27.76 -11.83
C ARG E 264 -22.25 27.84 -10.32
N ARG E 265 -23.20 27.24 -9.59
CA ARG E 265 -23.13 27.16 -8.14
C ARG E 265 -22.10 26.11 -7.72
N LEU E 266 -21.37 26.39 -6.63
CA LEU E 266 -20.30 25.51 -6.18
C LEU E 266 -20.87 24.22 -5.59
N THR E 267 -22.21 24.15 -5.47
CA THR E 267 -22.93 22.96 -4.99
C THR E 267 -23.56 22.18 -6.16
N ASP E 268 -23.37 22.63 -7.41
CA ASP E 268 -23.82 21.88 -8.58
C ASP E 268 -23.01 20.58 -8.74
N ALA E 269 -23.66 19.55 -9.30
CA ALA E 269 -23.03 18.26 -9.58
C ALA E 269 -21.86 18.49 -10.54
N GLY E 270 -20.69 17.94 -10.16
CA GLY E 270 -19.50 17.90 -11.03
C GLY E 270 -18.48 19.02 -10.74
N VAL E 271 -18.77 19.86 -9.75
CA VAL E 271 -17.76 20.74 -9.20
C VAL E 271 -16.77 19.88 -8.42
N ALA E 272 -15.50 19.92 -8.87
CA ALA E 272 -14.38 19.21 -8.26
C ALA E 272 -13.89 19.95 -7.02
N VAL E 273 -13.35 19.18 -6.05
CA VAL E 273 -12.51 19.67 -4.96
C VAL E 273 -11.05 19.31 -5.29
N LYS E 274 -10.15 20.30 -5.17
CA LYS E 274 -8.78 20.21 -5.69
C LYS E 274 -7.79 20.26 -4.54
N VAL E 275 -6.71 19.45 -4.68
CA VAL E 275 -5.47 19.57 -3.91
C VAL E 275 -4.30 19.52 -4.91
N ARG E 276 -3.19 20.20 -4.59
CA ARG E 276 -1.98 20.06 -5.41
C ARG E 276 -1.26 18.76 -5.01
N PHE E 277 -0.39 18.24 -5.91
CA PHE E 277 0.24 16.91 -5.76
C PHE E 277 1.05 16.80 -4.45
N ASP E 278 1.84 17.86 -4.14
CA ASP E 278 2.74 17.88 -2.96
C ASP E 278 1.94 17.73 -1.66
N ALA E 279 0.73 18.29 -1.64
CA ALA E 279 -0.15 18.26 -0.47
C ALA E 279 -0.78 16.87 -0.31
N LEU E 280 -1.06 16.19 -1.44
CA LEU E 280 -1.94 15.01 -1.48
C LEU E 280 -1.27 13.72 -1.02
N SER E 281 -0.84 13.69 0.25
CA SER E 281 0.13 12.73 0.75
C SER E 281 1.51 13.01 0.13
N HIS E 282 1.52 13.11 -1.21
CA HIS E 282 2.70 13.23 -2.06
C HIS E 282 3.41 11.91 -2.25
N GLU E 283 3.78 11.24 -1.13
CA GLU E 283 4.50 9.97 -1.13
C GLU E 283 3.55 8.80 -1.40
N ARG E 284 2.43 8.75 -0.65
CA ARG E 284 1.41 7.73 -0.83
C ARG E 284 0.93 7.68 -2.28
N GLN E 285 0.79 8.87 -2.90
CA GLN E 285 0.39 9.01 -4.31
C GLN E 285 1.63 9.25 -5.18
N ALA E 286 2.77 9.57 -4.56
CA ALA E 286 4.08 9.44 -5.20
C ALA E 286 4.36 7.96 -5.51
N GLU E 287 3.54 7.08 -4.91
CA GLU E 287 3.57 5.64 -5.18
C GLU E 287 2.70 5.32 -6.39
N LEU E 288 1.48 5.90 -6.41
CA LEU E 288 0.63 5.93 -7.61
C LEU E 288 1.06 7.13 -8.49
N LEU E 289 2.38 7.35 -8.51
CA LEU E 289 3.05 8.19 -9.48
C LEU E 289 3.74 7.28 -10.53
N ALA E 290 3.99 6.01 -10.16
CA ALA E 290 4.48 4.99 -11.09
C ALA E 290 3.57 4.93 -12.31
N ASP E 291 2.26 4.72 -12.08
CA ASP E 291 1.21 5.00 -13.05
C ASP E 291 1.20 6.51 -13.34
N ASN E 292 1.14 6.86 -14.65
CA ASN E 292 1.40 8.21 -15.14
C ASN E 292 2.81 8.63 -14.71
N PRO E 293 3.86 7.90 -15.18
CA PRO E 293 5.22 8.09 -14.69
C PRO E 293 5.66 9.54 -14.45
N ASP E 294 5.53 10.42 -15.48
CA ASP E 294 5.85 11.84 -15.34
C ASP E 294 4.63 12.69 -15.72
N GLY E 295 3.51 12.46 -15.00
CA GLY E 295 2.28 13.19 -15.22
C GLY E 295 2.02 14.24 -14.15
N TYR E 296 2.88 14.27 -13.10
CA TYR E 296 2.69 15.12 -11.93
C TYR E 296 3.98 15.84 -11.55
N LYS E 297 3.83 17.11 -11.11
CA LYS E 297 4.86 17.87 -10.41
C LYS E 297 4.25 18.37 -9.09
N ALA E 298 5.04 19.06 -8.24
CA ALA E 298 4.66 19.43 -6.87
C ALA E 298 3.30 20.15 -6.84
N ASP E 299 2.99 20.93 -7.89
CA ASP E 299 1.87 21.86 -7.89
C ASP E 299 0.79 21.44 -8.90
N THR E 300 0.92 20.22 -9.47
CA THR E 300 -0.10 19.66 -10.36
C THR E 300 -1.38 19.39 -9.54
N LEU E 301 -2.50 19.99 -9.97
CA LEU E 301 -3.78 19.90 -9.28
C LEU E 301 -4.35 18.49 -9.47
N VAL E 302 -4.48 17.76 -8.37
CA VAL E 302 -5.21 16.49 -8.33
C VAL E 302 -6.57 16.75 -7.66
N GLU E 303 -7.63 16.14 -8.21
CA GLU E 303 -8.98 16.37 -7.71
C GLU E 303 -9.42 15.15 -6.88
N LEU E 304 -9.89 15.43 -5.64
CA LEU E 304 -10.37 14.42 -4.71
C LEU E 304 -11.61 13.72 -5.28
N ASP E 305 -11.96 12.56 -4.70
CA ASP E 305 -13.11 11.77 -5.15
C ASP E 305 -14.29 12.02 -4.22
N VAL E 306 -14.68 13.31 -4.09
CA VAL E 306 -15.72 13.74 -3.16
C VAL E 306 -16.59 14.78 -3.87
N LYS E 307 -17.92 14.63 -3.73
CA LYS E 307 -18.90 15.53 -4.32
C LYS E 307 -19.53 16.38 -3.20
N LEU E 308 -19.25 17.68 -3.21
CA LEU E 308 -19.89 18.66 -2.32
C LEU E 308 -21.40 18.74 -2.62
N SER E 309 -21.76 18.57 -3.89
CA SER E 309 -23.15 18.44 -4.32
C SER E 309 -23.94 17.55 -3.34
N ALA E 310 -23.31 16.48 -2.86
CA ALA E 310 -23.92 15.47 -2.00
C ALA E 310 -24.61 16.10 -0.78
N ILE E 311 -24.04 17.19 -0.22
CA ILE E 311 -24.60 17.87 0.96
C ILE E 311 -25.90 18.59 0.57
N ASP E 312 -25.90 19.22 -0.63
CA ASP E 312 -27.11 19.78 -1.23
C ASP E 312 -28.22 18.73 -1.34
N SER E 313 -27.88 17.56 -1.92
CA SER E 313 -28.83 16.45 -2.07
C SER E 313 -29.41 16.02 -0.72
N MET E 314 -28.55 15.98 0.32
CA MET E 314 -28.98 15.71 1.67
C MET E 314 -30.09 16.71 2.09
N LEU E 315 -29.81 18.02 1.95
CA LEU E 315 -30.69 19.07 2.44
C LEU E 315 -32.05 19.04 1.71
N ARG E 316 -32.00 18.78 0.42
CA ARG E 316 -33.18 18.50 -0.37
C ARG E 316 -34.12 17.49 0.32
N GLU E 317 -33.56 16.36 0.78
CA GLU E 317 -34.33 15.25 1.35
C GLU E 317 -34.67 15.55 2.82
N SER E 318 -33.82 16.35 3.51
CA SER E 318 -33.91 16.59 4.97
C SER E 318 -34.86 17.75 5.31
N LEU E 319 -34.87 18.80 4.47
CA LEU E 319 -35.76 19.96 4.63
C LEU E 319 -36.88 19.92 3.56
N PRO E 320 -38.17 19.83 3.99
CA PRO E 320 -39.29 19.88 3.05
C PRO E 320 -39.24 21.14 2.17
N PHE E 321 -39.42 20.93 0.86
CA PHE E 321 -39.51 22.00 -0.13
C PHE E 321 -38.19 22.78 -0.25
N TYR E 322 -37.06 22.18 0.16
CA TYR E 322 -35.75 22.82 0.04
C TYR E 322 -35.42 22.97 -1.45
N SER E 323 -35.87 22.01 -2.26
CA SER E 323 -35.56 21.98 -3.67
C SER E 323 -36.30 23.11 -4.43
N LEU E 324 -37.45 23.58 -3.89
CA LEU E 324 -38.15 24.74 -4.47
C LEU E 324 -37.29 26.02 -4.29
N ARG E 325 -36.50 26.06 -3.21
CA ARG E 325 -35.59 27.17 -2.94
C ARG E 325 -34.50 27.25 -4.03
N THR E 326 -33.83 26.10 -4.30
CA THR E 326 -32.68 26.03 -5.22
C THR E 326 -33.10 26.08 -6.71
N GLU E 327 -34.24 25.49 -7.05
CA GLU E 327 -34.70 25.38 -8.44
C GLU E 327 -35.44 26.65 -8.88
N ARG E 328 -36.17 27.29 -7.94
CA ARG E 328 -37.21 28.25 -8.26
C ARG E 328 -37.16 29.50 -7.37
N ASN E 329 -36.30 29.51 -6.34
CA ASN E 329 -36.12 30.67 -5.47
C ASN E 329 -37.38 30.94 -4.62
N LEU E 330 -38.12 29.86 -4.29
CA LEU E 330 -39.31 29.90 -3.42
C LEU E 330 -38.98 29.37 -2.03
N LEU E 331 -39.30 30.17 -1.01
CA LEU E 331 -39.19 29.73 0.39
C LEU E 331 -40.59 29.33 0.89
N VAL E 332 -40.80 28.03 1.11
CA VAL E 332 -42.06 27.49 1.65
C VAL E 332 -41.84 27.16 3.15
N GLN E 333 -42.76 27.68 4.00
CA GLN E 333 -42.64 27.63 5.46
C GLN E 333 -44.01 27.37 6.11
N GLU E 334 -44.01 26.69 7.26
CA GLU E 334 -45.21 26.46 8.05
C GLU E 334 -45.79 27.82 8.46
N GLY E 335 -47.06 28.06 8.11
CA GLY E 335 -47.81 29.23 8.58
C GLY E 335 -48.83 28.83 9.65
N GLU E 336 -49.66 29.80 10.09
CA GLU E 336 -50.70 29.57 11.08
C GLU E 336 -51.76 28.64 10.49
N GLU E 337 -52.10 28.87 9.21
CA GLU E 337 -53.05 28.05 8.45
C GLU E 337 -52.35 27.47 7.20
N GLY E 338 -51.79 26.27 7.35
CA GLY E 338 -51.04 25.59 6.29
C GLY E 338 -49.72 26.32 5.97
N PHE E 339 -49.24 26.11 4.73
CA PHE E 339 -47.93 26.60 4.30
C PHE E 339 -48.07 27.96 3.59
N GLU E 340 -47.13 28.90 3.88
CA GLU E 340 -46.96 30.14 3.13
C GLU E 340 -45.72 30.05 2.20
N VAL E 341 -45.82 30.67 0.99
CA VAL E 341 -44.72 30.76 0.01
C VAL E 341 -44.30 32.23 -0.20
N ARG E 342 -42.96 32.49 -0.22
CA ARG E 342 -42.38 33.81 -0.52
C ARG E 342 -41.17 33.62 -1.45
N SER E 343 -40.80 34.69 -2.17
CA SER E 343 -39.50 34.76 -2.84
C SER E 343 -38.39 34.61 -1.80
N TRP E 344 -37.39 33.76 -2.10
CA TRP E 344 -36.30 33.50 -1.16
C TRP E 344 -35.39 34.74 -1.13
N PRO E 345 -34.96 35.24 0.04
CA PRO E 345 -35.18 34.59 1.33
C PRO E 345 -36.43 35.03 2.12
N GLY E 346 -37.38 35.66 1.42
CA GLY E 346 -38.69 35.98 1.98
C GLY E 346 -38.64 37.10 3.02
N ILE E 347 -37.96 38.21 2.68
CA ILE E 347 -37.86 39.40 3.54
C ILE E 347 -38.81 40.48 3.02
N ASP E 348 -39.02 40.54 1.69
CA ASP E 348 -40.09 41.33 1.09
C ASP E 348 -41.42 40.72 1.52
N GLY E 349 -42.48 41.54 1.62
CA GLY E 349 -43.66 41.21 2.42
C GLY E 349 -44.76 40.47 1.65
N LYS E 350 -44.44 39.99 0.42
CA LYS E 350 -45.40 39.30 -0.43
C LYS E 350 -45.38 37.80 -0.06
N SER E 351 -46.57 37.24 0.22
CA SER E 351 -46.73 35.82 0.51
C SER E 351 -48.00 35.27 -0.15
N LYS E 352 -47.92 34.03 -0.65
CA LYS E 352 -49.06 33.26 -1.12
C LYS E 352 -49.16 31.99 -0.28
N THR E 353 -50.17 31.14 -0.58
CA THR E 353 -50.65 30.08 0.32
C THR E 353 -50.59 28.73 -0.38
N ILE E 354 -50.08 27.73 0.33
CA ILE E 354 -50.16 26.32 -0.05
C ILE E 354 -50.88 25.56 1.08
N LEU E 355 -51.90 24.75 0.70
CA LEU E 355 -52.77 24.01 1.64
C LEU E 355 -52.90 22.54 1.20
N LEU E 356 -52.40 21.60 2.00
CA LEU E 356 -52.54 20.16 1.70
C LEU E 356 -53.59 19.55 2.63
N ASP E 357 -54.39 18.59 2.12
CA ASP E 357 -55.42 17.98 2.95
C ASP E 357 -54.84 16.96 3.94
N ASN E 358 -53.57 16.49 3.73
CA ASN E 358 -52.74 15.89 4.80
C ASN E 358 -51.34 16.52 4.79
N PRO E 359 -51.14 17.69 5.44
CA PRO E 359 -49.90 18.46 5.29
C PRO E 359 -48.63 17.75 5.78
N GLU E 360 -48.76 16.75 6.67
CA GLU E 360 -47.61 16.11 7.31
C GLU E 360 -47.33 14.74 6.65
N ASP E 361 -48.05 14.43 5.56
CA ASP E 361 -47.74 13.29 4.69
C ASP E 361 -46.63 13.68 3.70
N ALA E 362 -45.58 12.82 3.60
CA ALA E 362 -44.38 13.08 2.81
C ALA E 362 -44.70 13.09 1.31
N ALA E 363 -45.51 12.13 0.85
CA ALA E 363 -45.84 11.92 -0.55
C ALA E 363 -46.68 13.09 -1.08
N GLN E 364 -47.48 13.67 -0.19
CA GLN E 364 -48.34 14.81 -0.50
C GLN E 364 -47.47 16.05 -0.73
N GLN E 365 -46.49 16.27 0.17
CA GLN E 365 -45.52 17.36 0.05
C GLN E 365 -44.77 17.25 -1.29
N LYS E 366 -44.26 16.05 -1.61
CA LYS E 366 -43.52 15.76 -2.84
C LYS E 366 -44.40 16.01 -4.07
N SER E 367 -45.67 15.61 -3.98
CA SER E 367 -46.64 15.84 -5.05
C SER E 367 -46.76 17.35 -5.38
N ILE E 368 -47.00 18.18 -4.37
CA ILE E 368 -47.23 19.60 -4.61
C ILE E 368 -45.90 20.26 -5.01
N GLU E 369 -44.77 19.74 -4.44
CA GLU E 369 -43.40 20.18 -4.77
C GLU E 369 -43.18 20.08 -6.29
N ARG E 370 -43.53 18.90 -6.85
CA ARG E 370 -43.24 18.57 -8.24
C ARG E 370 -44.20 19.30 -9.17
N PHE E 371 -45.43 19.47 -8.69
CA PHE E 371 -46.45 20.29 -9.34
C PHE E 371 -45.93 21.71 -9.51
N ILE E 372 -45.40 22.28 -8.43
CA ILE E 372 -44.88 23.65 -8.42
C ILE E 372 -43.72 23.77 -9.41
N LEU E 373 -42.77 22.81 -9.37
CA LEU E 373 -41.62 22.78 -10.30
C LEU E 373 -42.13 22.74 -11.74
N ALA E 374 -43.15 21.90 -11.99
CA ALA E 374 -43.63 21.61 -13.33
C ALA E 374 -44.38 22.81 -13.92
N ASN E 375 -44.99 23.65 -13.05
CA ASN E 375 -45.99 24.63 -13.46
C ASN E 375 -45.48 26.09 -13.35
N PHE E 376 -44.60 26.37 -12.39
CA PHE E 376 -44.23 27.76 -12.05
C PHE E 376 -42.71 27.93 -12.09
N ASP E 377 -42.24 29.07 -12.66
CA ASP E 377 -40.82 29.39 -12.87
C ASP E 377 -40.33 30.37 -11.79
N ASN E 378 -41.25 30.90 -11.00
CA ASN E 378 -40.94 31.94 -10.03
C ASN E 378 -42.17 32.22 -9.15
N PHE E 379 -42.02 33.21 -8.25
CA PHE E 379 -43.03 33.55 -7.25
C PHE E 379 -44.22 34.27 -7.91
N GLU E 380 -43.96 35.13 -8.91
CA GLU E 380 -44.98 35.97 -9.54
C GLU E 380 -46.10 35.11 -10.14
N GLN E 381 -45.70 34.00 -10.78
CA GLN E 381 -46.58 33.17 -11.61
C GLN E 381 -47.53 32.33 -10.73
N MET E 382 -47.20 32.17 -9.45
CA MET E 382 -47.95 31.27 -8.56
C MET E 382 -49.30 31.90 -8.17
N PRO E 383 -50.36 31.07 -7.97
CA PRO E 383 -51.66 31.60 -7.57
C PRO E 383 -51.59 32.06 -6.12
N ASP E 384 -52.50 33.00 -5.74
CA ASP E 384 -52.60 33.50 -4.37
C ASP E 384 -52.78 32.34 -3.40
N GLU E 385 -53.37 31.25 -3.90
CA GLU E 385 -53.67 30.06 -3.11
C GLU E 385 -53.55 28.82 -4.02
N LEU E 386 -52.89 27.78 -3.51
CA LEU E 386 -52.76 26.48 -4.20
C LEU E 386 -53.15 25.40 -3.19
N PHE E 387 -53.87 24.37 -3.64
CA PHE E 387 -54.40 23.36 -2.74
C PHE E 387 -54.17 21.97 -3.31
N LEU E 388 -53.85 21.01 -2.42
CA LEU E 388 -53.93 19.60 -2.73
C LEU E 388 -55.01 18.99 -1.83
N VAL E 389 -56.12 18.53 -2.47
CA VAL E 389 -57.24 17.88 -1.78
C VAL E 389 -57.73 16.71 -2.62
N ASP E 390 -57.99 15.57 -1.96
CA ASP E 390 -58.50 14.36 -2.61
C ASP E 390 -57.78 14.11 -3.93
N ASN E 391 -56.44 14.11 -3.90
CA ASN E 391 -55.61 13.87 -5.08
C ASN E 391 -55.97 14.80 -6.25
N LYS E 392 -56.25 16.08 -5.92
CA LYS E 392 -56.56 17.13 -6.90
C LYS E 392 -55.79 18.41 -6.54
N VAL E 393 -55.24 19.08 -7.56
CA VAL E 393 -54.57 20.34 -7.35
C VAL E 393 -55.52 21.44 -7.82
N LEU E 394 -55.83 22.36 -6.90
CA LEU E 394 -56.69 23.51 -7.12
C LEU E 394 -55.88 24.79 -6.93
N SER E 395 -56.15 25.79 -7.76
CA SER E 395 -55.55 27.12 -7.61
C SER E 395 -56.66 28.13 -7.44
N HIS E 396 -56.45 29.13 -6.59
CA HIS E 396 -57.36 30.25 -6.42
C HIS E 396 -56.63 31.55 -6.73
N HIS E 397 -57.12 32.27 -7.76
CA HIS E 397 -56.69 33.61 -8.12
C HIS E 397 -57.91 34.39 -8.65
N ASP E 398 -58.70 35.02 -7.75
CA ASP E 398 -60.07 35.58 -7.99
C ASP E 398 -61.14 34.46 -8.18
N GLY E 399 -60.87 33.45 -9.04
CA GLY E 399 -61.67 32.24 -9.16
C GLY E 399 -60.80 30.96 -8.92
N ARG E 400 -61.41 29.96 -8.25
CA ARG E 400 -60.79 28.68 -7.94
C ARG E 400 -61.06 27.68 -9.09
N THR E 401 -60.07 26.87 -9.46
CA THR E 401 -60.18 25.91 -10.57
C THR E 401 -59.29 24.70 -10.27
N ARG E 402 -59.72 23.52 -10.75
CA ARG E 402 -58.95 22.28 -10.58
C ARG E 402 -57.98 22.17 -11.76
N ILE E 403 -56.69 22.36 -11.46
CA ILE E 403 -55.65 22.40 -12.48
C ILE E 403 -55.30 20.96 -12.90
N ILE E 404 -55.25 20.01 -11.96
CA ILE E 404 -54.94 18.60 -12.27
C ILE E 404 -55.67 17.66 -11.31
N ALA E 405 -55.69 16.38 -11.70
CA ALA E 405 -56.25 15.27 -10.93
C ALA E 405 -55.37 14.02 -11.11
N GLN E 406 -55.30 13.17 -10.08
CA GLN E 406 -54.46 11.97 -10.07
C GLN E 406 -55.36 10.74 -10.19
N LYS E 407 -55.16 9.98 -11.28
CA LYS E 407 -55.78 8.66 -11.46
C LYS E 407 -54.64 7.63 -11.66
N GLU E 408 -53.68 7.63 -10.71
CA GLU E 408 -52.40 6.88 -10.71
C GLU E 408 -51.30 7.62 -11.52
N ASP E 409 -51.73 8.59 -12.32
CA ASP E 409 -50.89 9.58 -13.01
C ASP E 409 -51.64 10.92 -12.99
N GLY E 410 -50.91 12.03 -12.85
CA GLY E 410 -51.46 13.36 -13.11
C GLY E 410 -52.00 13.46 -14.55
N ALA E 411 -53.27 13.93 -14.68
CA ALA E 411 -53.82 14.46 -15.92
C ALA E 411 -54.21 15.95 -15.72
N TRP E 412 -53.94 16.78 -16.73
CA TRP E 412 -54.13 18.22 -16.61
C TRP E 412 -55.53 18.66 -17.07
N THR E 413 -56.17 19.49 -16.22
CA THR E 413 -57.56 19.96 -16.35
C THR E 413 -58.51 18.93 -15.73
N GLN F 6 -31.96 -4.02 -11.68
CA GLN F 6 -32.90 -3.24 -12.53
C GLN F 6 -33.70 -2.25 -11.66
N LEU F 7 -34.85 -1.78 -12.16
CA LEU F 7 -35.83 -1.00 -11.39
C LEU F 7 -36.94 -1.90 -10.86
N THR F 8 -37.23 -1.81 -9.55
CA THR F 8 -38.40 -2.45 -8.97
C THR F 8 -39.66 -1.79 -9.55
N GLU F 9 -40.80 -2.53 -9.50
CA GLU F 9 -42.06 -2.07 -10.09
C GLU F 9 -42.64 -0.92 -9.24
N GLU F 10 -42.19 -0.84 -7.98
CA GLU F 10 -42.64 0.16 -7.00
C GLU F 10 -41.99 1.51 -7.28
N GLN F 11 -40.73 1.46 -7.75
CA GLN F 11 -39.97 2.65 -8.15
C GLN F 11 -40.52 3.20 -9.47
N ILE F 12 -40.69 2.31 -10.46
CA ILE F 12 -41.28 2.65 -11.74
C ILE F 12 -42.56 3.47 -11.53
N ALA F 13 -43.33 3.11 -10.50
CA ALA F 13 -44.61 3.73 -10.21
C ALA F 13 -44.38 5.14 -9.66
N GLU F 14 -43.42 5.28 -8.75
CA GLU F 14 -42.99 6.58 -8.20
C GLU F 14 -42.52 7.51 -9.33
N PHE F 15 -41.83 6.93 -10.34
CA PHE F 15 -41.23 7.68 -11.44
C PHE F 15 -42.32 8.12 -12.43
N LYS F 16 -43.28 7.23 -12.72
CA LYS F 16 -44.39 7.54 -13.63
C LYS F 16 -45.23 8.71 -13.08
N GLU F 17 -45.49 8.66 -11.76
CA GLU F 17 -46.33 9.64 -11.07
C GLU F 17 -45.67 11.03 -11.08
N ALA F 18 -44.41 11.09 -10.63
CA ALA F 18 -43.58 12.29 -10.75
C ALA F 18 -43.56 12.78 -12.20
N PHE F 19 -43.26 11.89 -13.16
CA PHE F 19 -43.10 12.23 -14.59
C PHE F 19 -44.38 12.83 -15.19
N SER F 20 -45.55 12.25 -14.87
CA SER F 20 -46.83 12.71 -15.42
C SER F 20 -47.09 14.18 -15.08
N LEU F 21 -46.54 14.66 -13.95
CA LEU F 21 -46.73 16.02 -13.48
C LEU F 21 -46.06 17.00 -14.42
N PHE F 22 -45.03 16.55 -15.15
CA PHE F 22 -44.27 17.41 -16.06
C PHE F 22 -44.76 17.26 -17.49
N ASP F 23 -45.44 16.13 -17.76
CA ASP F 23 -46.07 15.83 -19.03
C ASP F 23 -47.36 16.63 -19.15
N LYS F 24 -47.24 17.85 -19.69
CA LYS F 24 -48.24 18.90 -19.58
C LYS F 24 -49.40 18.71 -20.57
N ASP F 25 -49.05 18.23 -21.78
CA ASP F 25 -50.00 18.01 -22.87
C ASP F 25 -50.57 16.59 -22.82
N GLY F 26 -49.93 15.70 -22.05
CA GLY F 26 -50.43 14.35 -21.81
C GLY F 26 -50.07 13.37 -22.93
N ASP F 27 -49.02 13.68 -23.72
CA ASP F 27 -48.62 12.92 -24.90
C ASP F 27 -47.55 11.87 -24.55
N GLY F 28 -47.34 11.64 -23.25
CA GLY F 28 -46.43 10.62 -22.75
C GLY F 28 -44.95 10.99 -22.89
N THR F 29 -44.66 12.30 -23.09
CA THR F 29 -43.31 12.83 -23.11
C THR F 29 -43.18 14.07 -22.22
N ILE F 30 -41.93 14.47 -21.93
CA ILE F 30 -41.59 15.74 -21.27
C ILE F 30 -40.51 16.47 -22.08
N THR F 31 -40.31 17.75 -21.81
CA THR F 31 -39.25 18.57 -22.38
C THR F 31 -37.88 18.07 -21.90
N THR F 32 -36.86 18.13 -22.79
CA THR F 32 -35.45 17.85 -22.46
C THR F 32 -34.89 18.90 -21.50
N LYS F 33 -35.40 20.14 -21.64
CA LYS F 33 -35.01 21.30 -20.83
C LYS F 33 -35.42 21.08 -19.37
N GLU F 34 -36.22 20.04 -19.12
CA GLU F 34 -36.79 19.78 -17.81
C GLU F 34 -36.31 18.44 -17.25
N LEU F 35 -35.41 17.74 -17.98
CA LEU F 35 -34.97 16.40 -17.57
C LEU F 35 -34.25 16.46 -16.23
N GLY F 36 -33.29 17.41 -16.13
CA GLY F 36 -32.52 17.60 -14.92
C GLY F 36 -33.41 17.80 -13.70
N THR F 37 -34.45 18.63 -13.87
CA THR F 37 -35.35 19.02 -12.77
C THR F 37 -35.99 17.77 -12.18
N VAL F 38 -36.60 16.97 -13.09
CA VAL F 38 -37.34 15.77 -12.76
C VAL F 38 -36.43 14.74 -12.12
N MET F 39 -35.23 14.56 -12.68
CA MET F 39 -34.26 13.60 -12.18
C MET F 39 -33.89 13.97 -10.72
N ARG F 40 -33.62 15.28 -10.48
CA ARG F 40 -33.15 15.79 -9.19
C ARG F 40 -34.25 15.64 -8.12
N SER F 41 -35.52 15.94 -8.48
CA SER F 41 -36.64 15.79 -7.55
C SER F 41 -36.79 14.30 -7.15
N LEU F 42 -36.31 13.40 -8.02
CA LEU F 42 -36.35 11.96 -7.76
C LEU F 42 -35.02 11.43 -7.20
N GLY F 43 -34.07 12.33 -6.93
CA GLY F 43 -32.89 12.04 -6.11
C GLY F 43 -31.63 11.70 -6.92
N GLN F 44 -31.66 11.91 -8.22
CA GLN F 44 -30.50 11.70 -9.08
C GLN F 44 -30.03 13.06 -9.60
N ASN F 45 -28.71 13.33 -9.48
CA ASN F 45 -28.14 14.65 -9.76
C ASN F 45 -27.04 14.55 -10.82
N PRO F 46 -27.40 14.35 -12.12
CA PRO F 46 -26.42 14.31 -13.20
C PRO F 46 -25.79 15.66 -13.50
N THR F 47 -24.51 15.63 -13.96
CA THR F 47 -23.76 16.83 -14.42
C THR F 47 -24.35 17.32 -15.75
N GLU F 48 -24.06 18.59 -16.10
CA GLU F 48 -24.37 19.15 -17.43
C GLU F 48 -23.91 18.19 -18.52
N ALA F 49 -22.70 17.65 -18.35
CA ALA F 49 -22.05 16.76 -19.32
C ALA F 49 -22.89 15.51 -19.52
N GLU F 50 -23.26 14.86 -18.41
CA GLU F 50 -24.09 13.66 -18.43
C GLU F 50 -25.46 13.97 -19.05
N LEU F 51 -26.09 15.09 -18.61
CA LEU F 51 -27.40 15.52 -19.14
C LEU F 51 -27.32 15.77 -20.65
N GLN F 52 -26.33 16.55 -21.08
CA GLN F 52 -26.03 16.75 -22.49
C GLN F 52 -26.12 15.42 -23.23
N ASP F 53 -25.39 14.41 -22.73
CA ASP F 53 -25.20 13.14 -23.42
C ASP F 53 -26.50 12.33 -23.42
N MET F 54 -27.28 12.43 -22.32
CA MET F 54 -28.61 11.82 -22.21
C MET F 54 -29.56 12.46 -23.21
N ILE F 55 -29.53 13.81 -23.32
CA ILE F 55 -30.36 14.58 -24.26
C ILE F 55 -29.98 14.22 -25.71
N ASN F 56 -28.67 14.08 -25.98
CA ASN F 56 -28.15 13.78 -27.30
C ASN F 56 -28.74 12.47 -27.84
N GLU F 57 -28.71 11.41 -27.00
CA GLU F 57 -29.21 10.09 -27.38
C GLU F 57 -30.66 10.19 -27.87
N VAL F 58 -31.50 10.92 -27.13
CA VAL F 58 -32.96 10.91 -27.28
C VAL F 58 -33.47 12.01 -28.23
N ASP F 59 -32.68 13.10 -28.31
CA ASP F 59 -33.06 14.28 -29.09
C ASP F 59 -32.30 14.28 -30.41
N ALA F 60 -32.48 13.20 -31.19
CA ALA F 60 -32.01 13.13 -32.56
C ALA F 60 -32.85 14.07 -33.41
N ASP F 61 -34.17 13.99 -33.22
CA ASP F 61 -35.18 14.67 -34.05
C ASP F 61 -35.22 16.17 -33.75
N GLY F 62 -34.68 16.58 -32.60
CA GLY F 62 -34.51 18.00 -32.26
C GLY F 62 -35.84 18.71 -32.03
N ASN F 63 -36.87 17.95 -31.61
CA ASN F 63 -38.14 18.52 -31.15
C ASN F 63 -38.23 18.44 -29.62
N GLY F 64 -37.12 18.03 -28.97
CA GLY F 64 -36.86 18.31 -27.57
C GLY F 64 -37.84 17.65 -26.60
N THR F 65 -38.11 16.35 -26.81
CA THR F 65 -38.93 15.53 -25.91
C THR F 65 -38.18 14.23 -25.54
N ILE F 66 -38.64 13.57 -24.42
CA ILE F 66 -38.21 12.25 -23.94
C ILE F 66 -39.42 11.37 -23.62
N ASP F 67 -39.42 10.13 -24.16
CA ASP F 67 -40.31 9.02 -23.74
C ASP F 67 -40.23 8.78 -22.23
N PHE F 68 -41.27 8.17 -21.65
CA PHE F 68 -41.21 7.68 -20.27
C PHE F 68 -40.22 6.50 -20.16
N PRO F 69 -40.24 5.51 -21.06
CA PRO F 69 -39.22 4.46 -21.07
C PRO F 69 -37.76 4.96 -21.16
N GLU F 70 -37.51 5.98 -21.98
CA GLU F 70 -36.17 6.55 -22.12
C GLU F 70 -35.77 7.22 -20.81
N PHE F 71 -36.71 7.97 -20.22
CA PHE F 71 -36.53 8.58 -18.91
C PHE F 71 -36.14 7.55 -17.86
N LEU F 72 -36.88 6.43 -17.82
CA LEU F 72 -36.59 5.28 -16.95
C LEU F 72 -35.18 4.77 -17.22
N THR F 73 -34.84 4.57 -18.50
CA THR F 73 -33.55 4.05 -18.94
C THR F 73 -32.41 4.74 -18.18
N MET F 74 -32.52 6.07 -18.02
CA MET F 74 -31.40 6.90 -17.63
C MET F 74 -31.52 7.35 -16.17
N MET F 75 -32.73 7.25 -15.60
CA MET F 75 -32.90 7.26 -14.15
C MET F 75 -32.11 6.09 -13.55
N ALA F 76 -32.13 4.94 -14.25
CA ALA F 76 -31.49 3.70 -13.81
C ALA F 76 -29.98 3.78 -14.02
N ARG F 77 -29.58 4.21 -15.22
CA ARG F 77 -28.18 4.35 -15.59
C ARG F 77 -27.42 5.21 -14.56
N LYS F 78 -28.05 6.31 -14.13
CA LYS F 78 -27.44 7.22 -13.16
C LYS F 78 -27.52 6.59 -11.76
N MET F 79 -28.61 5.86 -11.50
CA MET F 79 -28.87 5.21 -10.20
C MET F 79 -27.81 4.14 -9.92
N LYS F 80 -27.42 3.41 -10.97
CA LYS F 80 -26.38 2.37 -10.89
C LYS F 80 -25.03 2.99 -10.50
N ASP F 81 -24.79 4.21 -10.99
CA ASP F 81 -23.49 4.86 -10.93
C ASP F 81 -23.30 5.57 -9.58
N THR F 82 -24.36 6.22 -9.06
CA THR F 82 -24.30 7.04 -7.85
C THR F 82 -24.70 6.22 -6.61
N ASP F 83 -23.98 6.42 -5.50
CA ASP F 83 -24.29 5.84 -4.20
C ASP F 83 -24.44 6.99 -3.20
N SER F 84 -25.66 7.52 -3.10
CA SER F 84 -26.03 8.67 -2.25
C SER F 84 -25.43 8.54 -0.84
N GLU F 85 -25.59 7.35 -0.23
CA GLU F 85 -25.26 7.08 1.17
C GLU F 85 -23.79 7.37 1.42
N GLU F 86 -22.90 6.79 0.58
CA GLU F 86 -21.45 6.89 0.75
C GLU F 86 -20.97 8.31 0.39
N GLU F 87 -21.61 8.92 -0.62
CA GLU F 87 -21.20 10.21 -1.17
C GLU F 87 -21.35 11.32 -0.14
N ILE F 88 -22.39 11.24 0.70
CA ILE F 88 -22.61 12.21 1.80
C ILE F 88 -21.53 12.01 2.86
N ARG F 89 -21.26 10.73 3.22
CA ARG F 89 -20.27 10.34 4.24
C ARG F 89 -18.87 10.77 3.82
N GLU F 90 -18.58 10.63 2.51
CA GLU F 90 -17.29 10.99 1.92
C GLU F 90 -17.07 12.51 1.96
N ALA F 91 -18.17 13.27 1.84
CA ALA F 91 -18.15 14.73 1.69
C ALA F 91 -18.07 15.42 3.06
N PHE F 92 -18.34 14.65 4.13
CA PHE F 92 -18.07 15.06 5.51
C PHE F 92 -16.68 14.55 5.93
N ARG F 93 -16.34 13.33 5.49
CA ARG F 93 -15.10 12.66 5.89
C ARG F 93 -13.89 13.51 5.48
N VAL F 94 -14.04 14.30 4.39
CA VAL F 94 -13.00 15.19 3.87
C VAL F 94 -12.64 16.26 4.90
N PHE F 95 -13.56 16.54 5.82
CA PHE F 95 -13.39 17.58 6.84
C PHE F 95 -12.90 16.96 8.14
N ASP F 96 -12.77 15.62 8.17
CA ASP F 96 -12.15 14.87 9.26
C ASP F 96 -10.62 14.87 9.12
N LYS F 97 -9.96 15.83 9.81
CA LYS F 97 -8.49 16.01 9.77
C LYS F 97 -7.76 14.69 10.08
N ASP F 98 -8.17 14.02 11.17
CA ASP F 98 -7.44 12.92 11.79
C ASP F 98 -8.15 11.58 11.56
N GLY F 99 -9.27 11.61 10.82
CA GLY F 99 -10.00 10.40 10.42
C GLY F 99 -10.52 9.58 11.61
N ASN F 100 -10.93 10.26 12.68
CA ASN F 100 -11.43 9.61 13.88
C ASN F 100 -12.96 9.48 13.83
N GLY F 101 -13.57 10.00 12.76
CA GLY F 101 -15.02 9.92 12.56
C GLY F 101 -15.78 11.07 13.21
N TYR F 102 -15.04 12.04 13.76
CA TYR F 102 -15.62 13.22 14.39
C TYR F 102 -15.13 14.50 13.70
N ILE F 103 -15.97 15.55 13.75
CA ILE F 103 -15.57 16.94 13.46
C ILE F 103 -16.25 17.83 14.50
N SER F 104 -15.61 18.96 14.87
CA SER F 104 -16.18 19.85 15.87
C SER F 104 -17.50 20.43 15.35
N ALA F 105 -18.37 20.85 16.28
CA ALA F 105 -19.59 21.59 15.95
C ALA F 105 -19.24 22.83 15.11
N ALA F 106 -18.13 23.50 15.47
CA ALA F 106 -17.62 24.69 14.78
C ALA F 106 -17.33 24.36 13.32
N GLU F 107 -16.68 23.21 13.10
CA GLU F 107 -16.31 22.74 11.77
C GLU F 107 -17.56 22.37 10.97
N LEU F 108 -18.61 21.85 11.66
CA LEU F 108 -19.83 21.41 10.98
C LEU F 108 -20.66 22.63 10.55
N ARG F 109 -20.69 23.65 11.42
CA ARG F 109 -21.41 24.90 11.18
C ARG F 109 -20.86 25.57 9.93
N HIS F 110 -19.51 25.55 9.81
CA HIS F 110 -18.77 26.20 8.73
C HIS F 110 -19.10 25.51 7.39
N VAL F 111 -19.12 24.17 7.38
CA VAL F 111 -19.36 23.41 6.16
C VAL F 111 -20.81 23.62 5.71
N MET F 112 -21.76 23.65 6.67
CA MET F 112 -23.19 23.73 6.37
C MET F 112 -23.55 25.14 5.91
N THR F 113 -22.99 26.16 6.56
CA THR F 113 -23.18 27.56 6.14
C THR F 113 -22.66 27.74 4.70
N ASN F 114 -21.48 27.17 4.40
CA ASN F 114 -20.85 27.28 3.07
C ASN F 114 -21.61 26.49 1.99
N LEU F 115 -22.13 25.31 2.36
CA LEU F 115 -22.70 24.37 1.41
C LEU F 115 -24.24 24.46 1.43
N GLY F 116 -24.77 25.33 2.33
CA GLY F 116 -26.21 25.59 2.44
C GLY F 116 -26.67 26.70 1.49
N GLU F 117 -26.85 26.33 0.20
CA GLU F 117 -27.10 27.29 -0.89
C GLU F 117 -28.32 28.17 -0.52
N LYS F 118 -29.36 27.53 0.06
CA LYS F 118 -30.64 28.18 0.33
C LYS F 118 -31.07 28.02 1.80
N LEU F 119 -30.11 27.81 2.69
CA LEU F 119 -30.39 27.70 4.13
C LEU F 119 -30.60 29.09 4.72
N THR F 120 -31.31 29.16 5.84
CA THR F 120 -31.27 30.31 6.77
C THR F 120 -30.22 30.06 7.86
N ASP F 121 -29.71 31.15 8.45
CA ASP F 121 -28.81 31.07 9.61
C ASP F 121 -29.49 30.28 10.74
N GLU F 122 -30.81 30.52 10.95
CA GLU F 122 -31.62 29.85 11.97
C GLU F 122 -31.62 28.34 11.75
N GLU F 123 -31.84 27.90 10.49
CA GLU F 123 -31.81 26.47 10.14
C GLU F 123 -30.44 25.87 10.50
N VAL F 124 -29.34 26.55 10.08
CA VAL F 124 -27.98 26.13 10.44
C VAL F 124 -27.90 26.00 11.97
N ASP F 125 -28.33 27.06 12.69
CA ASP F 125 -28.38 27.05 14.15
C ASP F 125 -29.07 25.78 14.69
N GLN F 126 -30.28 25.48 14.16
CA GLN F 126 -31.09 24.34 14.61
C GLN F 126 -30.33 23.04 14.39
N MET F 127 -29.81 22.87 13.16
CA MET F 127 -29.00 21.73 12.72
C MET F 127 -27.91 21.37 13.72
N ILE F 128 -27.13 22.40 14.10
CA ILE F 128 -25.96 22.25 14.98
C ILE F 128 -26.40 21.92 16.42
N ARG F 129 -27.45 22.61 16.93
CA ARG F 129 -28.15 22.20 18.15
C ARG F 129 -28.51 20.70 18.10
N GLU F 130 -28.92 20.20 16.91
CA GLU F 130 -29.43 18.84 16.74
C GLU F 130 -28.34 17.85 16.31
N ALA F 131 -27.07 18.23 16.36
CA ALA F 131 -25.99 17.27 16.13
C ALA F 131 -25.72 16.52 17.45
N ASP F 132 -26.84 16.09 18.09
CA ASP F 132 -26.92 15.51 19.44
C ASP F 132 -25.88 16.09 20.39
N ILE F 133 -25.90 17.42 20.58
CA ILE F 133 -24.86 18.11 21.34
C ILE F 133 -25.03 17.82 22.84
N ASP F 134 -23.93 17.31 23.42
CA ASP F 134 -23.80 17.00 24.83
C ASP F 134 -22.92 18.05 25.50
N GLY F 135 -22.49 19.05 24.70
CA GLY F 135 -21.69 20.19 25.17
C GLY F 135 -20.21 20.04 24.85
N ASP F 136 -19.79 18.82 24.41
CA ASP F 136 -18.38 18.50 24.18
C ASP F 136 -17.87 19.18 22.90
N GLY F 137 -18.81 19.65 22.06
CA GLY F 137 -18.50 20.42 20.87
C GLY F 137 -17.88 19.59 19.75
N GLN F 138 -17.82 18.26 19.96
CA GLN F 138 -17.41 17.31 18.93
C GLN F 138 -18.66 16.58 18.40
N VAL F 139 -18.75 16.42 17.07
CA VAL F 139 -19.89 15.77 16.43
C VAL F 139 -19.38 14.60 15.60
N ASN F 140 -19.98 13.43 15.85
CA ASN F 140 -19.82 12.24 15.03
C ASN F 140 -20.70 12.42 13.79
N TYR F 141 -20.08 12.50 12.60
CA TYR F 141 -20.76 12.96 11.39
C TYR F 141 -21.62 11.83 10.82
N GLU F 142 -21.28 10.57 11.14
CA GLU F 142 -22.09 9.42 10.74
C GLU F 142 -23.47 9.53 11.37
N GLU F 143 -23.50 9.85 12.68
CA GLU F 143 -24.73 9.97 13.45
C GLU F 143 -25.51 11.21 12.98
N PHE F 144 -24.77 12.27 12.61
CA PHE F 144 -25.37 13.47 12.06
C PHE F 144 -26.10 13.15 10.75
N VAL F 145 -25.40 12.45 9.83
CA VAL F 145 -25.97 12.04 8.54
C VAL F 145 -27.19 11.17 8.81
N GLN F 146 -27.04 10.19 9.71
CA GLN F 146 -28.11 9.30 10.16
C GLN F 146 -29.34 10.08 10.63
N MET F 147 -29.13 11.10 11.48
CA MET F 147 -30.20 11.97 11.96
C MET F 147 -30.82 12.76 10.80
N MET F 148 -29.98 13.45 10.00
CA MET F 148 -30.44 14.30 8.89
C MET F 148 -31.15 13.47 7.80
N THR F 149 -30.69 12.22 7.60
CA THR F 149 -31.16 11.36 6.51
C THR F 149 -32.48 10.67 6.88
N ALA F 150 -32.84 10.73 8.18
CA ALA F 150 -33.94 9.95 8.76
C ALA F 150 -35.27 10.68 8.60
N LYS F 151 -35.33 11.92 9.14
CA LYS F 151 -36.38 12.87 8.84
C LYS F 151 -36.55 13.01 7.32
N SER G 10 -51.51 -45.98 -23.74
CA SER G 10 -51.83 -44.89 -24.72
C SER G 10 -50.72 -43.83 -24.71
N LEU G 11 -49.82 -43.90 -25.70
CA LEU G 11 -48.71 -42.97 -25.88
C LEU G 11 -49.23 -41.61 -26.36
N VAL G 12 -50.34 -41.64 -27.13
CA VAL G 12 -50.89 -40.47 -27.82
C VAL G 12 -51.67 -39.62 -26.82
N ALA G 13 -52.23 -40.26 -25.80
CA ALA G 13 -53.00 -39.58 -24.75
C ALA G 13 -52.07 -38.70 -23.91
N ALA G 14 -50.89 -39.25 -23.59
CA ALA G 14 -49.88 -38.56 -22.78
C ALA G 14 -49.32 -37.39 -23.58
N ARG G 15 -49.04 -37.61 -24.87
CA ARG G 15 -48.56 -36.59 -25.79
C ARG G 15 -49.59 -35.46 -25.91
N ALA G 16 -50.86 -35.84 -26.01
CA ALA G 16 -51.97 -34.90 -26.21
C ALA G 16 -52.17 -34.04 -24.95
N GLU G 17 -52.06 -34.66 -23.78
CA GLU G 17 -52.09 -33.96 -22.49
C GLU G 17 -50.98 -32.90 -22.47
N LYS G 18 -49.76 -33.28 -22.84
CA LYS G 18 -48.60 -32.39 -22.82
C LYS G 18 -48.85 -31.19 -23.74
N VAL G 19 -49.38 -31.48 -24.95
CA VAL G 19 -49.69 -30.47 -25.97
C VAL G 19 -50.78 -29.52 -25.45
N ALA G 20 -51.79 -30.08 -24.76
CA ALA G 20 -52.82 -29.29 -24.11
C ALA G 20 -52.21 -28.19 -23.21
N ASN G 21 -51.32 -28.61 -22.30
CA ASN G 21 -50.70 -27.75 -21.30
C ASN G 21 -49.83 -26.68 -22.00
N LEU G 22 -49.16 -27.06 -23.10
CA LEU G 22 -48.40 -26.11 -23.94
C LEU G 22 -49.34 -25.02 -24.51
N TYR G 23 -50.47 -25.46 -25.08
CA TYR G 23 -51.46 -24.56 -25.68
C TYR G 23 -52.04 -23.63 -24.61
N ARG G 24 -52.41 -24.20 -23.43
CA ARG G 24 -52.90 -23.40 -22.29
C ARG G 24 -51.87 -22.34 -21.87
N TRP G 25 -50.58 -22.75 -21.80
CA TRP G 25 -49.46 -21.85 -21.52
C TRP G 25 -49.36 -20.71 -22.56
N LEU G 26 -49.38 -21.04 -23.85
CA LEU G 26 -49.36 -20.02 -24.91
C LEU G 26 -50.64 -19.16 -24.85
N ASP G 27 -51.66 -19.64 -24.13
CA ASP G 27 -52.97 -18.99 -24.01
C ASP G 27 -53.11 -18.15 -22.73
N THR G 28 -52.15 -18.22 -21.80
CA THR G 28 -52.29 -17.66 -20.45
C THR G 28 -52.66 -16.16 -20.53
N ASP G 29 -52.28 -15.50 -21.63
CA ASP G 29 -52.57 -14.08 -21.85
C ASP G 29 -54.02 -13.92 -22.35
N ASN G 30 -54.35 -14.58 -23.46
CA ASN G 30 -55.69 -14.50 -24.05
C ASN G 30 -56.76 -15.05 -23.10
N ASP G 31 -56.46 -16.16 -22.40
CA ASP G 31 -57.33 -16.71 -21.35
C ASP G 31 -58.61 -17.31 -21.99
N VAL G 32 -58.49 -17.76 -23.23
CA VAL G 32 -59.63 -18.18 -24.04
C VAL G 32 -59.93 -19.66 -23.79
N ALA G 33 -58.91 -20.41 -23.36
CA ALA G 33 -59.03 -21.83 -23.07
C ALA G 33 -60.17 -22.06 -22.06
N THR G 34 -60.95 -23.13 -22.27
CA THR G 34 -61.98 -23.56 -21.34
C THR G 34 -61.79 -25.04 -21.03
N ASP G 35 -62.75 -25.63 -20.30
CA ASP G 35 -62.77 -27.05 -19.96
C ASP G 35 -62.79 -27.93 -21.21
N LYS G 36 -63.47 -27.49 -22.27
CA LYS G 36 -63.65 -28.29 -23.49
C LYS G 36 -62.75 -27.82 -24.64
N TYR G 37 -62.44 -26.51 -24.69
CA TYR G 37 -61.79 -25.87 -25.84
C TYR G 37 -60.38 -25.38 -25.49
N VAL G 38 -59.36 -25.99 -26.12
CA VAL G 38 -57.99 -25.54 -26.02
C VAL G 38 -57.57 -24.93 -27.35
N PRO G 39 -57.34 -23.61 -27.43
CA PRO G 39 -56.99 -22.97 -28.70
C PRO G 39 -55.66 -23.51 -29.25
N VAL G 40 -55.68 -23.88 -30.54
CA VAL G 40 -54.46 -24.20 -31.27
C VAL G 40 -53.79 -22.88 -31.65
N PRO G 41 -52.53 -22.63 -31.20
CA PRO G 41 -51.90 -21.32 -31.39
C PRO G 41 -51.80 -20.97 -32.88
N GLY G 42 -52.30 -19.77 -33.23
CA GLY G 42 -52.20 -19.21 -34.57
C GLY G 42 -53.40 -19.59 -35.44
N PHE G 43 -54.30 -20.41 -34.89
CA PHE G 43 -55.39 -21.03 -35.64
C PHE G 43 -56.72 -20.69 -34.96
N GLU G 44 -57.37 -19.63 -35.46
CA GLU G 44 -58.58 -19.07 -34.87
C GLU G 44 -59.74 -20.08 -34.98
N ARG G 45 -60.62 -20.07 -33.99
CA ARG G 45 -61.86 -20.84 -33.98
C ARG G 45 -62.94 -20.10 -34.79
N VAL G 46 -63.44 -20.76 -35.85
CA VAL G 46 -64.60 -20.26 -36.61
C VAL G 46 -65.77 -21.21 -36.35
N ASP G 47 -66.75 -20.73 -35.57
CA ASP G 47 -67.85 -21.56 -35.05
C ASP G 47 -68.62 -22.18 -36.21
N VAL G 48 -69.13 -23.40 -36.00
CA VAL G 48 -69.76 -24.18 -37.06
C VAL G 48 -71.17 -24.57 -36.61
N ASP G 49 -72.16 -23.73 -36.96
CA ASP G 49 -73.58 -24.03 -36.81
C ASP G 49 -74.07 -24.73 -38.08
N VAL G 50 -74.45 -26.04 -37.95
CA VAL G 50 -74.86 -26.88 -39.08
C VAL G 50 -76.14 -27.62 -38.71
N SER G 51 -77.06 -27.74 -39.70
CA SER G 51 -78.17 -28.69 -39.67
C SER G 51 -77.64 -30.12 -39.46
N ASP G 52 -78.38 -30.93 -38.66
CA ASP G 52 -78.02 -32.32 -38.37
C ASP G 52 -78.44 -33.24 -39.52
N GLU G 53 -78.95 -32.61 -40.61
CA GLU G 53 -79.15 -33.25 -41.90
C GLU G 53 -77.84 -33.18 -42.72
N VAL G 54 -77.24 -31.98 -42.79
CA VAL G 54 -75.98 -31.71 -43.49
C VAL G 54 -74.86 -32.54 -42.87
N LYS G 55 -74.71 -32.43 -41.53
CA LYS G 55 -73.67 -33.13 -40.76
C LYS G 55 -73.75 -34.63 -41.07
N GLN G 56 -74.96 -35.18 -41.03
CA GLN G 56 -75.23 -36.59 -41.28
C GLN G 56 -74.66 -37.01 -42.63
N ARG G 57 -74.76 -36.11 -43.63
CA ARG G 57 -74.22 -36.33 -44.96
C ARG G 57 -72.68 -36.32 -44.94
N MET G 58 -72.09 -35.31 -44.28
CA MET G 58 -70.66 -35.25 -44.00
C MET G 58 -70.20 -36.61 -43.44
N ILE G 59 -70.86 -37.06 -42.37
CA ILE G 59 -70.53 -38.32 -41.67
C ILE G 59 -70.64 -39.49 -42.64
N GLN G 60 -71.79 -39.60 -43.32
CA GLN G 60 -72.06 -40.69 -44.25
C GLN G 60 -70.96 -40.71 -45.33
N SER G 61 -70.68 -39.52 -45.90
CA SER G 61 -69.66 -39.34 -46.93
C SER G 61 -68.29 -39.76 -46.39
N MET G 62 -68.00 -39.36 -45.14
CA MET G 62 -66.76 -39.72 -44.43
C MET G 62 -66.64 -41.25 -44.32
N SER G 63 -67.73 -41.89 -43.83
CA SER G 63 -67.79 -43.35 -43.60
C SER G 63 -67.44 -44.13 -44.87
N GLY G 64 -67.86 -43.61 -46.03
CA GLY G 64 -67.53 -44.19 -47.33
C GLY G 64 -66.02 -44.35 -47.54
N TYR G 65 -65.27 -43.25 -47.30
CA TYR G 65 -63.82 -43.21 -47.46
C TYR G 65 -63.13 -44.22 -46.51
N ILE G 66 -63.69 -44.41 -45.31
CA ILE G 66 -63.07 -45.20 -44.24
C ILE G 66 -63.20 -46.70 -44.54
N GLU G 67 -64.41 -47.13 -44.97
CA GLU G 67 -64.71 -48.53 -45.26
C GLU G 67 -64.04 -48.96 -46.56
N HIS G 68 -63.99 -48.02 -47.53
CA HIS G 68 -63.59 -48.29 -48.91
C HIS G 68 -62.08 -48.03 -49.14
N THR G 69 -61.22 -48.35 -48.14
CA THR G 69 -59.75 -48.27 -48.28
C THR G 69 -59.03 -49.26 -47.32
N ASP G 70 -57.73 -49.53 -47.60
CA ASP G 70 -56.95 -50.57 -46.92
C ASP G 70 -56.13 -49.96 -45.76
N ASN G 71 -56.64 -50.06 -44.51
CA ASN G 71 -56.28 -49.09 -43.47
C ASN G 71 -56.39 -49.60 -42.02
N GLN G 72 -56.54 -50.91 -41.81
CA GLN G 72 -56.56 -51.50 -40.46
C GLN G 72 -57.69 -50.98 -39.55
N VAL G 73 -58.84 -50.54 -40.13
CA VAL G 73 -59.98 -50.10 -39.31
C VAL G 73 -61.07 -51.16 -39.34
N PRO G 74 -61.75 -51.47 -38.21
CA PRO G 74 -62.86 -52.42 -38.19
C PRO G 74 -63.99 -51.90 -39.09
N LYS G 75 -64.20 -52.60 -40.21
CA LYS G 75 -65.24 -52.26 -41.19
C LYS G 75 -66.61 -52.15 -40.50
N ASP G 76 -66.76 -52.87 -39.38
CA ASP G 76 -67.98 -52.85 -38.56
C ASP G 76 -67.94 -51.67 -37.57
N GLN G 77 -66.99 -50.73 -37.78
CA GLN G 77 -66.66 -49.67 -36.81
C GLN G 77 -66.63 -48.30 -37.50
N ALA G 78 -66.43 -48.28 -38.82
CA ALA G 78 -66.09 -47.08 -39.58
C ALA G 78 -67.09 -45.93 -39.35
N GLU G 79 -68.39 -46.26 -39.19
CA GLU G 79 -69.43 -45.26 -39.00
C GLU G 79 -69.27 -44.56 -37.65
N ALA G 80 -68.87 -45.34 -36.63
CA ALA G 80 -68.61 -44.83 -35.28
C ALA G 80 -67.43 -43.86 -35.28
N LEU G 81 -66.38 -44.20 -36.04
CA LEU G 81 -65.20 -43.36 -36.16
C LEU G 81 -65.53 -42.03 -36.86
N ALA G 82 -66.41 -42.08 -37.86
CA ALA G 82 -66.69 -40.93 -38.73
C ALA G 82 -67.37 -39.79 -37.95
N THR G 83 -68.36 -40.15 -37.11
CA THR G 83 -69.10 -39.17 -36.30
C THR G 83 -68.16 -38.48 -35.31
N LEU G 84 -67.43 -39.30 -34.53
CA LEU G 84 -66.40 -38.85 -33.60
C LEU G 84 -65.50 -37.79 -34.26
N PHE G 85 -65.04 -38.09 -35.50
CA PHE G 85 -64.04 -37.27 -36.19
C PHE G 85 -64.61 -35.92 -36.61
N VAL G 86 -65.89 -35.90 -36.99
CA VAL G 86 -66.52 -34.69 -37.52
C VAL G 86 -67.14 -33.88 -36.38
N GLU G 87 -67.62 -34.57 -35.34
CA GLU G 87 -68.02 -33.94 -34.10
C GLU G 87 -66.82 -33.18 -33.51
N SER G 88 -65.74 -33.92 -33.23
CA SER G 88 -64.52 -33.39 -32.61
C SER G 88 -63.98 -32.20 -33.40
N THR G 89 -63.97 -32.33 -34.73
CA THR G 89 -63.45 -31.31 -35.63
C THR G 89 -64.30 -30.05 -35.52
N LEU G 90 -65.59 -30.18 -35.88
CA LEU G 90 -66.50 -29.03 -36.06
C LEU G 90 -66.83 -28.40 -34.70
N ASP G 91 -66.89 -29.24 -33.66
CA ASP G 91 -67.18 -28.81 -32.29
C ASP G 91 -65.91 -28.23 -31.63
N TYR G 92 -64.77 -28.26 -32.35
CA TYR G 92 -63.46 -27.94 -31.78
C TYR G 92 -63.36 -28.50 -30.36
N ASP G 93 -63.72 -29.78 -30.18
CA ASP G 93 -63.84 -30.42 -28.88
C ASP G 93 -62.57 -31.22 -28.54
N TRP G 94 -61.83 -30.76 -27.51
CA TRP G 94 -60.51 -31.31 -27.20
C TRP G 94 -60.56 -32.79 -26.87
N ASP G 95 -61.35 -33.15 -25.85
CA ASP G 95 -61.37 -34.52 -25.32
C ASP G 95 -61.65 -35.50 -26.45
N LYS G 96 -62.54 -35.10 -27.37
CA LYS G 96 -63.03 -35.98 -28.42
C LYS G 96 -61.95 -36.12 -29.50
N ARG G 97 -61.38 -34.97 -29.93
CA ARG G 97 -60.21 -34.95 -30.78
C ARG G 97 -59.19 -35.98 -30.28
N VAL G 98 -59.01 -36.04 -28.95
CA VAL G 98 -58.08 -36.98 -28.29
C VAL G 98 -58.63 -38.40 -28.43
N GLU G 99 -59.91 -38.59 -28.04
CA GLU G 99 -60.60 -39.89 -28.15
C GLU G 99 -60.34 -40.49 -29.53
N PHE G 100 -60.44 -39.65 -30.57
CA PHE G 100 -60.27 -40.04 -31.97
C PHE G 100 -58.89 -40.66 -32.22
N LEU G 101 -57.82 -40.00 -31.74
CA LEU G 101 -56.45 -40.49 -31.89
C LEU G 101 -56.26 -41.79 -31.08
N THR G 102 -56.87 -41.85 -29.88
CA THR G 102 -56.87 -43.03 -29.03
C THR G 102 -57.45 -44.25 -29.78
N LYS G 103 -58.56 -44.02 -30.51
CA LYS G 103 -59.24 -45.08 -31.27
C LYS G 103 -58.32 -45.65 -32.35
N LEU G 104 -57.67 -44.75 -33.11
CA LEU G 104 -56.70 -45.14 -34.13
C LEU G 104 -55.57 -45.94 -33.50
N GLU G 105 -55.16 -45.55 -32.27
CA GLU G 105 -54.05 -46.19 -31.55
C GLU G 105 -54.33 -47.68 -31.39
N SER G 106 -55.53 -48.00 -30.88
CA SER G 106 -55.95 -49.37 -30.58
C SER G 106 -56.56 -50.04 -31.83
N TYR G 107 -56.29 -49.45 -33.01
CA TYR G 107 -56.39 -50.15 -34.29
C TYR G 107 -54.99 -50.48 -34.81
N GLY G 108 -53.97 -50.26 -33.94
CA GLY G 108 -52.58 -50.59 -34.24
C GLY G 108 -51.86 -49.54 -35.09
N TYR G 109 -52.40 -48.31 -35.13
CA TYR G 109 -51.69 -47.12 -35.60
C TYR G 109 -50.91 -46.49 -34.46
N SER G 110 -49.58 -46.54 -34.55
CA SER G 110 -48.70 -45.92 -33.55
C SER G 110 -48.41 -44.48 -33.99
N PHE G 111 -48.29 -43.59 -33.00
CA PHE G 111 -47.93 -42.18 -33.21
C PHE G 111 -46.46 -41.93 -32.86
N GLU G 112 -45.64 -43.00 -32.90
CA GLU G 112 -44.18 -42.91 -32.74
C GLU G 112 -43.54 -42.94 -34.12
N ALA G 113 -42.21 -42.74 -34.18
CA ALA G 113 -41.43 -42.80 -35.43
C ALA G 113 -41.10 -44.24 -35.79
N PRO G 114 -40.85 -44.55 -37.09
CA PRO G 114 -40.69 -45.93 -37.55
C PRO G 114 -39.31 -46.56 -37.31
N HIS G 115 -38.30 -45.73 -36.98
CA HIS G 115 -36.92 -46.18 -36.81
C HIS G 115 -36.52 -46.16 -35.33
N ALA G 116 -37.52 -45.99 -34.43
CA ALA G 116 -37.33 -45.97 -32.98
C ALA G 116 -36.38 -44.83 -32.59
N GLU G 117 -35.45 -45.12 -31.65
CA GLU G 117 -34.49 -44.13 -31.13
C GLU G 117 -33.34 -43.91 -32.12
N LYS G 118 -33.33 -44.70 -33.21
CA LYS G 118 -32.48 -44.46 -34.38
C LYS G 118 -33.24 -43.57 -35.40
N SER G 119 -34.02 -42.61 -34.87
CA SER G 119 -34.81 -41.69 -35.68
C SER G 119 -34.45 -40.24 -35.33
N ILE G 120 -34.07 -39.46 -36.36
CA ILE G 120 -33.95 -38.00 -36.28
C ILE G 120 -35.31 -37.38 -36.63
N VAL G 121 -36.13 -37.13 -35.59
CA VAL G 121 -37.46 -36.53 -35.75
C VAL G 121 -37.28 -35.16 -36.39
N SER G 122 -37.85 -34.99 -37.61
CA SER G 122 -37.55 -33.86 -38.48
C SER G 122 -38.83 -33.16 -38.97
N PHE G 123 -38.65 -32.02 -39.65
CA PHE G 123 -39.73 -31.12 -40.04
C PHE G 123 -39.44 -30.61 -41.45
N TRP G 124 -40.51 -30.57 -42.28
CA TRP G 124 -40.42 -30.22 -43.70
C TRP G 124 -41.19 -28.94 -44.00
N SER G 125 -40.95 -28.39 -45.21
CA SER G 125 -41.55 -27.14 -45.67
C SER G 125 -41.17 -26.99 -47.16
N GLY G 126 -42.19 -26.92 -48.04
CA GLY G 126 -42.01 -26.62 -49.46
C GLY G 126 -42.30 -27.84 -50.35
N LYS G 127 -41.65 -27.87 -51.54
CA LYS G 127 -41.78 -28.97 -52.51
C LYS G 127 -40.52 -29.84 -52.50
N ASN G 128 -39.34 -29.20 -52.63
CA ASN G 128 -38.04 -29.86 -52.51
C ASN G 128 -37.72 -30.15 -51.04
N PHE G 129 -38.35 -31.20 -50.48
CA PHE G 129 -38.16 -31.60 -49.07
C PHE G 129 -37.99 -33.11 -48.93
N LYS G 130 -38.08 -33.84 -50.07
CA LYS G 130 -37.93 -35.30 -50.10
C LYS G 130 -36.56 -35.67 -50.65
N GLN G 131 -35.89 -34.71 -51.29
CA GLN G 131 -34.53 -34.86 -51.78
C GLN G 131 -33.52 -34.64 -50.65
N TYR G 132 -33.90 -33.82 -49.66
CA TYR G 132 -33.05 -33.48 -48.53
C TYR G 132 -32.75 -34.71 -47.65
N ARG G 133 -33.78 -35.56 -47.42
CA ARG G 133 -33.68 -36.71 -46.50
C ARG G 133 -32.48 -37.59 -46.84
N ASP G 134 -32.19 -37.74 -48.15
CA ASP G 134 -31.10 -38.56 -48.65
C ASP G 134 -29.77 -38.12 -48.02
N ILE G 135 -29.34 -36.88 -48.35
CA ILE G 135 -28.03 -36.36 -47.95
C ILE G 135 -27.92 -36.34 -46.41
N LEU G 136 -29.07 -36.17 -45.74
CA LEU G 136 -29.14 -36.04 -44.27
C LEU G 136 -28.81 -37.39 -43.59
N ASP G 137 -29.35 -38.49 -44.14
CA ASP G 137 -29.13 -39.84 -43.60
C ASP G 137 -27.62 -40.17 -43.56
N ASN G 138 -26.87 -39.71 -44.57
CA ASN G 138 -25.46 -40.05 -44.79
C ASN G 138 -24.58 -39.54 -43.64
N ALA G 139 -24.61 -38.22 -43.40
CA ALA G 139 -23.71 -37.52 -42.48
C ALA G 139 -23.89 -38.04 -41.03
N GLN G 140 -24.93 -38.86 -40.80
CA GLN G 140 -25.17 -39.53 -39.53
C GLN G 140 -24.25 -40.75 -39.41
N THR G 141 -23.57 -40.86 -38.25
CA THR G 141 -22.42 -41.74 -38.03
C THR G 141 -22.86 -43.09 -37.45
N ASP G 142 -24.08 -43.13 -36.86
CA ASP G 142 -24.50 -44.21 -35.95
C ASP G 142 -25.73 -44.93 -36.51
N GLY G 143 -25.99 -44.74 -37.81
CA GLY G 143 -27.10 -45.41 -38.49
C GLY G 143 -28.47 -44.84 -38.11
N LYS G 144 -28.49 -43.58 -37.61
CA LYS G 144 -29.72 -42.83 -37.34
C LYS G 144 -30.36 -42.40 -38.67
N LYS G 145 -31.70 -42.30 -38.70
CA LYS G 145 -32.47 -41.99 -39.91
C LYS G 145 -33.29 -40.71 -39.71
N VAL G 146 -33.86 -40.17 -40.80
CA VAL G 146 -34.64 -38.93 -40.78
C VAL G 146 -36.11 -39.27 -41.09
N VAL G 147 -37.02 -38.81 -40.23
CA VAL G 147 -38.47 -39.05 -40.37
C VAL G 147 -39.24 -37.71 -40.42
N TYR G 148 -40.35 -37.70 -41.18
CA TYR G 148 -41.30 -36.59 -41.20
C TYR G 148 -42.62 -37.06 -40.57
N ASP G 149 -43.60 -36.14 -40.44
CA ASP G 149 -44.86 -36.49 -39.79
C ASP G 149 -45.70 -37.40 -40.70
N ILE G 150 -45.39 -37.41 -42.00
CA ILE G 150 -46.07 -38.26 -42.98
C ILE G 150 -45.60 -39.73 -42.86
N ASP G 151 -44.39 -39.94 -42.29
CA ASP G 151 -43.79 -41.27 -42.14
C ASP G 151 -44.41 -42.03 -40.95
N VAL G 152 -45.13 -41.31 -40.09
CA VAL G 152 -45.82 -41.90 -38.93
C VAL G 152 -47.29 -42.04 -39.32
N LYS G 153 -47.76 -43.29 -39.39
CA LYS G 153 -48.97 -43.60 -40.15
C LYS G 153 -50.21 -43.22 -39.35
N GLY G 154 -50.06 -43.13 -38.02
CA GLY G 154 -51.06 -42.51 -37.16
C GLY G 154 -51.45 -41.11 -37.65
N ASN G 155 -50.46 -40.23 -37.80
CA ASN G 155 -50.62 -38.88 -38.35
C ASN G 155 -51.11 -38.99 -39.81
N ALA G 156 -50.43 -39.83 -40.61
CA ALA G 156 -50.72 -40.00 -42.04
C ALA G 156 -52.20 -40.27 -42.28
N PHE G 157 -52.76 -41.26 -41.56
CA PHE G 157 -54.16 -41.62 -41.65
C PHE G 157 -55.04 -40.43 -41.20
N ALA G 158 -54.79 -39.99 -39.96
CA ALA G 158 -55.44 -38.81 -39.39
C ALA G 158 -55.58 -37.71 -40.46
N ILE G 159 -54.44 -37.32 -41.07
CA ILE G 159 -54.37 -36.25 -42.08
C ILE G 159 -55.32 -36.58 -43.23
N ASP G 160 -55.27 -37.84 -43.69
CA ASP G 160 -56.02 -38.32 -44.85
C ASP G 160 -57.49 -37.90 -44.71
N LEU G 161 -58.13 -38.35 -43.62
CA LEU G 161 -59.53 -38.06 -43.33
C LEU G 161 -59.78 -36.55 -43.30
N ASN G 162 -58.90 -35.82 -42.61
CA ASN G 162 -59.03 -34.37 -42.48
C ASN G 162 -59.11 -33.75 -43.88
N LYS G 163 -58.36 -34.32 -44.83
CA LYS G 163 -58.28 -33.81 -46.21
C LYS G 163 -59.62 -34.08 -46.91
N HIS G 164 -60.13 -35.32 -46.75
CA HIS G 164 -61.44 -35.70 -47.27
C HIS G 164 -62.54 -34.76 -46.77
N LEU G 165 -62.47 -34.42 -45.48
CA LEU G 165 -63.48 -33.60 -44.84
C LEU G 165 -63.40 -32.17 -45.37
N MET G 166 -62.19 -31.68 -45.66
CA MET G 166 -61.98 -30.33 -46.15
C MET G 166 -62.43 -30.23 -47.60
N ARG G 167 -62.17 -31.31 -48.37
CA ARG G 167 -62.55 -31.40 -49.77
C ARG G 167 -64.07 -31.36 -49.87
N TRP G 168 -64.75 -32.18 -49.03
CA TRP G 168 -66.20 -32.15 -48.88
C TRP G 168 -66.73 -30.71 -48.86
N GLY G 169 -66.03 -29.82 -48.16
CA GLY G 169 -66.43 -28.42 -48.07
C GLY G 169 -66.39 -27.70 -49.41
N GLY G 170 -65.35 -27.99 -50.21
CA GLY G 170 -65.14 -27.33 -51.50
C GLY G 170 -65.98 -27.95 -52.61
N LEU G 171 -66.30 -29.26 -52.45
CA LEU G 171 -66.95 -30.10 -53.47
C LEU G 171 -68.47 -30.00 -53.40
N PHE G 172 -69.02 -30.13 -52.17
CA PHE G 172 -70.45 -30.32 -51.94
C PHE G 172 -71.17 -28.99 -51.64
N LEU G 173 -70.42 -27.94 -51.29
CA LEU G 173 -70.99 -26.68 -50.80
C LEU G 173 -70.88 -25.59 -51.88
N ASP G 174 -72.00 -24.86 -52.09
CA ASP G 174 -72.10 -23.83 -53.13
C ASP G 174 -71.55 -22.52 -52.57
N PRO G 175 -70.40 -22.03 -53.08
CA PRO G 175 -69.78 -20.81 -52.54
C PRO G 175 -70.55 -19.53 -52.85
N ASP G 176 -71.35 -19.54 -53.93
CA ASP G 176 -72.16 -18.39 -54.34
C ASP G 176 -73.22 -18.12 -53.27
N ASN G 177 -73.79 -19.20 -52.72
CA ASN G 177 -74.60 -19.19 -51.48
C ASN G 177 -73.76 -18.57 -50.36
N ALA G 178 -74.44 -17.92 -49.38
CA ALA G 178 -73.79 -17.27 -48.21
C ALA G 178 -73.91 -18.14 -46.95
N GLU G 179 -74.99 -18.95 -46.86
CA GLU G 179 -75.19 -19.95 -45.80
C GLU G 179 -74.13 -21.05 -45.91
N GLN G 180 -73.98 -21.61 -47.12
CA GLN G 180 -73.08 -22.73 -47.37
C GLN G 180 -71.63 -22.25 -47.45
N ASN G 181 -71.43 -20.94 -47.70
CA ASN G 181 -70.10 -20.34 -47.86
C ASN G 181 -69.41 -20.25 -46.50
N GLN G 182 -70.06 -19.58 -45.54
CA GLN G 182 -69.53 -19.38 -44.19
C GLN G 182 -69.21 -20.75 -43.56
N LEU G 183 -70.00 -21.78 -43.92
CA LEU G 183 -69.84 -23.15 -43.43
C LEU G 183 -68.52 -23.77 -43.91
N LYS G 184 -68.14 -23.46 -45.15
CA LYS G 184 -66.91 -23.99 -45.76
C LYS G 184 -65.69 -23.32 -45.12
N SER G 185 -65.84 -22.03 -44.75
CA SER G 185 -64.83 -21.28 -44.00
C SER G 185 -64.74 -21.81 -42.57
N SER G 186 -65.83 -22.46 -42.11
CA SER G 186 -65.90 -23.13 -40.82
C SER G 186 -65.16 -24.46 -40.87
N ILE G 187 -65.50 -25.30 -41.87
CA ILE G 187 -64.85 -26.59 -42.06
C ILE G 187 -63.35 -26.37 -42.19
N ASP G 188 -62.97 -25.28 -42.89
CA ASP G 188 -61.59 -24.93 -43.19
C ASP G 188 -60.81 -24.61 -41.90
N ALA G 189 -61.43 -23.82 -41.03
CA ALA G 189 -60.84 -23.39 -39.76
C ALA G 189 -60.71 -24.59 -38.83
N ALA G 190 -61.77 -25.40 -38.73
CA ALA G 190 -61.80 -26.58 -37.89
C ALA G 190 -60.74 -27.57 -38.32
N THR G 191 -60.60 -27.70 -39.64
CA THR G 191 -59.77 -28.75 -40.24
C THR G 191 -58.29 -28.33 -40.14
N PHE G 192 -58.00 -27.03 -40.45
CA PHE G 192 -56.69 -26.42 -40.29
C PHE G 192 -56.15 -26.69 -38.89
N SER G 193 -57.02 -26.48 -37.88
CA SER G 193 -56.66 -26.56 -36.47
C SER G 193 -56.41 -28.02 -36.07
N ASN G 194 -56.97 -28.96 -36.83
CA ASN G 194 -56.64 -30.39 -36.66
C ASN G 194 -55.17 -30.64 -36.99
N THR G 195 -54.72 -30.11 -38.13
CA THR G 195 -53.40 -30.41 -38.66
C THR G 195 -52.36 -29.79 -37.73
N GLY G 196 -52.69 -28.59 -37.22
CA GLY G 196 -51.93 -27.95 -36.17
C GLY G 196 -51.75 -28.85 -34.94
N PHE G 197 -52.88 -29.32 -34.37
CA PHE G 197 -52.91 -30.17 -33.18
C PHE G 197 -51.99 -31.37 -33.36
N TRP G 198 -52.12 -32.07 -34.50
CA TRP G 198 -51.41 -33.32 -34.76
C TRP G 198 -49.93 -33.07 -35.01
N SER G 199 -49.63 -31.96 -35.69
CA SER G 199 -48.27 -31.44 -35.85
C SER G 199 -47.53 -31.36 -34.51
N SER G 200 -48.22 -30.79 -33.50
CA SER G 200 -47.67 -30.64 -32.16
C SER G 200 -47.46 -32.01 -31.51
N VAL G 201 -48.40 -32.94 -31.74
CA VAL G 201 -48.31 -34.30 -31.14
C VAL G 201 -47.05 -34.98 -31.66
N TYR G 202 -46.83 -34.92 -32.97
CA TYR G 202 -45.59 -35.36 -33.60
C TYR G 202 -44.40 -34.66 -32.92
N ALA G 203 -44.33 -33.32 -33.10
CA ALA G 203 -43.21 -32.50 -32.64
C ALA G 203 -42.80 -32.86 -31.20
N THR G 204 -43.79 -33.14 -30.35
CA THR G 204 -43.60 -33.49 -28.94
C THR G 204 -42.72 -34.73 -28.77
N GLY G 205 -42.66 -35.57 -29.81
CA GLY G 205 -41.98 -36.87 -29.75
C GLY G 205 -40.47 -36.76 -29.99
N ALA G 206 -40.03 -35.56 -30.43
CA ALA G 206 -38.65 -35.30 -30.84
C ALA G 206 -37.67 -35.54 -29.68
N GLN G 207 -36.42 -35.90 -30.05
CA GLN G 207 -35.35 -36.16 -29.11
C GLN G 207 -34.02 -35.76 -29.76
N ASN G 208 -33.06 -35.32 -28.94
CA ASN G 208 -31.68 -35.04 -29.38
C ASN G 208 -31.70 -33.88 -30.41
N ASP G 209 -30.95 -34.05 -31.51
CA ASP G 209 -30.87 -33.05 -32.56
C ASP G 209 -32.01 -33.31 -33.54
N VAL G 210 -32.59 -32.21 -34.09
CA VAL G 210 -33.67 -32.27 -35.08
C VAL G 210 -33.29 -31.41 -36.28
N TYR G 211 -33.78 -31.78 -37.47
CA TYR G 211 -33.59 -31.01 -38.70
C TYR G 211 -34.89 -30.32 -39.08
N VAL G 212 -34.78 -29.12 -39.67
CA VAL G 212 -35.94 -28.37 -40.17
C VAL G 212 -35.60 -27.88 -41.59
N ILE G 213 -36.28 -28.46 -42.60
CA ILE G 213 -36.07 -28.10 -44.01
C ILE G 213 -36.91 -26.86 -44.31
N ALA G 214 -36.24 -25.76 -44.73
CA ALA G 214 -36.90 -24.52 -45.11
C ALA G 214 -36.02 -23.72 -46.07
N GLU G 215 -35.94 -24.20 -47.33
CA GLU G 215 -35.10 -23.59 -48.36
C GLU G 215 -35.55 -22.15 -48.61
N GLY G 216 -34.60 -21.21 -48.45
CA GLY G 216 -34.87 -19.77 -48.47
C GLY G 216 -34.83 -19.13 -47.07
N GLY G 217 -35.43 -19.81 -46.08
CA GLY G 217 -35.44 -19.33 -44.71
C GLY G 217 -36.82 -19.48 -44.06
N VAL G 218 -37.03 -18.77 -42.93
CA VAL G 218 -38.19 -18.97 -42.08
C VAL G 218 -39.45 -18.45 -42.79
N ARG G 219 -40.57 -19.13 -42.57
CA ARG G 219 -41.86 -18.71 -43.08
C ARG G 219 -42.79 -18.49 -41.89
N LEU G 220 -43.04 -17.22 -41.58
CA LEU G 220 -43.82 -16.81 -40.41
C LEU G 220 -45.28 -17.14 -40.67
N GLY G 221 -45.99 -17.63 -39.64
CA GLY G 221 -47.43 -17.87 -39.72
C GLY G 221 -47.78 -19.24 -40.32
N ASN G 222 -46.78 -20.09 -40.60
CA ASN G 222 -47.04 -21.44 -41.11
C ASN G 222 -47.02 -22.41 -39.95
N TYR G 223 -47.24 -23.71 -40.24
CA TYR G 223 -47.52 -24.70 -39.21
C TYR G 223 -46.32 -24.87 -38.27
N PHE G 224 -45.11 -24.87 -38.82
CA PHE G 224 -43.89 -25.06 -38.05
C PHE G 224 -43.77 -23.95 -37.00
N TRP G 225 -43.85 -22.68 -37.49
CA TRP G 225 -43.80 -21.48 -36.66
C TRP G 225 -44.91 -21.50 -35.60
N ASN G 226 -46.10 -21.93 -36.00
CA ASN G 226 -47.28 -21.81 -35.14
C ASN G 226 -47.29 -22.86 -34.03
N VAL G 227 -47.11 -24.17 -34.36
CA VAL G 227 -47.50 -25.28 -33.46
C VAL G 227 -46.39 -26.31 -33.24
N GLN G 228 -45.29 -26.24 -33.97
CA GLN G 228 -44.16 -27.19 -33.81
C GLN G 228 -42.97 -26.56 -33.08
N LEU G 229 -42.47 -25.41 -33.57
CA LEU G 229 -41.30 -24.73 -33.00
C LEU G 229 -41.49 -24.53 -31.50
N PRO G 230 -42.66 -24.08 -31.02
CA PRO G 230 -42.89 -23.91 -29.60
C PRO G 230 -42.80 -25.20 -28.82
N ALA G 231 -43.10 -26.31 -29.49
CA ALA G 231 -43.03 -27.63 -28.87
C ALA G 231 -41.58 -28.04 -28.76
N LEU G 232 -40.81 -27.75 -29.81
CA LEU G 232 -39.38 -27.99 -29.81
C LEU G 232 -38.73 -27.19 -28.70
N ARG G 233 -39.06 -25.88 -28.62
CA ARG G 233 -38.52 -24.96 -27.61
C ARG G 233 -38.89 -25.43 -26.19
N GLN G 234 -40.06 -26.04 -26.04
CA GLN G 234 -40.44 -26.61 -24.74
C GLN G 234 -39.55 -27.81 -24.39
N LEU G 235 -39.26 -28.68 -25.39
CA LEU G 235 -38.46 -29.89 -25.18
C LEU G 235 -36.99 -29.54 -24.88
N GLN G 236 -36.45 -28.52 -25.59
CA GLN G 236 -35.10 -28.01 -25.35
C GLN G 236 -34.89 -27.67 -23.87
N ARG G 237 -35.91 -27.04 -23.27
CA ARG G 237 -35.84 -26.45 -21.94
C ARG G 237 -35.98 -27.54 -20.87
N GLU G 238 -36.41 -28.75 -21.30
CA GLU G 238 -36.56 -29.93 -20.46
C GLU G 238 -35.35 -30.84 -20.63
N GLY G 239 -34.49 -30.53 -21.61
CA GLY G 239 -33.25 -31.28 -21.85
C GLY G 239 -33.44 -32.47 -22.80
N LEU G 240 -34.61 -32.54 -23.45
CA LEU G 240 -35.01 -33.69 -24.25
C LEU G 240 -34.59 -33.48 -25.71
N VAL G 241 -34.57 -32.22 -26.15
CA VAL G 241 -34.05 -31.84 -27.46
C VAL G 241 -32.81 -30.94 -27.27
N GLY G 242 -31.83 -31.12 -28.16
CA GLY G 242 -30.62 -30.29 -28.15
C GLY G 242 -30.67 -29.17 -29.19
N GLU G 243 -30.12 -29.44 -30.36
CA GLU G 243 -29.94 -28.46 -31.41
C GLU G 243 -31.09 -28.60 -32.42
N ILE G 244 -31.82 -27.51 -32.69
CA ILE G 244 -32.80 -27.40 -33.80
C ILE G 244 -32.12 -26.83 -35.03
N ARG G 245 -31.89 -27.65 -36.05
CA ARG G 245 -30.95 -27.35 -37.13
C ARG G 245 -31.73 -26.97 -38.40
N LEU G 246 -31.67 -25.68 -38.75
CA LEU G 246 -32.35 -25.12 -39.91
C LEU G 246 -31.54 -25.37 -41.18
N LEU G 247 -32.21 -25.89 -42.22
CA LEU G 247 -31.63 -26.05 -43.55
C LEU G 247 -32.30 -25.06 -44.50
N ASP G 248 -31.69 -23.87 -44.67
CA ASP G 248 -32.26 -22.77 -45.46
C ASP G 248 -31.46 -22.53 -46.74
N LYS G 249 -30.37 -23.28 -46.93
CA LYS G 249 -29.54 -23.20 -48.13
C LYS G 249 -29.94 -24.32 -49.10
N PRO G 250 -29.74 -24.14 -50.42
CA PRO G 250 -30.04 -25.20 -51.39
C PRO G 250 -29.30 -26.49 -51.00
N VAL G 251 -29.98 -27.63 -51.18
CA VAL G 251 -29.50 -28.95 -50.71
C VAL G 251 -28.04 -29.20 -51.14
N SER G 252 -27.63 -28.55 -52.25
CA SER G 252 -26.29 -28.67 -52.83
C SER G 252 -25.20 -28.21 -51.84
N GLU G 253 -25.52 -27.22 -50.98
CA GLU G 253 -24.54 -26.55 -50.11
C GLU G 253 -24.32 -27.34 -48.80
N TYR G 254 -25.07 -28.44 -48.62
CA TYR G 254 -24.98 -29.27 -47.41
C TYR G 254 -24.36 -30.62 -47.76
N LYS G 255 -23.73 -30.70 -48.95
CA LYS G 255 -23.14 -31.93 -49.49
C LYS G 255 -21.81 -32.22 -48.79
N ASP G 256 -21.56 -33.51 -48.50
CA ASP G 256 -20.25 -34.00 -48.07
C ASP G 256 -19.77 -33.26 -46.82
N LEU G 257 -20.66 -33.12 -45.82
CA LEU G 257 -20.28 -32.57 -44.51
C LEU G 257 -20.76 -33.53 -43.42
N PRO G 258 -20.14 -33.52 -42.21
CA PRO G 258 -20.62 -34.30 -41.07
C PRO G 258 -21.79 -33.63 -40.31
N ALA G 259 -22.62 -34.47 -39.66
CA ALA G 259 -23.83 -34.07 -38.94
C ALA G 259 -23.63 -32.78 -38.15
N ASP G 260 -22.49 -32.68 -37.44
CA ASP G 260 -22.19 -31.57 -36.54
C ASP G 260 -22.10 -30.25 -37.31
N GLN G 261 -22.11 -30.33 -38.66
CA GLN G 261 -21.88 -29.18 -39.54
C GLN G 261 -22.98 -29.08 -40.62
N ILE G 262 -24.16 -29.69 -40.36
CA ILE G 262 -25.33 -29.57 -41.24
C ILE G 262 -26.35 -28.62 -40.59
N GLY G 263 -26.67 -27.51 -41.27
CA GLY G 263 -27.71 -26.59 -40.84
C GLY G 263 -27.23 -25.68 -39.72
N ARG G 264 -28.09 -24.71 -39.31
CA ARG G 264 -27.73 -23.70 -38.34
C ARG G 264 -28.96 -23.26 -37.56
N ARG G 265 -28.75 -22.44 -36.52
CA ARG G 265 -29.82 -22.01 -35.62
C ARG G 265 -30.75 -21.04 -36.35
N LEU G 266 -32.03 -20.97 -35.87
CA LEU G 266 -33.06 -20.06 -36.40
C LEU G 266 -32.62 -18.60 -36.28
N THR G 267 -31.85 -18.30 -35.22
CA THR G 267 -31.55 -16.95 -34.77
C THR G 267 -30.16 -16.49 -35.21
N ASP G 268 -29.45 -17.30 -36.04
CA ASP G 268 -28.12 -16.97 -36.56
C ASP G 268 -28.14 -15.79 -37.56
N ALA G 269 -27.06 -15.00 -37.58
CA ALA G 269 -26.91 -13.89 -38.52
C ALA G 269 -27.04 -14.42 -39.94
N GLY G 270 -27.90 -13.77 -40.73
CA GLY G 270 -27.99 -14.01 -42.17
C GLY G 270 -29.15 -14.91 -42.56
N VAL G 271 -29.78 -15.58 -41.58
CA VAL G 271 -31.01 -16.33 -41.82
C VAL G 271 -32.09 -15.35 -42.31
N ALA G 272 -32.69 -15.67 -43.46
CA ALA G 272 -33.67 -14.81 -44.13
C ALA G 272 -35.08 -15.19 -43.71
N VAL G 273 -35.98 -14.20 -43.67
CA VAL G 273 -37.44 -14.44 -43.67
C VAL G 273 -37.96 -14.28 -45.10
N LYS G 274 -38.69 -15.28 -45.61
CA LYS G 274 -39.28 -15.20 -46.95
C LYS G 274 -40.80 -15.46 -46.89
N VAL G 275 -41.54 -14.77 -47.77
CA VAL G 275 -42.98 -14.97 -47.96
C VAL G 275 -43.28 -15.14 -49.48
N ARG G 276 -44.40 -15.82 -49.78
CA ARG G 276 -44.96 -15.94 -51.14
C ARG G 276 -45.31 -14.56 -51.73
N PHE G 277 -44.88 -14.31 -52.98
CA PHE G 277 -45.18 -13.07 -53.71
C PHE G 277 -46.70 -12.80 -53.74
N ASP G 278 -47.50 -13.89 -53.85
CA ASP G 278 -48.96 -13.80 -53.96
C ASP G 278 -49.58 -13.51 -52.60
N ALA G 279 -48.81 -13.74 -51.51
CA ALA G 279 -49.25 -13.54 -50.13
C ALA G 279 -48.89 -12.13 -49.64
N LEU G 280 -48.35 -11.29 -50.54
CA LEU G 280 -47.98 -9.90 -50.23
C LEU G 280 -49.18 -8.97 -50.44
N SER G 281 -48.94 -7.65 -50.31
CA SER G 281 -49.91 -6.61 -50.60
C SER G 281 -50.17 -6.50 -52.11
N HIS G 282 -51.47 -6.44 -52.50
CA HIS G 282 -51.86 -6.08 -53.86
C HIS G 282 -51.03 -4.90 -54.36
N GLU G 283 -50.93 -3.88 -53.51
CA GLU G 283 -50.11 -2.69 -53.74
C GLU G 283 -48.66 -3.10 -54.03
N ARG G 284 -48.08 -3.92 -53.12
CA ARG G 284 -46.65 -4.26 -53.14
C ARG G 284 -46.34 -5.25 -54.27
N GLN G 285 -47.26 -6.21 -54.51
CA GLN G 285 -47.20 -7.06 -55.71
C GLN G 285 -47.15 -6.17 -56.93
N ALA G 286 -48.10 -5.22 -56.97
CA ALA G 286 -48.19 -4.22 -58.03
C ALA G 286 -46.90 -3.41 -58.14
N GLU G 287 -46.36 -2.95 -56.98
CA GLU G 287 -45.10 -2.20 -56.95
C GLU G 287 -43.96 -3.04 -57.52
N LEU G 288 -43.90 -4.33 -57.12
CA LEU G 288 -42.86 -5.28 -57.53
C LEU G 288 -42.91 -5.52 -59.04
N LEU G 289 -44.12 -5.81 -59.55
CA LEU G 289 -44.32 -6.13 -60.95
C LEU G 289 -44.17 -4.86 -61.81
N ALA G 290 -44.76 -3.73 -61.35
CA ALA G 290 -44.66 -2.43 -62.02
C ALA G 290 -43.18 -2.05 -62.20
N ASP G 291 -42.36 -2.26 -61.15
CA ASP G 291 -40.91 -2.07 -61.23
C ASP G 291 -40.34 -3.04 -62.27
N ASN G 292 -39.19 -2.66 -62.86
CA ASN G 292 -38.75 -3.14 -64.16
C ASN G 292 -38.94 -4.66 -64.28
N PRO G 293 -38.46 -5.48 -63.32
CA PRO G 293 -38.58 -6.93 -63.43
C PRO G 293 -40.02 -7.42 -63.64
N ASP G 294 -40.16 -8.45 -64.48
CA ASP G 294 -41.33 -9.32 -64.54
C ASP G 294 -40.93 -10.71 -64.02
N GLY G 295 -40.09 -10.71 -62.96
CA GLY G 295 -39.50 -11.94 -62.42
C GLY G 295 -40.27 -12.46 -61.21
N TYR G 296 -41.52 -12.04 -61.06
CA TYR G 296 -42.36 -12.46 -59.93
C TYR G 296 -43.57 -13.22 -60.45
N LYS G 297 -43.74 -14.44 -59.91
CA LYS G 297 -44.94 -15.26 -60.10
C LYS G 297 -45.61 -15.47 -58.73
N ALA G 298 -46.72 -16.21 -58.71
CA ALA G 298 -47.46 -16.48 -57.48
C ALA G 298 -46.54 -17.03 -56.38
N ASP G 299 -45.72 -18.04 -56.73
CA ASP G 299 -44.99 -18.87 -55.76
C ASP G 299 -43.56 -18.37 -55.53
N THR G 300 -43.19 -17.22 -56.14
CA THR G 300 -41.87 -16.62 -55.97
C THR G 300 -41.66 -16.16 -54.53
N LEU G 301 -40.57 -16.65 -53.90
CA LEU G 301 -40.18 -16.26 -52.54
C LEU G 301 -39.41 -14.93 -52.58
N VAL G 302 -40.03 -13.87 -52.04
CA VAL G 302 -39.40 -12.58 -51.76
C VAL G 302 -39.01 -12.57 -50.28
N GLU G 303 -37.77 -12.15 -49.96
CA GLU G 303 -37.32 -12.09 -48.58
C GLU G 303 -37.59 -10.67 -48.06
N LEU G 304 -38.28 -10.61 -46.90
CA LEU G 304 -38.50 -9.38 -46.14
C LEU G 304 -37.16 -8.85 -45.62
N ASP G 305 -37.07 -7.53 -45.39
CA ASP G 305 -35.85 -6.92 -44.85
C ASP G 305 -35.97 -6.87 -43.31
N VAL G 306 -36.03 -8.06 -42.68
CA VAL G 306 -36.06 -8.20 -41.22
C VAL G 306 -35.05 -9.28 -40.81
N LYS G 307 -34.50 -9.15 -39.58
CA LYS G 307 -33.47 -10.04 -39.04
C LYS G 307 -33.98 -10.65 -37.75
N LEU G 308 -34.50 -11.89 -37.83
CA LEU G 308 -34.90 -12.68 -36.67
C LEU G 308 -33.83 -12.59 -35.60
N SER G 309 -32.55 -12.58 -36.06
CA SER G 309 -31.37 -12.65 -35.21
C SER G 309 -31.33 -11.48 -34.22
N ALA G 310 -31.97 -10.35 -34.60
CA ALA G 310 -31.97 -9.14 -33.79
C ALA G 310 -32.54 -9.42 -32.39
N ILE G 311 -33.48 -10.39 -32.31
CA ILE G 311 -34.19 -10.71 -31.07
C ILE G 311 -33.25 -11.46 -30.12
N ASP G 312 -32.36 -12.28 -30.68
CA ASP G 312 -31.32 -12.95 -29.90
C ASP G 312 -30.30 -11.92 -29.42
N SER G 313 -29.96 -10.96 -30.30
CA SER G 313 -29.13 -9.82 -29.93
C SER G 313 -29.75 -9.11 -28.71
N MET G 314 -31.03 -8.76 -28.82
CA MET G 314 -31.72 -8.08 -27.72
C MET G 314 -31.51 -8.86 -26.41
N LEU G 315 -31.76 -10.19 -26.45
CA LEU G 315 -31.69 -11.05 -25.26
C LEU G 315 -30.27 -11.12 -24.68
N ARG G 316 -29.25 -11.00 -25.54
CA ARG G 316 -27.85 -11.02 -25.11
C ARG G 316 -27.51 -9.79 -24.26
N GLU G 317 -28.14 -8.64 -24.56
CA GLU G 317 -27.84 -7.36 -23.91
C GLU G 317 -28.76 -7.16 -22.69
N SER G 318 -29.86 -7.93 -22.63
CA SER G 318 -30.93 -7.77 -21.66
C SER G 318 -30.72 -8.64 -20.41
N LEU G 319 -30.47 -9.95 -20.63
CA LEU G 319 -30.32 -10.94 -19.56
C LEU G 319 -28.83 -11.17 -19.31
N PRO G 320 -28.36 -11.00 -18.05
CA PRO G 320 -26.97 -11.35 -17.70
C PRO G 320 -26.62 -12.79 -18.14
N PHE G 321 -25.47 -12.93 -18.86
CA PHE G 321 -24.81 -14.21 -19.19
C PHE G 321 -25.61 -15.06 -20.19
N TYR G 322 -26.59 -14.45 -20.86
CA TYR G 322 -27.36 -15.13 -21.89
C TYR G 322 -26.42 -15.71 -22.97
N SER G 323 -25.39 -14.97 -23.32
CA SER G 323 -24.47 -15.31 -24.40
C SER G 323 -23.68 -16.59 -24.08
N LEU G 324 -23.45 -16.87 -22.79
CA LEU G 324 -22.78 -18.11 -22.36
C LEU G 324 -23.68 -19.32 -22.66
N ARG G 325 -25.01 -19.14 -22.51
CA ARG G 325 -25.99 -20.15 -22.91
C ARG G 325 -25.86 -20.47 -24.40
N THR G 326 -25.90 -19.43 -25.26
CA THR G 326 -25.94 -19.58 -26.71
C THR G 326 -24.57 -20.06 -27.23
N GLU G 327 -23.46 -19.56 -26.63
CA GLU G 327 -22.10 -19.76 -27.17
C GLU G 327 -21.49 -21.05 -26.60
N ARG G 328 -21.85 -21.41 -25.34
CA ARG G 328 -21.12 -22.40 -24.53
C ARG G 328 -22.04 -23.44 -23.85
N ASN G 329 -23.36 -23.23 -23.98
CA ASN G 329 -24.38 -24.06 -23.32
C ASN G 329 -24.16 -24.07 -21.79
N LEU G 330 -23.76 -22.91 -21.22
CA LEU G 330 -23.64 -22.69 -19.77
C LEU G 330 -24.80 -21.80 -19.27
N LEU G 331 -25.46 -22.23 -18.19
CA LEU G 331 -26.48 -21.43 -17.53
C LEU G 331 -25.96 -20.85 -16.21
N VAL G 332 -25.84 -19.51 -16.18
CA VAL G 332 -25.45 -18.74 -15.00
C VAL G 332 -26.69 -18.05 -14.42
N GLN G 333 -27.00 -18.35 -13.14
CA GLN G 333 -28.17 -17.77 -12.46
C GLN G 333 -27.79 -17.38 -11.04
N GLU G 334 -28.55 -16.44 -10.45
CA GLU G 334 -28.38 -15.99 -9.08
C GLU G 334 -28.60 -17.17 -8.13
N GLY G 335 -27.60 -17.45 -7.27
CA GLY G 335 -27.70 -18.48 -6.24
C GLY G 335 -27.69 -17.87 -4.82
N GLU G 336 -27.56 -18.73 -3.80
CA GLU G 336 -27.53 -18.32 -2.40
C GLU G 336 -26.17 -17.71 -2.05
N GLU G 337 -25.09 -18.38 -2.52
CA GLU G 337 -23.72 -17.99 -2.22
C GLU G 337 -22.98 -17.72 -3.55
N GLY G 338 -23.31 -16.58 -4.19
CA GLY G 338 -22.70 -16.17 -5.46
C GLY G 338 -23.50 -16.67 -6.68
N PHE G 339 -22.97 -16.42 -7.88
CA PHE G 339 -23.53 -16.95 -9.12
C PHE G 339 -23.23 -18.46 -9.18
N GLU G 340 -24.18 -19.23 -9.74
CA GLU G 340 -24.02 -20.67 -9.97
C GLU G 340 -24.06 -20.95 -11.48
N VAL G 341 -23.14 -21.80 -11.98
CA VAL G 341 -23.10 -22.22 -13.38
C VAL G 341 -23.48 -23.70 -13.47
N ARG G 342 -24.36 -24.04 -14.44
CA ARG G 342 -24.72 -25.41 -14.80
C ARG G 342 -24.75 -25.58 -16.31
N SER G 343 -24.70 -26.84 -16.77
CA SER G 343 -25.05 -27.18 -18.15
C SER G 343 -26.48 -26.72 -18.40
N TRP G 344 -26.68 -25.91 -19.45
CA TRP G 344 -28.02 -25.53 -19.85
C TRP G 344 -28.80 -26.81 -20.20
N PRO G 345 -30.07 -26.98 -19.74
CA PRO G 345 -30.80 -25.95 -18.99
C PRO G 345 -30.87 -26.11 -17.46
N GLY G 346 -29.78 -26.56 -16.85
CA GLY G 346 -29.60 -26.53 -15.40
C GLY G 346 -30.57 -27.45 -14.66
N ILE G 347 -30.53 -28.74 -15.03
CA ILE G 347 -31.57 -29.71 -14.71
C ILE G 347 -30.97 -30.87 -13.90
N ASP G 348 -29.91 -31.50 -14.44
CA ASP G 348 -29.03 -32.36 -13.66
C ASP G 348 -28.43 -31.51 -12.52
N GLY G 349 -27.93 -32.18 -11.48
CA GLY G 349 -27.59 -31.50 -10.22
C GLY G 349 -26.35 -30.61 -10.34
N LYS G 350 -25.47 -30.94 -11.30
CA LYS G 350 -24.08 -30.46 -11.33
C LYS G 350 -24.01 -28.94 -11.43
N SER G 351 -23.54 -28.27 -10.35
CA SER G 351 -23.31 -26.83 -10.34
C SER G 351 -21.86 -26.52 -9.93
N LYS G 352 -21.30 -25.44 -10.51
CA LYS G 352 -20.07 -24.81 -10.05
C LYS G 352 -20.38 -23.35 -9.72
N THR G 353 -19.35 -22.56 -9.39
CA THR G 353 -19.50 -21.29 -8.69
C THR G 353 -18.70 -20.21 -9.43
N ILE G 354 -19.28 -18.97 -9.47
CA ILE G 354 -18.63 -17.74 -9.94
C ILE G 354 -18.81 -16.67 -8.87
N LEU G 355 -17.70 -16.04 -8.43
CA LEU G 355 -17.69 -15.02 -7.38
C LEU G 355 -17.11 -13.72 -7.92
N LEU G 356 -17.90 -12.64 -7.83
CA LEU G 356 -17.43 -11.27 -8.07
C LEU G 356 -17.46 -10.50 -6.74
N ASP G 357 -16.41 -9.69 -6.49
CA ASP G 357 -16.30 -8.85 -5.29
C ASP G 357 -17.30 -7.70 -5.39
N ASN G 358 -17.76 -7.43 -6.63
CA ASN G 358 -18.81 -6.46 -6.91
C ASN G 358 -19.87 -7.11 -7.81
N PRO G 359 -20.67 -8.06 -7.28
CA PRO G 359 -21.58 -8.88 -8.10
C PRO G 359 -22.59 -8.05 -8.91
N GLU G 360 -22.94 -6.85 -8.41
CA GLU G 360 -23.96 -5.99 -9.00
C GLU G 360 -23.44 -5.31 -10.27
N ASP G 361 -22.12 -5.07 -10.32
CA ASP G 361 -21.53 -4.23 -11.34
C ASP G 361 -21.62 -4.90 -12.73
N ALA G 362 -21.98 -4.10 -13.74
CA ALA G 362 -22.24 -4.57 -15.09
C ALA G 362 -20.93 -4.93 -15.81
N ALA G 363 -19.88 -4.12 -15.59
CA ALA G 363 -18.56 -4.30 -16.22
C ALA G 363 -17.87 -5.56 -15.66
N GLN G 364 -18.19 -5.95 -14.43
CA GLN G 364 -17.62 -7.14 -13.78
C GLN G 364 -18.30 -8.42 -14.34
N GLN G 365 -19.62 -8.36 -14.45
CA GLN G 365 -20.40 -9.39 -15.14
C GLN G 365 -19.78 -9.66 -16.52
N LYS G 366 -19.60 -8.59 -17.33
CA LYS G 366 -19.15 -8.69 -18.72
C LYS G 366 -17.68 -9.18 -18.78
N SER G 367 -16.81 -8.63 -17.90
CA SER G 367 -15.42 -9.08 -17.78
C SER G 367 -15.36 -10.62 -17.66
N ILE G 368 -16.04 -11.19 -16.64
CA ILE G 368 -15.92 -12.62 -16.32
C ILE G 368 -16.64 -13.42 -17.40
N GLU G 369 -17.69 -12.84 -17.97
CA GLU G 369 -18.44 -13.46 -19.06
C GLU G 369 -17.49 -13.71 -20.23
N ARG G 370 -16.73 -12.68 -20.59
CA ARG G 370 -15.79 -12.73 -21.71
C ARG G 370 -14.60 -13.64 -21.37
N PHE G 371 -14.19 -13.63 -20.09
CA PHE G 371 -13.16 -14.54 -19.61
C PHE G 371 -13.61 -15.97 -19.89
N ILE G 372 -14.84 -16.29 -19.47
CA ILE G 372 -15.39 -17.63 -19.57
C ILE G 372 -15.44 -18.03 -21.05
N LEU G 373 -15.83 -17.08 -21.93
CA LEU G 373 -15.87 -17.28 -23.37
C LEU G 373 -14.48 -17.58 -23.93
N ALA G 374 -13.46 -16.84 -23.46
CA ALA G 374 -12.09 -16.96 -23.97
C ALA G 374 -11.39 -18.27 -23.53
N ASN G 375 -11.87 -18.91 -22.43
CA ASN G 375 -11.09 -19.90 -21.66
C ASN G 375 -11.74 -21.29 -21.59
N PHE G 376 -13.08 -21.35 -21.64
CA PHE G 376 -13.83 -22.59 -21.43
C PHE G 376 -14.74 -22.81 -22.63
N ASP G 377 -14.75 -24.05 -23.16
CA ASP G 377 -15.58 -24.44 -24.29
C ASP G 377 -16.86 -25.13 -23.80
N ASN G 378 -16.88 -25.53 -22.52
CA ASN G 378 -18.00 -26.23 -21.91
C ASN G 378 -17.85 -26.18 -20.37
N PHE G 379 -18.79 -26.82 -19.65
CA PHE G 379 -18.96 -26.72 -18.19
C PHE G 379 -17.94 -27.60 -17.45
N GLU G 380 -17.65 -28.78 -18.00
CA GLU G 380 -16.68 -29.74 -17.44
C GLU G 380 -15.31 -29.08 -17.24
N GLN G 381 -14.90 -28.22 -18.21
CA GLN G 381 -13.57 -27.59 -18.27
C GLN G 381 -13.40 -26.50 -17.22
N MET G 382 -14.52 -25.90 -16.77
CA MET G 382 -14.49 -24.84 -15.78
C MET G 382 -14.05 -25.40 -14.43
N PRO G 383 -13.39 -24.59 -13.57
CA PRO G 383 -13.04 -25.02 -12.21
C PRO G 383 -14.29 -25.01 -11.32
N ASP G 384 -14.12 -25.49 -10.07
CA ASP G 384 -15.22 -25.60 -9.11
C ASP G 384 -15.64 -24.19 -8.65
N GLU G 385 -14.66 -23.31 -8.55
CA GLU G 385 -14.86 -21.92 -8.17
C GLU G 385 -14.09 -21.07 -9.16
N LEU G 386 -14.73 -19.98 -9.64
CA LEU G 386 -14.08 -18.94 -10.43
C LEU G 386 -14.38 -17.56 -9.80
N PHE G 387 -13.31 -16.81 -9.47
CA PHE G 387 -13.40 -15.51 -8.79
C PHE G 387 -12.95 -14.37 -9.72
N LEU G 388 -13.66 -13.23 -9.66
CA LEU G 388 -13.14 -11.96 -10.16
C LEU G 388 -13.12 -10.98 -8.99
N VAL G 389 -11.90 -10.59 -8.59
CA VAL G 389 -11.68 -9.70 -7.46
C VAL G 389 -10.91 -8.50 -8.01
N ASP G 390 -11.60 -7.35 -8.13
CA ASP G 390 -11.02 -6.15 -8.71
C ASP G 390 -10.48 -6.56 -10.10
N ASN G 391 -9.14 -6.54 -10.28
CA ASN G 391 -8.53 -6.81 -11.59
C ASN G 391 -7.89 -8.20 -11.69
N LYS G 392 -8.38 -9.17 -10.90
CA LYS G 392 -7.76 -10.49 -10.86
C LYS G 392 -8.83 -11.57 -10.96
N VAL G 393 -8.61 -12.51 -11.90
CA VAL G 393 -9.39 -13.74 -11.99
C VAL G 393 -8.62 -14.82 -11.26
N LEU G 394 -9.34 -15.60 -10.43
CA LEU G 394 -8.80 -16.72 -9.67
C LEU G 394 -9.68 -17.95 -9.91
N SER G 395 -9.09 -19.15 -9.77
CA SER G 395 -9.86 -20.40 -9.68
C SER G 395 -9.42 -21.22 -8.45
N HIS G 396 -10.38 -22.00 -7.88
CA HIS G 396 -10.11 -23.07 -6.93
C HIS G 396 -10.65 -24.40 -7.49
N HIS G 397 -9.77 -25.41 -7.60
CA HIS G 397 -10.18 -26.80 -7.85
C HIS G 397 -9.80 -27.66 -6.63
N ASP G 398 -8.57 -27.48 -6.14
CA ASP G 398 -8.07 -28.11 -4.92
C ASP G 398 -7.26 -27.09 -4.12
N GLY G 399 -6.33 -26.40 -4.81
CA GLY G 399 -5.81 -25.09 -4.42
C GLY G 399 -6.42 -23.98 -5.27
N ARG G 400 -6.35 -22.74 -4.79
CA ARG G 400 -6.85 -21.54 -5.49
C ARG G 400 -5.66 -20.79 -6.10
N THR G 401 -5.83 -20.28 -7.33
CA THR G 401 -4.74 -19.71 -8.14
C THR G 401 -5.21 -18.34 -8.67
N ARG G 402 -4.25 -17.44 -8.96
CA ARG G 402 -4.43 -16.34 -9.92
C ARG G 402 -4.09 -16.88 -11.32
N ILE G 403 -5.07 -16.89 -12.22
CA ILE G 403 -4.88 -17.39 -13.59
C ILE G 403 -4.76 -16.22 -14.58
N ILE G 404 -5.20 -15.02 -14.15
CA ILE G 404 -5.10 -13.81 -14.96
C ILE G 404 -5.21 -12.55 -14.09
N ALA G 405 -4.44 -11.52 -14.48
CA ALA G 405 -4.54 -10.16 -13.95
C ALA G 405 -4.68 -9.17 -15.11
N GLN G 406 -5.24 -7.97 -14.84
CA GLN G 406 -5.32 -6.89 -15.84
C GLN G 406 -4.68 -5.59 -15.29
N LYS G 407 -3.96 -4.84 -16.17
CA LYS G 407 -3.65 -3.42 -15.96
C LYS G 407 -3.87 -2.64 -17.28
N GLU G 408 -5.16 -2.27 -17.54
CA GLU G 408 -5.66 -1.71 -18.81
C GLU G 408 -5.87 -2.80 -19.90
N ASP G 409 -5.32 -4.01 -19.63
CA ASP G 409 -5.53 -5.23 -20.40
C ASP G 409 -5.17 -6.46 -19.54
N GLY G 410 -5.66 -7.64 -19.95
CA GLY G 410 -5.45 -8.88 -19.21
C GLY G 410 -4.24 -9.68 -19.70
N ALA G 411 -3.39 -10.14 -18.75
CA ALA G 411 -2.33 -11.13 -18.97
C ALA G 411 -2.67 -12.39 -18.18
N TRP G 412 -2.08 -13.54 -18.56
CA TRP G 412 -2.34 -14.85 -17.93
C TRP G 412 -1.12 -15.32 -17.13
N THR G 413 -1.39 -16.20 -16.13
CA THR G 413 -0.44 -16.65 -15.12
C THR G 413 -0.10 -15.47 -14.18
N GLN H 6 -20.59 7.84 -32.71
CA GLN H 6 -19.17 7.47 -33.00
C GLN H 6 -18.76 6.31 -32.08
N LEU H 7 -17.80 6.57 -31.18
CA LEU H 7 -17.12 5.54 -30.38
C LEU H 7 -16.38 6.22 -29.22
N THR H 8 -16.83 5.97 -27.98
CA THR H 8 -16.31 6.63 -26.78
C THR H 8 -14.91 6.10 -26.43
N GLU H 9 -14.15 6.91 -25.66
CA GLU H 9 -12.88 6.48 -25.06
C GLU H 9 -13.11 5.27 -24.16
N GLU H 10 -14.27 5.26 -23.46
CA GLU H 10 -14.67 4.20 -22.54
C GLU H 10 -15.11 2.96 -23.32
N GLN H 11 -15.47 3.16 -24.59
CA GLN H 11 -15.83 2.06 -25.49
C GLN H 11 -14.58 1.36 -26.02
N ILE H 12 -13.59 2.15 -26.51
CA ILE H 12 -12.34 1.64 -27.09
C ILE H 12 -11.56 0.81 -26.04
N ALA H 13 -11.61 1.24 -24.77
CA ALA H 13 -10.95 0.54 -23.68
C ALA H 13 -11.64 -0.80 -23.38
N GLU H 14 -12.98 -0.81 -23.40
CA GLU H 14 -13.77 -2.03 -23.25
C GLU H 14 -13.33 -3.05 -24.30
N PHE H 15 -13.28 -2.58 -25.58
CA PHE H 15 -12.83 -3.36 -26.75
C PHE H 15 -11.42 -3.97 -26.53
N LYS H 16 -10.48 -3.15 -26.02
CA LYS H 16 -9.10 -3.56 -25.81
C LYS H 16 -9.03 -4.56 -24.65
N GLU H 17 -9.89 -4.35 -23.61
CA GLU H 17 -9.98 -5.25 -22.43
C GLU H 17 -10.48 -6.62 -22.89
N ALA H 18 -11.50 -6.61 -23.76
CA ALA H 18 -12.16 -7.82 -24.29
C ALA H 18 -11.21 -8.62 -25.17
N PHE H 19 -10.58 -7.93 -26.12
CA PHE H 19 -9.64 -8.51 -27.07
C PHE H 19 -8.49 -9.22 -26.32
N SER H 20 -7.98 -8.60 -25.25
CA SER H 20 -6.84 -9.12 -24.50
C SER H 20 -7.19 -10.46 -23.83
N LEU H 21 -8.45 -10.62 -23.41
CA LEU H 21 -8.92 -11.86 -22.75
C LEU H 21 -8.82 -13.05 -23.71
N PHE H 22 -8.90 -12.78 -25.02
CA PHE H 22 -8.78 -13.81 -26.06
C PHE H 22 -7.33 -13.92 -26.58
N ASP H 23 -6.47 -12.97 -26.16
CA ASP H 23 -5.04 -13.01 -26.45
C ASP H 23 -4.35 -13.95 -25.46
N LYS H 24 -4.51 -15.26 -25.68
CA LYS H 24 -4.30 -16.26 -24.63
C LYS H 24 -2.80 -16.50 -24.37
N ASP H 25 -1.94 -16.26 -25.38
CA ASP H 25 -0.50 -16.45 -25.24
C ASP H 25 0.22 -15.09 -25.31
N GLY H 26 -0.52 -13.99 -25.08
CA GLY H 26 0.03 -12.66 -24.85
C GLY H 26 1.03 -12.20 -25.93
N ASP H 27 0.59 -12.25 -27.21
CA ASP H 27 1.39 -11.83 -28.37
C ASP H 27 0.66 -10.74 -29.18
N GLY H 28 -0.39 -10.13 -28.57
CA GLY H 28 -1.14 -9.01 -29.13
C GLY H 28 -2.04 -9.40 -30.31
N THR H 29 -2.43 -10.69 -30.38
CA THR H 29 -3.27 -11.25 -31.44
C THR H 29 -4.39 -12.14 -30.85
N ILE H 30 -5.53 -12.20 -31.55
CA ILE H 30 -6.56 -13.21 -31.36
C ILE H 30 -6.64 -14.06 -32.65
N THR H 31 -7.11 -15.31 -32.51
CA THR H 31 -7.28 -16.22 -33.63
C THR H 31 -8.48 -15.73 -34.47
N THR H 32 -8.38 -15.94 -35.80
CA THR H 32 -9.46 -15.69 -36.75
C THR H 32 -10.75 -16.45 -36.37
N LYS H 33 -10.59 -17.60 -35.69
CA LYS H 33 -11.67 -18.56 -35.42
C LYS H 33 -12.63 -18.04 -34.32
N GLU H 34 -12.19 -17.01 -33.57
CA GLU H 34 -12.91 -16.52 -32.39
C GLU H 34 -13.38 -15.08 -32.62
N LEU H 35 -13.14 -14.53 -33.82
CA LEU H 35 -13.50 -13.16 -34.14
C LEU H 35 -15.02 -12.96 -33.98
N GLY H 36 -15.80 -13.91 -34.48
CA GLY H 36 -17.24 -13.93 -34.28
C GLY H 36 -17.64 -13.80 -32.80
N THR H 37 -17.12 -14.73 -31.96
CA THR H 37 -17.35 -14.75 -30.52
C THR H 37 -17.06 -13.36 -29.91
N VAL H 38 -15.87 -12.79 -30.19
CA VAL H 38 -15.45 -11.51 -29.60
C VAL H 38 -16.41 -10.40 -30.06
N MET H 39 -16.71 -10.35 -31.36
CA MET H 39 -17.50 -9.28 -31.94
C MET H 39 -18.93 -9.33 -31.38
N ARG H 40 -19.46 -10.56 -31.20
CA ARG H 40 -20.78 -10.81 -30.62
C ARG H 40 -20.85 -10.34 -29.15
N SER H 41 -19.84 -10.71 -28.32
CA SER H 41 -19.79 -10.30 -26.92
C SER H 41 -19.80 -8.77 -26.79
N LEU H 42 -19.52 -8.07 -27.89
CA LEU H 42 -19.42 -6.62 -27.92
C LEU H 42 -20.56 -5.99 -28.74
N GLY H 43 -21.61 -6.77 -29.02
CA GLY H 43 -22.91 -6.23 -29.45
C GLY H 43 -23.12 -6.27 -30.97
N GLN H 44 -22.12 -6.79 -31.72
CA GLN H 44 -22.15 -6.81 -33.18
C GLN H 44 -22.29 -8.26 -33.65
N ASN H 45 -23.01 -8.48 -34.76
CA ASN H 45 -23.52 -9.80 -35.12
C ASN H 45 -23.34 -10.06 -36.61
N PRO H 46 -22.09 -10.16 -37.10
CA PRO H 46 -21.84 -10.43 -38.52
C PRO H 46 -22.21 -11.83 -39.00
N THR H 47 -22.71 -11.92 -40.23
CA THR H 47 -22.99 -13.18 -40.93
C THR H 47 -21.69 -13.94 -41.23
N GLU H 48 -21.81 -15.23 -41.60
CA GLU H 48 -20.67 -16.08 -42.00
C GLU H 48 -19.82 -15.38 -43.06
N ALA H 49 -20.49 -14.79 -44.06
CA ALA H 49 -19.84 -14.20 -45.23
C ALA H 49 -19.17 -12.89 -44.86
N GLU H 50 -19.85 -12.09 -44.04
CA GLU H 50 -19.28 -10.83 -43.54
C GLU H 50 -17.95 -11.09 -42.84
N LEU H 51 -17.96 -12.05 -41.92
CA LEU H 51 -16.79 -12.41 -41.13
C LEU H 51 -15.64 -12.76 -42.05
N GLN H 52 -15.92 -13.60 -43.08
CA GLN H 52 -14.91 -14.06 -44.05
C GLN H 52 -14.28 -12.87 -44.80
N ASP H 53 -15.07 -11.86 -45.16
CA ASP H 53 -14.58 -10.66 -45.83
C ASP H 53 -13.61 -9.90 -44.91
N MET H 54 -13.98 -9.79 -43.62
CA MET H 54 -13.15 -9.14 -42.59
C MET H 54 -11.85 -9.93 -42.42
N ILE H 55 -11.99 -11.26 -42.35
CA ILE H 55 -10.86 -12.16 -42.11
C ILE H 55 -9.89 -12.11 -43.29
N ASN H 56 -10.42 -12.13 -44.53
CA ASN H 56 -9.61 -12.21 -45.73
C ASN H 56 -9.03 -10.84 -46.09
N GLU H 57 -9.53 -9.78 -45.42
CA GLU H 57 -8.95 -8.44 -45.50
C GLU H 57 -7.61 -8.37 -44.73
N VAL H 58 -7.47 -9.13 -43.62
CA VAL H 58 -6.30 -9.01 -42.73
C VAL H 58 -5.52 -10.33 -42.63
N ASP H 59 -5.95 -11.39 -43.37
CA ASP H 59 -5.38 -12.73 -43.26
C ASP H 59 -4.87 -13.20 -44.64
N ALA H 60 -4.20 -12.27 -45.36
CA ALA H 60 -3.62 -12.54 -46.69
C ALA H 60 -2.74 -13.80 -46.62
N ASP H 61 -1.62 -13.71 -45.88
CA ASP H 61 -0.92 -14.90 -45.40
C ASP H 61 -1.83 -15.60 -44.39
N GLY H 62 -2.01 -16.93 -44.55
CA GLY H 62 -2.96 -17.70 -43.75
C GLY H 62 -2.43 -18.01 -42.34
N ASN H 63 -2.09 -16.95 -41.59
CA ASN H 63 -1.69 -17.05 -40.19
C ASN H 63 -2.91 -17.34 -39.31
N GLY H 64 -4.02 -16.69 -39.65
CA GLY H 64 -5.21 -16.77 -38.84
C GLY H 64 -5.05 -16.03 -37.51
N THR H 65 -4.65 -14.76 -37.61
CA THR H 65 -4.50 -13.88 -36.44
C THR H 65 -5.01 -12.47 -36.81
N ILE H 66 -5.42 -11.71 -35.77
CA ILE H 66 -5.90 -10.33 -35.91
C ILE H 66 -5.27 -9.51 -34.79
N ASP H 67 -4.66 -8.36 -35.16
CA ASP H 67 -4.16 -7.35 -34.22
C ASP H 67 -5.33 -6.56 -33.63
N PHE H 68 -5.10 -5.83 -32.54
CA PHE H 68 -6.13 -4.94 -31.99
C PHE H 68 -6.47 -3.83 -32.99
N PRO H 69 -5.48 -3.13 -33.59
CA PRO H 69 -5.77 -2.09 -34.58
C PRO H 69 -6.74 -2.58 -35.65
N GLU H 70 -6.50 -3.80 -36.16
CA GLU H 70 -7.32 -4.43 -37.20
C GLU H 70 -8.71 -4.75 -36.62
N PHE H 71 -8.74 -5.44 -35.47
CA PHE H 71 -9.99 -5.69 -34.73
C PHE H 71 -10.80 -4.39 -34.58
N LEU H 72 -10.16 -3.33 -34.06
CA LEU H 72 -10.82 -2.06 -33.78
C LEU H 72 -11.37 -1.43 -35.08
N THR H 73 -10.71 -1.73 -36.21
CA THR H 73 -11.15 -1.30 -37.54
C THR H 73 -12.49 -1.98 -37.87
N MET H 74 -12.52 -3.32 -37.77
CA MET H 74 -13.71 -4.13 -38.09
C MET H 74 -14.91 -3.69 -37.25
N MET H 75 -14.69 -3.51 -35.94
CA MET H 75 -15.74 -3.18 -34.98
C MET H 75 -16.29 -1.79 -35.29
N ALA H 76 -15.35 -0.84 -35.53
CA ALA H 76 -15.67 0.51 -35.95
C ALA H 76 -16.55 0.47 -37.20
N ARG H 77 -16.12 -0.28 -38.21
CA ARG H 77 -16.79 -0.32 -39.50
C ARG H 77 -18.20 -0.90 -39.32
N LYS H 78 -18.32 -1.98 -38.53
CA LYS H 78 -19.56 -2.73 -38.40
C LYS H 78 -20.59 -1.87 -37.65
N MET H 79 -20.11 -1.12 -36.64
CA MET H 79 -20.97 -0.32 -35.77
C MET H 79 -21.55 0.89 -36.51
N LYS H 80 -20.69 1.62 -37.25
CA LYS H 80 -21.10 2.74 -38.10
C LYS H 80 -22.18 2.31 -39.09
N ASP H 81 -22.17 1.01 -39.47
CA ASP H 81 -22.83 0.50 -40.67
C ASP H 81 -24.20 -0.10 -40.34
N THR H 82 -24.41 -0.48 -39.07
CA THR H 82 -25.65 -1.13 -38.63
C THR H 82 -26.27 -0.33 -37.49
N ASP H 83 -27.61 -0.31 -37.47
CA ASP H 83 -28.40 0.36 -36.46
C ASP H 83 -29.14 -0.68 -35.62
N SER H 84 -28.54 -1.05 -34.46
CA SER H 84 -29.02 -2.15 -33.60
C SER H 84 -30.44 -1.87 -33.11
N GLU H 85 -30.67 -0.63 -32.65
CA GLU H 85 -31.99 -0.11 -32.33
C GLU H 85 -33.02 -0.56 -33.38
N GLU H 86 -32.79 -0.18 -34.65
CA GLU H 86 -33.79 -0.26 -35.72
C GLU H 86 -33.97 -1.70 -36.22
N GLU H 87 -32.92 -2.52 -36.11
CA GLU H 87 -32.99 -3.93 -36.52
C GLU H 87 -33.99 -4.65 -35.61
N ILE H 88 -33.90 -4.42 -34.29
CA ILE H 88 -34.83 -4.98 -33.30
C ILE H 88 -36.26 -4.45 -33.56
N ARG H 89 -36.39 -3.17 -33.94
CA ARG H 89 -37.68 -2.56 -34.22
C ARG H 89 -38.36 -3.27 -35.39
N GLU H 90 -37.58 -3.48 -36.46
CA GLU H 90 -38.06 -4.10 -37.70
C GLU H 90 -38.47 -5.55 -37.47
N ALA H 91 -37.79 -6.24 -36.54
CA ALA H 91 -38.02 -7.66 -36.27
C ALA H 91 -39.38 -7.86 -35.58
N PHE H 92 -39.74 -6.96 -34.67
CA PHE H 92 -41.03 -6.99 -34.02
C PHE H 92 -42.08 -6.46 -34.99
N ARG H 93 -41.68 -5.42 -35.76
CA ARG H 93 -42.55 -4.75 -36.72
C ARG H 93 -43.28 -5.81 -37.57
N VAL H 94 -42.57 -6.89 -37.94
CA VAL H 94 -43.06 -7.85 -38.92
C VAL H 94 -44.22 -8.67 -38.34
N PHE H 95 -44.31 -8.75 -37.00
CA PHE H 95 -45.39 -9.46 -36.30
C PHE H 95 -46.55 -8.49 -35.98
N ASP H 96 -46.42 -7.21 -36.41
CA ASP H 96 -47.40 -6.18 -36.15
C ASP H 96 -48.31 -6.03 -37.38
N LYS H 97 -49.55 -6.53 -37.28
CA LYS H 97 -50.47 -6.68 -38.41
C LYS H 97 -50.89 -5.33 -39.02
N ASP H 98 -51.44 -4.43 -38.19
CA ASP H 98 -52.05 -3.18 -38.64
C ASP H 98 -51.04 -2.02 -38.59
N GLY H 99 -49.82 -2.29 -38.10
CA GLY H 99 -48.70 -1.35 -38.14
C GLY H 99 -48.82 -0.20 -37.14
N ASN H 100 -49.63 -0.42 -36.06
CA ASN H 100 -49.97 0.61 -35.07
C ASN H 100 -48.90 0.70 -33.97
N GLY H 101 -47.90 -0.19 -34.03
CA GLY H 101 -46.80 -0.21 -33.08
C GLY H 101 -47.14 -1.01 -31.82
N TYR H 102 -48.28 -1.71 -31.85
CA TYR H 102 -48.70 -2.64 -30.80
C TYR H 102 -48.82 -4.06 -31.36
N ILE H 103 -48.38 -5.05 -30.56
CA ILE H 103 -48.77 -6.46 -30.71
C ILE H 103 -49.36 -6.89 -29.38
N SER H 104 -50.26 -7.89 -29.40
CA SER H 104 -50.86 -8.45 -28.19
C SER H 104 -49.78 -9.18 -27.39
N ALA H 105 -50.08 -9.46 -26.09
CA ALA H 105 -49.21 -10.21 -25.19
C ALA H 105 -48.99 -11.64 -25.72
N ALA H 106 -50.09 -12.31 -26.09
CA ALA H 106 -50.09 -13.65 -26.71
C ALA H 106 -49.15 -13.69 -27.90
N GLU H 107 -49.22 -12.68 -28.75
CA GLU H 107 -48.36 -12.55 -29.94
C GLU H 107 -46.89 -12.42 -29.52
N LEU H 108 -46.63 -11.64 -28.44
CA LEU H 108 -45.28 -11.43 -27.92
C LEU H 108 -44.77 -12.73 -27.31
N ARG H 109 -45.59 -13.38 -26.47
CA ARG H 109 -45.22 -14.64 -25.83
C ARG H 109 -44.71 -15.62 -26.91
N HIS H 110 -45.48 -15.73 -28.01
CA HIS H 110 -45.23 -16.66 -29.09
C HIS H 110 -43.86 -16.37 -29.76
N VAL H 111 -43.63 -15.10 -30.14
CA VAL H 111 -42.39 -14.67 -30.80
C VAL H 111 -41.19 -15.01 -29.90
N MET H 112 -41.32 -14.71 -28.60
CA MET H 112 -40.20 -14.73 -27.66
C MET H 112 -39.82 -16.19 -27.37
N THR H 113 -40.81 -17.05 -27.07
CA THR H 113 -40.54 -18.48 -26.90
C THR H 113 -39.88 -19.06 -28.15
N ASN H 114 -40.33 -18.62 -29.34
CA ASN H 114 -39.87 -19.13 -30.62
C ASN H 114 -38.42 -18.70 -30.92
N LEU H 115 -38.06 -17.47 -30.48
CA LEU H 115 -36.80 -16.84 -30.88
C LEU H 115 -35.77 -16.82 -29.73
N GLY H 116 -36.17 -17.21 -28.51
CA GLY H 116 -35.25 -17.47 -27.40
C GLY H 116 -34.65 -18.87 -27.46
N GLU H 117 -33.51 -19.01 -28.19
CA GLU H 117 -32.71 -20.25 -28.22
C GLU H 117 -32.58 -20.82 -26.82
N LYS H 118 -32.32 -19.95 -25.84
CA LYS H 118 -31.79 -20.35 -24.54
C LYS H 118 -32.54 -19.67 -23.40
N LEU H 119 -33.77 -19.18 -23.64
CA LEU H 119 -34.67 -18.76 -22.56
C LEU H 119 -35.24 -19.98 -21.82
N THR H 120 -35.68 -19.75 -20.58
CA THR H 120 -36.51 -20.69 -19.83
C THR H 120 -37.97 -20.25 -19.93
N ASP H 121 -38.89 -21.16 -19.58
CA ASP H 121 -40.32 -20.88 -19.64
C ASP H 121 -40.64 -19.78 -18.64
N GLU H 122 -39.98 -19.85 -17.47
CA GLU H 122 -40.14 -18.88 -16.40
C GLU H 122 -39.75 -17.47 -16.90
N GLU H 123 -38.60 -17.38 -17.59
CA GLU H 123 -38.09 -16.11 -18.12
C GLU H 123 -39.08 -15.49 -19.11
N VAL H 124 -39.74 -16.34 -19.93
CA VAL H 124 -40.74 -15.90 -20.91
C VAL H 124 -41.95 -15.32 -20.19
N ASP H 125 -42.43 -16.05 -19.15
CA ASP H 125 -43.49 -15.54 -18.28
C ASP H 125 -43.10 -14.14 -17.76
N GLN H 126 -41.89 -14.02 -17.16
CA GLN H 126 -41.42 -12.79 -16.51
C GLN H 126 -41.46 -11.63 -17.51
N MET H 127 -40.83 -11.84 -18.67
CA MET H 127 -40.82 -10.90 -19.79
C MET H 127 -42.21 -10.36 -20.08
N ILE H 128 -43.20 -11.27 -20.15
CA ILE H 128 -44.58 -10.93 -20.55
C ILE H 128 -45.27 -10.19 -19.41
N ARG H 129 -45.11 -10.67 -18.18
CA ARG H 129 -45.57 -9.97 -16.98
C ARG H 129 -45.06 -8.53 -16.98
N GLU H 130 -43.82 -8.32 -17.39
CA GLU H 130 -43.16 -7.02 -17.34
C GLU H 130 -43.69 -6.12 -18.46
N ALA H 131 -43.98 -6.71 -19.64
CA ALA H 131 -44.65 -6.00 -20.72
C ALA H 131 -46.07 -5.65 -20.27
N ASP H 132 -46.52 -4.43 -20.59
CA ASP H 132 -47.54 -3.74 -19.78
C ASP H 132 -48.78 -4.62 -19.54
N ILE H 133 -49.34 -5.23 -20.61
CA ILE H 133 -50.56 -6.05 -20.55
C ILE H 133 -51.67 -5.31 -19.78
N ASP H 134 -52.01 -4.08 -20.20
CA ASP H 134 -53.17 -3.39 -19.63
C ASP H 134 -54.02 -2.82 -20.78
N GLY H 135 -55.28 -2.53 -20.46
CA GLY H 135 -56.28 -2.14 -21.46
C GLY H 135 -56.86 -3.36 -22.15
N ASP H 136 -56.12 -3.90 -23.13
CA ASP H 136 -56.54 -5.06 -23.93
C ASP H 136 -55.43 -6.13 -23.92
N GLY H 137 -54.46 -5.99 -23.00
CA GLY H 137 -53.23 -6.76 -23.04
C GLY H 137 -52.45 -6.53 -24.34
N GLN H 138 -52.12 -5.25 -24.58
CA GLN H 138 -51.35 -4.80 -25.74
C GLN H 138 -50.01 -4.24 -25.24
N VAL H 139 -48.94 -4.48 -25.99
CA VAL H 139 -47.60 -3.98 -25.67
C VAL H 139 -47.08 -3.23 -26.89
N ASN H 140 -46.83 -1.95 -26.67
CA ASN H 140 -45.93 -1.14 -27.45
C ASN H 140 -44.55 -1.83 -27.46
N TYR H 141 -44.12 -2.34 -28.62
CA TYR H 141 -42.94 -3.19 -28.72
C TYR H 141 -41.67 -2.33 -28.73
N GLU H 142 -41.78 -1.10 -29.24
CA GLU H 142 -40.69 -0.11 -29.23
C GLU H 142 -40.33 0.26 -27.78
N GLU H 143 -41.31 0.21 -26.87
CA GLU H 143 -41.13 0.47 -25.44
C GLU H 143 -40.60 -0.79 -24.73
N PHE H 144 -41.09 -1.97 -25.13
CA PHE H 144 -40.63 -3.25 -24.60
C PHE H 144 -39.12 -3.43 -24.83
N VAL H 145 -38.64 -3.00 -26.01
CA VAL H 145 -37.22 -3.06 -26.38
C VAL H 145 -36.40 -2.18 -25.43
N GLN H 146 -36.72 -0.87 -25.41
CA GLN H 146 -36.07 0.10 -24.53
C GLN H 146 -36.05 -0.42 -23.09
N MET H 147 -37.11 -1.15 -22.68
CA MET H 147 -37.23 -1.78 -21.37
C MET H 147 -36.16 -2.87 -21.20
N MET H 148 -35.95 -3.67 -22.25
CA MET H 148 -35.04 -4.82 -22.19
C MET H 148 -33.57 -4.33 -22.41
N THR H 149 -33.36 -3.39 -23.36
CA THR H 149 -32.14 -2.61 -23.53
C THR H 149 -31.55 -2.14 -22.18
N ALA H 150 -32.37 -1.41 -21.41
CA ALA H 150 -31.96 -0.69 -20.20
C ALA H 150 -31.23 -1.64 -19.25
PA NAD I . 22.13 -23.81 39.30
O1A NAD I . 22.70 -22.66 38.59
O2A NAD I . 21.36 -23.60 40.57
O5B NAD I . 23.28 -24.88 39.57
C5B NAD I . 22.94 -26.01 40.44
C4B NAD I . 24.17 -26.85 40.69
O4B NAD I . 24.82 -27.12 39.42
C3B NAD I . 25.25 -26.20 41.56
O3B NAD I . 25.91 -27.16 42.40
C2B NAD I . 26.22 -25.65 40.51
O2B NAD I . 27.53 -25.51 41.01
C1B NAD I . 26.16 -26.75 39.47
N9A NAD I . 26.57 -26.31 38.14
C8A NAD I . 25.96 -25.37 37.37
N7A NAD I . 26.56 -25.17 36.23
C5A NAD I . 27.66 -26.03 36.24
C6A NAD I . 28.67 -26.28 35.32
N6A NAD I . 28.75 -25.66 34.14
N1A NAD I . 29.61 -27.21 35.64
C2A NAD I . 29.50 -27.84 36.82
N3A NAD I . 28.59 -27.68 37.78
C4A NAD I . 27.69 -26.74 37.43
O3 NAD I . 21.20 -24.59 38.27
PN NAD I . 21.53 -25.53 37.08
O1N NAD I . 23.02 -25.52 36.84
O2N NAD I . 20.60 -25.14 35.99
O5D NAD I . 21.11 -26.93 37.68
C5D NAD I . 19.73 -27.10 38.06
C4D NAD I . 18.90 -27.61 36.90
O4D NAD I . 19.52 -28.73 36.25
C3D NAD I . 17.50 -28.12 37.27
O3D NAD I . 16.53 -27.83 36.29
C2D NAD I . 17.67 -29.65 37.43
O2D NAD I . 16.70 -30.39 36.69
C1D NAD I . 19.09 -29.93 36.87
N1N NAD I . 20.07 -30.36 37.94
C2N NAD I . 19.62 -31.11 39.01
C3N NAD I . 20.51 -31.50 40.02
C7N NAD I . 19.98 -32.30 41.18
O7N NAD I . 20.72 -32.50 42.15
N7N NAD I . 18.73 -32.78 41.09
C4N NAD I . 21.85 -31.18 39.92
C5N NAD I . 22.29 -30.44 38.83
C6N NAD I . 21.40 -30.05 37.85
CA CA J . 36.26 -15.94 19.67
CA CA K . -8.93 4.04 28.49
PA NAD L . 28.30 18.85 10.07
O1A NAD L . 28.53 17.59 9.28
O2A NAD L . 27.69 18.78 11.42
O5B NAD L . 27.50 19.86 9.18
C5B NAD L . 27.11 21.09 9.82
C4B NAD L . 26.25 21.91 8.88
O4B NAD L . 26.89 21.99 7.57
C3B NAD L . 24.83 21.35 8.60
O3B NAD L . 23.84 22.40 8.55
C2B NAD L . 25.00 20.65 7.25
O2B NAD L . 23.78 20.52 6.53
C1B NAD L . 26.00 21.57 6.56
N9A NAD L . 26.75 20.89 5.52
C8A NAD L . 27.72 19.93 5.70
N7A NAD L . 28.23 19.49 4.58
C5A NAD L . 27.58 20.21 3.60
C6A NAD L . 27.68 20.19 2.20
N6A NAD L . 28.53 19.40 1.55
N1A NAD L . 26.89 21.06 1.51
C2A NAD L . 26.05 21.84 2.19
N3A NAD L . 25.86 21.92 3.50
C4A NAD L . 26.66 21.07 4.17
O3 NAD L . 29.66 19.69 10.17
PN NAD L . 30.59 20.30 9.04
O1N NAD L . 29.87 20.22 7.74
O2N NAD L . 31.91 19.65 9.23
O5D NAD L . 30.64 21.85 9.47
C5D NAD L . 31.20 22.20 10.77
C4D NAD L . 32.70 22.39 10.64
O4D NAD L . 33.03 23.32 9.58
C3D NAD L . 33.38 23.00 11.89
O3D NAD L . 34.69 22.51 12.07
C2D NAD L . 33.40 24.51 11.61
O2D NAD L . 34.65 25.16 11.82
C1D NAD L . 33.05 24.64 10.12
N1N NAD L . 31.71 25.28 9.91
C2N NAD L . 31.22 26.20 10.83
C3N NAD L . 29.96 26.77 10.63
C7N NAD L . 29.40 27.78 11.59
O7N NAD L . 28.30 28.30 11.31
N7N NAD L . 30.13 28.12 12.68
C4N NAD L . 29.25 26.49 9.47
C5N NAD L . 29.76 25.58 8.57
C6N NAD L . 30.99 25.00 8.78
C1 GOL M . 46.32 33.72 -5.46
O1 GOL M . 46.29 32.31 -5.20
C2 GOL M . 44.99 34.40 -5.20
O2 GOL M . 44.32 34.67 -6.44
C3 GOL M . 45.12 35.69 -4.42
O3 GOL M . 45.73 35.48 -3.14
CA CA N . 61.66 -8.04 27.20
CA CA O . 33.95 7.30 -11.07
C1 GOL P . 48.71 -24.27 16.76
O1 GOL P . 49.69 -23.47 16.10
C2 GOL P . 48.01 -23.48 17.86
O2 GOL P . 48.85 -23.40 19.03
C3 GOL P . 46.65 -24.04 18.22
O3 GOL P . 45.72 -23.99 17.13
PA NAD Q . -5.64 30.42 -3.40
O1A NAD Q . -6.04 29.05 -2.89
O2A NAD Q . -5.25 30.57 -4.83
O5B NAD Q . -4.46 30.99 -2.52
C5B NAD Q . -4.03 32.32 -2.80
C4B NAD Q . -3.10 32.77 -1.70
O4B NAD Q . -3.69 32.44 -0.41
C3B NAD Q . -1.71 32.11 -1.70
O3B NAD Q . -0.69 33.06 -1.39
C2B NAD Q . -1.84 31.03 -0.61
O2B NAD Q . -0.63 30.65 0.03
C1B NAD Q . -2.73 31.75 0.38
N9A NAD Q . -3.41 30.86 1.30
C8A NAD Q . -4.40 29.96 0.98
N7A NAD Q . -4.85 29.29 2.01
C5A NAD Q . -4.09 29.76 3.07
C6A NAD Q . -4.09 29.43 4.45
N6A NAD Q . -4.91 28.53 4.98
N1A NAD Q . -3.20 30.07 5.25
C2A NAD Q . -2.39 30.99 4.71
N3A NAD Q . -2.30 31.39 3.43
C4A NAD Q . -3.20 30.71 2.66
O3 NAD Q . -6.77 31.52 -3.03
PN NAD Q . -7.36 32.00 -1.63
O1N NAD Q . -6.58 31.36 -0.51
O2N NAD Q . -8.85 31.84 -1.66
O5D NAD Q . -6.96 33.52 -1.71
C5D NAD Q . -7.58 34.32 -2.75
C4D NAD Q . -8.92 34.86 -2.27
O4D NAD Q . -8.86 35.27 -0.89
C3D NAD Q . -9.45 36.08 -3.01
O3D NAD Q . -10.85 36.04 -3.24
C2D NAD Q . -9.08 37.29 -2.11
O2D NAD Q . -10.24 38.07 -1.78
C1D NAD Q . -8.54 36.67 -0.82
N1N NAD Q . -7.05 36.87 -0.59
C2N NAD Q . -6.46 38.04 -1.00
C3N NAD Q . -5.09 38.27 -0.77
C7N NAD Q . -4.49 39.54 -1.28
O7N NAD Q . -3.28 39.74 -1.13
N7N NAD Q . -5.28 40.39 -1.92
C4N NAD Q . -4.33 37.31 -0.12
C5N NAD Q . -4.94 36.14 0.31
C6N NAD Q . -6.29 35.93 0.09
C1 GOL R . -24.34 36.67 12.20
O1 GOL R . -24.39 37.96 12.82
C2 GOL R . -25.67 36.24 11.61
O2 GOL R . -25.44 35.39 10.47
C3 GOL R . -26.55 35.49 12.58
O3 GOL R . -26.54 36.06 13.88
CA CA S . -11.69 14.65 13.48
CA CA T . -36.70 13.62 -28.98
C1 GOL U . -33.27 -2.57 -16.15
O1 GOL U . -34.58 -2.95 -16.56
C2 GOL U . -32.21 -3.58 -16.57
O2 GOL U . -31.98 -4.55 -15.54
C3 GOL U . -32.52 -4.31 -17.87
O3 GOL U . -33.37 -5.44 -17.68
PA NAD V . -45.38 -24.87 -45.61
O1A NAD V . -45.11 -23.42 -45.35
O2A NAD V . -44.67 -25.57 -46.74
O5B NAD V . -46.93 -25.07 -45.82
C5B NAD V . -47.36 -26.45 -46.03
C4B NAD V . -48.86 -26.45 -46.16
O4B NAD V . -49.45 -25.83 -44.97
C3B NAD V . -49.43 -25.66 -47.36
O3B NAD V . -50.51 -26.34 -47.99
C2B NAD V . -49.93 -24.35 -46.73
O2B NAD V . -50.99 -23.76 -47.46
C1B NAD V . -50.41 -24.86 -45.36
N9A NAD V . -50.47 -23.82 -44.36
C8A NAD V . -49.43 -23.05 -43.90
N7A NAD V . -49.79 -22.19 -42.99
C5A NAD V . -51.15 -22.39 -42.83
C6A NAD V . -52.09 -21.78 -42.00
N6A NAD V . -51.79 -20.81 -41.15
N1A NAD V . -53.39 -22.21 -42.09
C2A NAD V . -53.66 -23.20 -42.95
N3A NAD V . -52.84 -23.84 -43.77
C4A NAD V . -51.58 -23.38 -43.67
O3 NAD V . -45.17 -25.77 -44.28
PN NAD V . -45.92 -25.75 -42.89
O1N NAD V . -47.14 -24.90 -43.03
O2N NAD V . -44.88 -25.48 -41.82
O5D NAD V . -46.39 -27.24 -42.77
C5D NAD V . -45.38 -28.25 -42.81
C4D NAD V . -44.86 -28.50 -41.41
O4D NAD V . -45.94 -28.55 -40.46
C3D NAD V . -44.12 -29.82 -41.22
O3D NAD V . -43.09 -29.73 -40.26
C2D NAD V . -45.21 -30.80 -40.77
O2D NAD V . -44.84 -31.56 -39.62
C1D NAD V . -46.37 -29.91 -40.31
N1N NAD V . -47.68 -30.11 -41.02
C2N NAD V . -47.87 -31.20 -41.85
C3N NAD V . -49.10 -31.39 -42.50
C7N NAD V . -49.29 -32.56 -43.42
O7N NAD V . -50.39 -32.76 -43.95
N7N NAD V . -48.27 -33.40 -43.59
C4N NAD V . -50.15 -30.52 -42.25
C5N NAD V . -49.95 -29.45 -41.40
C6N NAD V . -48.73 -29.25 -40.79
CA CA W . -2.64 -14.51 -29.24
CA CA X . -51.05 -3.71 -34.06
#